data_2YXY
# 
_entry.id   2YXY 
# 
_audit_conform.dict_name       mmcif_pdbx.dic 
_audit_conform.dict_version    5.380 
_audit_conform.dict_location   http://mmcif.pdb.org/dictionaries/ascii/mmcif_pdbx.dic 
# 
loop_
_database_2.database_id 
_database_2.database_code 
_database_2.pdbx_database_accession 
_database_2.pdbx_DOI 
PDB   2YXY         pdb_00002yxy 10.2210/pdb2yxy/pdb 
RCSB  RCSB027274   ?            ?                   
WWPDB D_1000027274 ?            ?                   
# 
_pdbx_database_related.db_name        TargetDB 
_pdbx_database_related.db_id          gka001000453.1 
_pdbx_database_related.details        . 
_pdbx_database_related.content_type   unspecified 
# 
_pdbx_database_status.status_code                     REL 
_pdbx_database_status.entry_id                        2YXY 
_pdbx_database_status.recvd_initial_deposition_date   2007-04-27 
_pdbx_database_status.deposit_site                    PDBJ 
_pdbx_database_status.process_site                    PDBJ 
_pdbx_database_status.status_code_sf                  ? 
_pdbx_database_status.status_code_mr                  ? 
_pdbx_database_status.SG_entry                        Y 
_pdbx_database_status.status_code_cs                  ? 
_pdbx_database_status.pdb_format_compatible           Y 
_pdbx_database_status.status_code_nmr_data            ? 
_pdbx_database_status.methods_development_category    ? 
# 
loop_
_audit_author.name 
_audit_author.pdbx_ordinal 
'Nakamu, Y.'                                             1 
'Bessho, Y.'                                             2 
'Padmanabhan, B.'                                        3 
'Yokoyama, S.'                                           4 
'RIKEN Structural Genomics/Proteomics Initiative (RSGI)' 5 
# 
_citation.id                        primary 
_citation.title                     
'Structure of the hypothetical DUF1811-family protein GK0453 from Geobacillus kaustophilus HTA426' 
_citation.journal_abbrev            'Acta Crystallogr.,Sect.F' 
_citation.journal_volume            69 
_citation.page_first                342 
_citation.page_last                 345 
_citation.year                      2013 
_citation.journal_id_ASTM           ? 
_citation.country                   DK 
_citation.journal_id_ISSN           1744-3091 
_citation.journal_id_CSD            ? 
_citation.book_publisher            ? 
_citation.pdbx_database_id_PubMed   23545635 
_citation.pdbx_database_id_DOI      10.1107/S1744309113003369 
# 
loop_
_citation_author.citation_id 
_citation_author.name 
_citation_author.ordinal 
_citation_author.identifier_ORCID 
primary 'Padmanabhan, B.' 1 ? 
primary 'Nakamura, Y.'    2 ? 
primary 'Antonyuk, S.V.'  3 ? 
primary 'Strange, R.W.'   4 ? 
primary 'Hasnain, S.S.'   5 ? 
primary 'Yokoyama, S.'    6 ? 
primary 'Bessho, Y.'      7 ? 
# 
_cell.entry_id           2YXY 
_cell.length_a           75.689 
_cell.length_b           75.689 
_cell.length_c           64.180 
_cell.angle_alpha        90.00 
_cell.angle_beta         90.00 
_cell.angle_gamma        90.00 
_cell.Z_PDB              8 
_cell.pdbx_unique_axis   ? 
_cell.length_a_esd       ? 
_cell.length_b_esd       ? 
_cell.length_c_esd       ? 
_cell.angle_alpha_esd    ? 
_cell.angle_beta_esd     ? 
_cell.angle_gamma_esd    ? 
# 
_symmetry.entry_id                         2YXY 
_symmetry.space_group_name_H-M             'P 43 21 2' 
_symmetry.pdbx_full_space_group_name_H-M   ? 
_symmetry.cell_setting                     ? 
_symmetry.Int_Tables_number                96 
_symmetry.space_group_name_Hall            ? 
# 
loop_
_entity.id 
_entity.type 
_entity.src_method 
_entity.pdbx_description 
_entity.formula_weight 
_entity.pdbx_number_of_molecules 
_entity.pdbx_ec 
_entity.pdbx_mutation 
_entity.pdbx_fragment 
_entity.details 
1 polymer man 'Hypothetical conserved protein, GK0453' 13303.336 1   ? ? ? ? 
2 water   nat water                                    18.015    170 ? ? ? ? 
# 
_entity_poly.entity_id                      1 
_entity_poly.type                           'polypeptide(L)' 
_entity_poly.nstd_linkage                   no 
_entity_poly.nstd_monomer                   no 
_entity_poly.pdbx_seq_one_letter_code       
;GHMIKGEQKRYSEMTKEELQQEIAMLTEKARKAEQMGMVNEYAVYERKIAMAKAYMLNPADFHPGEIYEIEGAPGEYFKV
RYLKGVFAWGWRLKGNGEEEALPISLLRKPNLPQS
;
_entity_poly.pdbx_seq_one_letter_code_can   
;GHMIKGEQKRYSEMTKEELQQEIAMLTEKARKAEQMGMVNEYAVYERKIAMAKAYMLNPADFHPGEIYEIEGAPGEYFKV
RYLKGVFAWGWRLKGNGEEEALPISLLRKPNLPQS
;
_entity_poly.pdbx_strand_id                 A 
_entity_poly.pdbx_target_identifier         gka001000453.1 
# 
loop_
_entity_poly_seq.entity_id 
_entity_poly_seq.num 
_entity_poly_seq.mon_id 
_entity_poly_seq.hetero 
1 1   GLY n 
1 2   HIS n 
1 3   MET n 
1 4   ILE n 
1 5   LYS n 
1 6   GLY n 
1 7   GLU n 
1 8   GLN n 
1 9   LYS n 
1 10  ARG n 
1 11  TYR n 
1 12  SER n 
1 13  GLU n 
1 14  MET n 
1 15  THR n 
1 16  LYS n 
1 17  GLU n 
1 18  GLU n 
1 19  LEU n 
1 20  GLN n 
1 21  GLN n 
1 22  GLU n 
1 23  ILE n 
1 24  ALA n 
1 25  MET n 
1 26  LEU n 
1 27  THR n 
1 28  GLU n 
1 29  LYS n 
1 30  ALA n 
1 31  ARG n 
1 32  LYS n 
1 33  ALA n 
1 34  GLU n 
1 35  GLN n 
1 36  MET n 
1 37  GLY n 
1 38  MET n 
1 39  VAL n 
1 40  ASN n 
1 41  GLU n 
1 42  TYR n 
1 43  ALA n 
1 44  VAL n 
1 45  TYR n 
1 46  GLU n 
1 47  ARG n 
1 48  LYS n 
1 49  ILE n 
1 50  ALA n 
1 51  MET n 
1 52  ALA n 
1 53  LYS n 
1 54  ALA n 
1 55  TYR n 
1 56  MET n 
1 57  LEU n 
1 58  ASN n 
1 59  PRO n 
1 60  ALA n 
1 61  ASP n 
1 62  PHE n 
1 63  HIS n 
1 64  PRO n 
1 65  GLY n 
1 66  GLU n 
1 67  ILE n 
1 68  TYR n 
1 69  GLU n 
1 70  ILE n 
1 71  GLU n 
1 72  GLY n 
1 73  ALA n 
1 74  PRO n 
1 75  GLY n 
1 76  GLU n 
1 77  TYR n 
1 78  PHE n 
1 79  LYS n 
1 80  VAL n 
1 81  ARG n 
1 82  TYR n 
1 83  LEU n 
1 84  LYS n 
1 85  GLY n 
1 86  VAL n 
1 87  PHE n 
1 88  ALA n 
1 89  TRP n 
1 90  GLY n 
1 91  TRP n 
1 92  ARG n 
1 93  LEU n 
1 94  LYS n 
1 95  GLY n 
1 96  ASN n 
1 97  GLY n 
1 98  GLU n 
1 99  GLU n 
1 100 GLU n 
1 101 ALA n 
1 102 LEU n 
1 103 PRO n 
1 104 ILE n 
1 105 SER n 
1 106 LEU n 
1 107 LEU n 
1 108 ARG n 
1 109 LYS n 
1 110 PRO n 
1 111 ASN n 
1 112 LEU n 
1 113 PRO n 
1 114 GLN n 
1 115 SER n 
# 
_entity_src_gen.entity_id                          1 
_entity_src_gen.pdbx_src_id                        1 
_entity_src_gen.pdbx_alt_source_flag               sample 
_entity_src_gen.pdbx_seq_type                      ? 
_entity_src_gen.pdbx_beg_seq_num                   ? 
_entity_src_gen.pdbx_end_seq_num                   ? 
_entity_src_gen.gene_src_common_name               ? 
_entity_src_gen.gene_src_genus                     Geobacillus 
_entity_src_gen.pdbx_gene_src_gene                 ? 
_entity_src_gen.gene_src_species                   'Geobacillus kaustophilus' 
_entity_src_gen.gene_src_strain                    HTA426 
_entity_src_gen.gene_src_tissue                    ? 
_entity_src_gen.gene_src_tissue_fraction           ? 
_entity_src_gen.gene_src_details                   ? 
_entity_src_gen.pdbx_gene_src_fragment             ? 
_entity_src_gen.pdbx_gene_src_scientific_name      'Geobacillus kaustophilus' 
_entity_src_gen.pdbx_gene_src_ncbi_taxonomy_id     235909 
_entity_src_gen.pdbx_gene_src_variant              ? 
_entity_src_gen.pdbx_gene_src_cell_line            ? 
_entity_src_gen.pdbx_gene_src_atcc                 ? 
_entity_src_gen.pdbx_gene_src_organ                ? 
_entity_src_gen.pdbx_gene_src_organelle            ? 
_entity_src_gen.pdbx_gene_src_cell                 ? 
_entity_src_gen.pdbx_gene_src_cellular_location    ? 
_entity_src_gen.host_org_common_name               ? 
_entity_src_gen.pdbx_host_org_scientific_name      'Escherichia coli' 
_entity_src_gen.pdbx_host_org_ncbi_taxonomy_id     562 
_entity_src_gen.host_org_genus                     Escherichia 
_entity_src_gen.pdbx_host_org_gene                 ? 
_entity_src_gen.pdbx_host_org_organ                ? 
_entity_src_gen.host_org_species                   ? 
_entity_src_gen.pdbx_host_org_tissue               ? 
_entity_src_gen.pdbx_host_org_tissue_fraction      ? 
_entity_src_gen.pdbx_host_org_strain               'Rosetta(DE3)' 
_entity_src_gen.pdbx_host_org_variant              ? 
_entity_src_gen.pdbx_host_org_cell_line            ? 
_entity_src_gen.pdbx_host_org_atcc                 ? 
_entity_src_gen.pdbx_host_org_culture_collection   ? 
_entity_src_gen.pdbx_host_org_cell                 ? 
_entity_src_gen.pdbx_host_org_organelle            ? 
_entity_src_gen.pdbx_host_org_cellular_location    ? 
_entity_src_gen.pdbx_host_org_vector_type          plasmid 
_entity_src_gen.pdbx_host_org_vector               ? 
_entity_src_gen.host_org_details                   ? 
_entity_src_gen.expression_system_id               ? 
_entity_src_gen.plasmid_name                       pET-HisTEV 
_entity_src_gen.plasmid_details                    ? 
_entity_src_gen.pdbx_description                   ? 
# 
_struct_ref.id                         1 
_struct_ref.db_name                    UNP 
_struct_ref.db_code                    Q5L2U2_GEOKA 
_struct_ref.pdbx_db_accession          Q5L2U2 
_struct_ref.entity_id                  1 
_struct_ref.pdbx_seq_one_letter_code   
;MIKGEQKRYSEMTKEELQQEIAMLTEKARKAEQMGMVNEYAVYERKIAMAKAYMLNPADFHPGEIYEIEGAPGEYFKVRY
LKGVFAWGWRLKGNGEEEALPISLLRKPNLPQS
;
_struct_ref.pdbx_align_begin           1 
_struct_ref.pdbx_db_isoform            ? 
# 
_struct_ref_seq.align_id                      1 
_struct_ref_seq.ref_id                        1 
_struct_ref_seq.pdbx_PDB_id_code              2YXY 
_struct_ref_seq.pdbx_strand_id                A 
_struct_ref_seq.seq_align_beg                 3 
_struct_ref_seq.pdbx_seq_align_beg_ins_code   ? 
_struct_ref_seq.seq_align_end                 115 
_struct_ref_seq.pdbx_seq_align_end_ins_code   ? 
_struct_ref_seq.pdbx_db_accession             Q5L2U2 
_struct_ref_seq.db_align_beg                  1 
_struct_ref_seq.pdbx_db_align_beg_ins_code    ? 
_struct_ref_seq.db_align_end                  113 
_struct_ref_seq.pdbx_db_align_end_ins_code    ? 
_struct_ref_seq.pdbx_auth_seq_align_beg       1 
_struct_ref_seq.pdbx_auth_seq_align_end       113 
# 
loop_
_struct_ref_seq_dif.align_id 
_struct_ref_seq_dif.pdbx_pdb_id_code 
_struct_ref_seq_dif.mon_id 
_struct_ref_seq_dif.pdbx_pdb_strand_id 
_struct_ref_seq_dif.seq_num 
_struct_ref_seq_dif.pdbx_pdb_ins_code 
_struct_ref_seq_dif.pdbx_seq_db_name 
_struct_ref_seq_dif.pdbx_seq_db_accession_code 
_struct_ref_seq_dif.db_mon_id 
_struct_ref_seq_dif.pdbx_seq_db_seq_num 
_struct_ref_seq_dif.details 
_struct_ref_seq_dif.pdbx_auth_seq_num 
_struct_ref_seq_dif.pdbx_ordinal 
1 2YXY GLY A 1 ? UNP Q5L2U2 ? ? 'expression tag' -1 1 
1 2YXY HIS A 2 ? UNP Q5L2U2 ? ? 'expression tag' 0  2 
# 
loop_
_chem_comp.id 
_chem_comp.type 
_chem_comp.mon_nstd_flag 
_chem_comp.name 
_chem_comp.pdbx_synonyms 
_chem_comp.formula 
_chem_comp.formula_weight 
ALA 'L-peptide linking' y ALANINE         ? 'C3 H7 N O2'     89.093  
ARG 'L-peptide linking' y ARGININE        ? 'C6 H15 N4 O2 1' 175.209 
ASN 'L-peptide linking' y ASPARAGINE      ? 'C4 H8 N2 O3'    132.118 
ASP 'L-peptide linking' y 'ASPARTIC ACID' ? 'C4 H7 N O4'     133.103 
GLN 'L-peptide linking' y GLUTAMINE       ? 'C5 H10 N2 O3'   146.144 
GLU 'L-peptide linking' y 'GLUTAMIC ACID' ? 'C5 H9 N O4'     147.129 
GLY 'peptide linking'   y GLYCINE         ? 'C2 H5 N O2'     75.067  
HIS 'L-peptide linking' y HISTIDINE       ? 'C6 H10 N3 O2 1' 156.162 
HOH non-polymer         . WATER           ? 'H2 O'           18.015  
ILE 'L-peptide linking' y ISOLEUCINE      ? 'C6 H13 N O2'    131.173 
LEU 'L-peptide linking' y LEUCINE         ? 'C6 H13 N O2'    131.173 
LYS 'L-peptide linking' y LYSINE          ? 'C6 H15 N2 O2 1' 147.195 
MET 'L-peptide linking' y METHIONINE      ? 'C5 H11 N O2 S'  149.211 
PHE 'L-peptide linking' y PHENYLALANINE   ? 'C9 H11 N O2'    165.189 
PRO 'L-peptide linking' y PROLINE         ? 'C5 H9 N O2'     115.130 
SER 'L-peptide linking' y SERINE          ? 'C3 H7 N O3'     105.093 
THR 'L-peptide linking' y THREONINE       ? 'C4 H9 N O3'     119.119 
TRP 'L-peptide linking' y TRYPTOPHAN      ? 'C11 H12 N2 O2'  204.225 
TYR 'L-peptide linking' y TYROSINE        ? 'C9 H11 N O3'    181.189 
VAL 'L-peptide linking' y VALINE          ? 'C5 H11 N O2'    117.146 
# 
_exptl.entry_id          2YXY 
_exptl.method            'X-RAY DIFFRACTION' 
_exptl.crystals_number   1 
# 
_exptl_crystal.id                    1 
_exptl_crystal.density_meas          ? 
_exptl_crystal.density_Matthews      3.45 
_exptl_crystal.density_percent_sol   64.40 
_exptl_crystal.description           ? 
_exptl_crystal.F_000                 ? 
_exptl_crystal.preparation           ? 
# 
_exptl_crystal_grow.crystal_id      1 
_exptl_crystal_grow.method          oil-batch 
_exptl_crystal_grow.temp            293 
_exptl_crystal_grow.temp_details    ? 
_exptl_crystal_grow.pH              8.13 
_exptl_crystal_grow.pdbx_details    '0.1M Tris-HCl, 13.3%(w/v) PEG MME2000, 0.01M NiCl, pH 8.13, oil-batch, temperature 293K' 
_exptl_crystal_grow.pdbx_pH_range   . 
# 
_diffrn.id                     1 
_diffrn.ambient_temp           120 
_diffrn.ambient_temp_details   ? 
_diffrn.crystal_id             1 
# 
_diffrn_detector.diffrn_id              1 
_diffrn_detector.detector               CCD 
_diffrn_detector.type                   'MARMOSAIC 225 mm CCD' 
_diffrn_detector.pdbx_collection_date   ? 
_diffrn_detector.details                ? 
# 
_diffrn_radiation.diffrn_id                        1 
_diffrn_radiation.wavelength_id                    1 
_diffrn_radiation.pdbx_monochromatic_or_laue_m_l   M 
_diffrn_radiation.monochromator                    'double crystal monochromator with sagittal focussing' 
_diffrn_radiation.pdbx_diffrn_protocol             'SINGLE WAVELENGTH' 
_diffrn_radiation.pdbx_scattering_type             x-ray 
# 
_diffrn_radiation_wavelength.id           1 
_diffrn_radiation_wavelength.wavelength   1.117 
_diffrn_radiation_wavelength.wt           1.0 
# 
_diffrn_source.diffrn_id                   1 
_diffrn_source.source                      SYNCHROTRON 
_diffrn_source.type                        'SRS BEAMLINE PX10.1' 
_diffrn_source.pdbx_synchrotron_site       SRS 
_diffrn_source.pdbx_synchrotron_beamline   PX10.1 
_diffrn_source.pdbx_wavelength             ? 
_diffrn_source.pdbx_wavelength_list        1.117 
# 
_reflns.entry_id                     2YXY 
_reflns.observed_criterion_sigma_I   ? 
_reflns.observed_criterion_sigma_F   -3 
_reflns.d_resolution_low             50.0 
_reflns.d_resolution_high            2.2 
_reflns.number_obs                   9952 
_reflns.number_all                   9975 
_reflns.percent_possible_obs         99.8 
_reflns.pdbx_Rmerge_I_obs            0.078 
_reflns.pdbx_Rsym_value              ? 
_reflns.pdbx_netI_over_sigmaI        ? 
_reflns.B_iso_Wilson_estimate        26.3 
_reflns.pdbx_redundancy              10.3 
_reflns.R_free_details               ? 
_reflns.limit_h_max                  ? 
_reflns.limit_h_min                  ? 
_reflns.limit_k_max                  ? 
_reflns.limit_k_min                  ? 
_reflns.limit_l_max                  ? 
_reflns.limit_l_min                  ? 
_reflns.observed_criterion_F_max     ? 
_reflns.observed_criterion_F_min     ? 
_reflns.pdbx_chi_squared             ? 
_reflns.pdbx_scaling_rejects         ? 
_reflns.pdbx_ordinal                 1 
_reflns.pdbx_diffrn_id               1 
# 
_reflns_shell.d_res_high             2.2 
_reflns_shell.d_res_low              2.28 
_reflns_shell.percent_possible_all   99.6 
_reflns_shell.Rmerge_I_obs           0.279 
_reflns_shell.pdbx_Rsym_value        ? 
_reflns_shell.meanI_over_sigI_obs    ? 
_reflns_shell.pdbx_redundancy        10.6 
_reflns_shell.percent_possible_obs   ? 
_reflns_shell.number_unique_all      957 
_reflns_shell.number_measured_all    ? 
_reflns_shell.number_measured_obs    ? 
_reflns_shell.number_unique_obs      ? 
_reflns_shell.pdbx_chi_squared       ? 
_reflns_shell.pdbx_ordinal           1 
_reflns_shell.pdbx_diffrn_id         1 
# 
_refine.entry_id                                 2YXY 
_refine.ls_number_reflns_obs                     9710 
_refine.ls_number_reflns_all                     ? 
_refine.pdbx_ls_sigma_I                          ? 
_refine.pdbx_ls_sigma_F                          0.0 
_refine.pdbx_data_cutoff_high_absF               190439.40 
_refine.pdbx_data_cutoff_low_absF                0.000000 
_refine.pdbx_data_cutoff_high_rms_absF           ? 
_refine.ls_d_res_low                             19.95 
_refine.ls_d_res_high                            2.20 
_refine.ls_percent_reflns_obs                    97.9 
_refine.ls_R_factor_obs                          0.226 
_refine.ls_R_factor_all                          ? 
_refine.ls_R_factor_R_work                       0.226 
_refine.ls_R_factor_R_free                       0.263 
_refine.ls_R_factor_R_free_error                 0.008 
_refine.ls_R_factor_R_free_error_details         ? 
_refine.ls_percent_reflns_R_free                 10.5 
_refine.ls_number_reflns_R_free                  1015 
_refine.ls_number_parameters                     ? 
_refine.ls_number_restraints                     ? 
_refine.occupancy_min                            ? 
_refine.occupancy_max                            ? 
_refine.correlation_coeff_Fo_to_Fc               ? 
_refine.correlation_coeff_Fo_to_Fc_free          ? 
_refine.B_iso_mean                               43.1 
_refine.aniso_B[1][1]                            -1.45 
_refine.aniso_B[2][2]                            -1.45 
_refine.aniso_B[3][3]                            2.90 
_refine.aniso_B[1][2]                            0.00 
_refine.aniso_B[1][3]                            0.00 
_refine.aniso_B[2][3]                            0.00 
_refine.solvent_model_details                    'FLAT MODEL' 
_refine.solvent_model_param_ksol                 0.524993 
_refine.solvent_model_param_bsol                 132.957 
_refine.pdbx_solvent_vdw_probe_radii             ? 
_refine.pdbx_solvent_ion_probe_radii             ? 
_refine.pdbx_solvent_shrinkage_radii             ? 
_refine.pdbx_ls_cross_valid_method               THROUGHOUT 
_refine.details                                  ? 
_refine.pdbx_starting_model                      1SF9 
_refine.pdbx_method_to_determine_struct          'MOLECULAR REPLACEMENT' 
_refine.pdbx_isotropic_thermal_model             RESTRAINED 
_refine.pdbx_stereochemistry_target_values       ? 
_refine.pdbx_stereochem_target_val_spec_case     ? 
_refine.pdbx_R_Free_selection_details            RANDOM 
_refine.pdbx_overall_ESU_R                       ? 
_refine.pdbx_overall_ESU_R_Free                  ? 
_refine.overall_SU_ML                            ? 
_refine.overall_SU_B                             ? 
_refine.ls_redundancy_reflns_obs                 ? 
_refine.B_iso_min                                ? 
_refine.B_iso_max                                ? 
_refine.overall_SU_R_Cruickshank_DPI             ? 
_refine.overall_SU_R_free                        ? 
_refine.ls_wR_factor_R_free                      ? 
_refine.ls_wR_factor_R_work                      ? 
_refine.overall_FOM_free_R_set                   ? 
_refine.overall_FOM_work_R_set                   ? 
_refine.pdbx_refine_id                           'X-RAY DIFFRACTION' 
_refine.pdbx_diffrn_id                           1 
_refine.pdbx_TLS_residual_ADP_flag               ? 
_refine.pdbx_overall_phase_error                 ? 
_refine.pdbx_overall_SU_R_free_Cruickshank_DPI   ? 
_refine.pdbx_overall_SU_R_Blow_DPI               ? 
_refine.pdbx_overall_SU_R_free_Blow_DPI          ? 
# 
_refine_analyze.entry_id                        2YXY 
_refine_analyze.Luzzati_coordinate_error_obs    0.25 
_refine_analyze.Luzzati_sigma_a_obs             0.09 
_refine_analyze.Luzzati_d_res_low_obs           5.00 
_refine_analyze.Luzzati_coordinate_error_free   0.31 
_refine_analyze.Luzzati_sigma_a_free            0.19 
_refine_analyze.Luzzati_d_res_low_free          ? 
_refine_analyze.number_disordered_residues      ? 
_refine_analyze.occupancy_sum_hydrogen          ? 
_refine_analyze.occupancy_sum_non_hydrogen      ? 
_refine_analyze.pdbx_Luzzati_d_res_high_obs     ? 
_refine_analyze.pdbx_refine_id                  'X-RAY DIFFRACTION' 
# 
_refine_hist.pdbx_refine_id                   'X-RAY DIFFRACTION' 
_refine_hist.cycle_id                         LAST 
_refine_hist.pdbx_number_atoms_protein        851 
_refine_hist.pdbx_number_atoms_nucleic_acid   0 
_refine_hist.pdbx_number_atoms_ligand         0 
_refine_hist.number_atoms_solvent             170 
_refine_hist.number_atoms_total               1021 
_refine_hist.d_res_high                       2.20 
_refine_hist.d_res_low                        19.95 
# 
loop_
_refine_ls_restr.type 
_refine_ls_restr.dev_ideal 
_refine_ls_restr.dev_ideal_target 
_refine_ls_restr.weight 
_refine_ls_restr.number 
_refine_ls_restr.pdbx_refine_id 
_refine_ls_restr.pdbx_restraint_function 
c_bond_d                0.011 ? ? ? 'X-RAY DIFFRACTION' ? 
c_bond_d_na             ?     ? ? ? 'X-RAY DIFFRACTION' ? 
c_bond_d_prot           ?     ? ? ? 'X-RAY DIFFRACTION' ? 
c_angle_d               ?     ? ? ? 'X-RAY DIFFRACTION' ? 
c_angle_d_na            ?     ? ? ? 'X-RAY DIFFRACTION' ? 
c_angle_d_prot          ?     ? ? ? 'X-RAY DIFFRACTION' ? 
c_angle_deg             1.4   ? ? ? 'X-RAY DIFFRACTION' ? 
c_angle_deg_na          ?     ? ? ? 'X-RAY DIFFRACTION' ? 
c_angle_deg_prot        ?     ? ? ? 'X-RAY DIFFRACTION' ? 
c_dihedral_angle_d      22.8  ? ? ? 'X-RAY DIFFRACTION' ? 
c_dihedral_angle_d_na   ?     ? ? ? 'X-RAY DIFFRACTION' ? 
c_dihedral_angle_d_prot ?     ? ? ? 'X-RAY DIFFRACTION' ? 
c_improper_angle_d      0.94  ? ? ? 'X-RAY DIFFRACTION' ? 
c_improper_angle_d_na   ?     ? ? ? 'X-RAY DIFFRACTION' ? 
c_improper_angle_d_prot ?     ? ? ? 'X-RAY DIFFRACTION' ? 
c_mcbond_it             ?     ? ? ? 'X-RAY DIFFRACTION' ? 
c_mcangle_it            ?     ? ? ? 'X-RAY DIFFRACTION' ? 
c_scbond_it             ?     ? ? ? 'X-RAY DIFFRACTION' ? 
c_scangle_it            ?     ? ? ? 'X-RAY DIFFRACTION' ? 
# 
_refine_ls_shell.pdbx_total_number_of_bins_used   6 
_refine_ls_shell.d_res_high                       2.20 
_refine_ls_shell.d_res_low                        2.34 
_refine_ls_shell.number_reflns_R_work             1353 
_refine_ls_shell.R_factor_R_work                  0.225 
_refine_ls_shell.percent_reflns_obs               94.0 
_refine_ls_shell.R_factor_R_free                  0.299 
_refine_ls_shell.R_factor_R_free_error            0.024 
_refine_ls_shell.percent_reflns_R_free            10.2 
_refine_ls_shell.number_reflns_R_free             153 
_refine_ls_shell.number_reflns_all                ? 
_refine_ls_shell.R_factor_all                     ? 
_refine_ls_shell.number_reflns_obs                ? 
_refine_ls_shell.redundancy_reflns_obs            ? 
_refine_ls_shell.pdbx_refine_id                   'X-RAY DIFFRACTION' 
# 
loop_
_pdbx_xplor_file.serial_no 
_pdbx_xplor_file.param_file 
_pdbx_xplor_file.topol_file 
_pdbx_xplor_file.pdbx_refine_id 
1 protein_rep.param protein.top 'X-RAY DIFFRACTION' 
2 water.param       water.top   'X-RAY DIFFRACTION' 
# 
_struct.entry_id                  2YXY 
_struct.title                     'Crystarl structure of Hypothetical conserved protein, GK0453' 
_struct.pdbx_model_details        ? 
_struct.pdbx_CASP_flag            ? 
_struct.pdbx_model_type_details   ? 
# 
_struct_keywords.entry_id        2YXY 
_struct_keywords.pdbx_keywords   'STRUCTURAL GENOMICS, UNKNOWN FUNCTION' 
_struct_keywords.text            
;GK0453, alpha and beta proteins (a+b) class, STRUCTURAL GENOMICS, UNKNOWN FUNCTION, NPPSFA, National Project on Protein Structural and Functional Analyses, RIKEN Structural Genomics/Proteomics Initiative, RSGI
;
# 
loop_
_struct_asym.id 
_struct_asym.pdbx_blank_PDB_chainid_flag 
_struct_asym.pdbx_modified 
_struct_asym.entity_id 
_struct_asym.details 
A N N 1 ? 
B N N 2 ? 
# 
_struct_biol.id   1 
# 
loop_
_struct_conf.conf_type_id 
_struct_conf.id 
_struct_conf.pdbx_PDB_helix_id 
_struct_conf.beg_label_comp_id 
_struct_conf.beg_label_asym_id 
_struct_conf.beg_label_seq_id 
_struct_conf.pdbx_beg_PDB_ins_code 
_struct_conf.end_label_comp_id 
_struct_conf.end_label_asym_id 
_struct_conf.end_label_seq_id 
_struct_conf.pdbx_end_PDB_ins_code 
_struct_conf.beg_auth_comp_id 
_struct_conf.beg_auth_asym_id 
_struct_conf.beg_auth_seq_id 
_struct_conf.end_auth_comp_id 
_struct_conf.end_auth_asym_id 
_struct_conf.end_auth_seq_id 
_struct_conf.pdbx_PDB_helix_class 
_struct_conf.details 
_struct_conf.pdbx_PDB_helix_length 
HELX_P HELX_P1 1 ARG A 10  ? MET A 14  ? ARG A 8   MET A 12  5 ? 5  
HELX_P HELX_P2 2 THR A 15  ? GLY A 37  ? THR A 13  GLY A 35  1 ? 23 
HELX_P HELX_P3 3 MET A 38  ? TYR A 55  ? MET A 36  TYR A 53  1 ? 18 
HELX_P HELX_P4 4 MET A 56  ? LEU A 57  ? MET A 54  LEU A 55  5 ? 2  
HELX_P HELX_P5 5 ASN A 58  ? PHE A 62  ? ASN A 56  PHE A 60  5 ? 5  
HELX_P HELX_P6 6 SER A 105 ? LEU A 107 ? SER A 103 LEU A 105 5 ? 3  
# 
_struct_conf_type.id          HELX_P 
_struct_conf_type.criteria    ? 
_struct_conf_type.reference   ? 
# 
_struct_sheet.id               A 
_struct_sheet.type             ? 
_struct_sheet.number_strands   4 
_struct_sheet.details          ? 
# 
loop_
_struct_sheet_order.sheet_id 
_struct_sheet_order.range_id_1 
_struct_sheet_order.range_id_2 
_struct_sheet_order.offset 
_struct_sheet_order.sense 
A 1 2 ? anti-parallel 
A 2 3 ? anti-parallel 
A 3 4 ? anti-parallel 
# 
loop_
_struct_sheet_range.sheet_id 
_struct_sheet_range.id 
_struct_sheet_range.beg_label_comp_id 
_struct_sheet_range.beg_label_asym_id 
_struct_sheet_range.beg_label_seq_id 
_struct_sheet_range.pdbx_beg_PDB_ins_code 
_struct_sheet_range.end_label_comp_id 
_struct_sheet_range.end_label_asym_id 
_struct_sheet_range.end_label_seq_id 
_struct_sheet_range.pdbx_end_PDB_ins_code 
_struct_sheet_range.beg_auth_comp_id 
_struct_sheet_range.beg_auth_asym_id 
_struct_sheet_range.beg_auth_seq_id 
_struct_sheet_range.end_auth_comp_id 
_struct_sheet_range.end_auth_asym_id 
_struct_sheet_range.end_auth_seq_id 
A 1 ILE A 67  ? ILE A 70  ? ILE A 65 ILE A 68  
A 2 ALA A 73  ? LYS A 84  ? ALA A 71 LYS A 82  
A 3 PHE A 87  ? ARG A 92  ? PHE A 85 ARG A 90  
A 4 GLU A 100 ? PRO A 103 ? GLU A 98 PRO A 101 
# 
loop_
_pdbx_struct_sheet_hbond.sheet_id 
_pdbx_struct_sheet_hbond.range_id_1 
_pdbx_struct_sheet_hbond.range_id_2 
_pdbx_struct_sheet_hbond.range_1_label_atom_id 
_pdbx_struct_sheet_hbond.range_1_label_comp_id 
_pdbx_struct_sheet_hbond.range_1_label_asym_id 
_pdbx_struct_sheet_hbond.range_1_label_seq_id 
_pdbx_struct_sheet_hbond.range_1_PDB_ins_code 
_pdbx_struct_sheet_hbond.range_1_auth_atom_id 
_pdbx_struct_sheet_hbond.range_1_auth_comp_id 
_pdbx_struct_sheet_hbond.range_1_auth_asym_id 
_pdbx_struct_sheet_hbond.range_1_auth_seq_id 
_pdbx_struct_sheet_hbond.range_2_label_atom_id 
_pdbx_struct_sheet_hbond.range_2_label_comp_id 
_pdbx_struct_sheet_hbond.range_2_label_asym_id 
_pdbx_struct_sheet_hbond.range_2_label_seq_id 
_pdbx_struct_sheet_hbond.range_2_PDB_ins_code 
_pdbx_struct_sheet_hbond.range_2_auth_atom_id 
_pdbx_struct_sheet_hbond.range_2_auth_comp_id 
_pdbx_struct_sheet_hbond.range_2_auth_asym_id 
_pdbx_struct_sheet_hbond.range_2_auth_seq_id 
A 1 2 N TYR A 68 ? N TYR A 66 O PHE A 78  ? O PHE A 76  
A 2 3 N TYR A 82 ? N TYR A 80 O TRP A 89  ? O TRP A 87  
A 3 4 N ALA A 88 ? N ALA A 86 O LEU A 102 ? O LEU A 100 
# 
_atom_sites.entry_id                    2YXY 
_atom_sites.fract_transf_matrix[1][1]   -0.01184908 
_atom_sites.fract_transf_matrix[1][2]   0.00333399 
_atom_sites.fract_transf_matrix[1][3]   -0.00480008 
_atom_sites.fract_transf_matrix[2][1]   0.00524190 
_atom_sites.fract_transf_matrix[2][2]   0.01086107 
_atom_sites.fract_transf_matrix[2][3]   -0.00539597 
_atom_sites.fract_transf_matrix[3][1]   0.00304769 
_atom_sites.fract_transf_matrix[3][2]   -0.00795298 
_atom_sites.fract_transf_matrix[3][3]   -0.01304719 
_atom_sites.fract_transf_vector[1]      0.231921 
_atom_sites.fract_transf_vector[2]      0.517463 
_atom_sites.fract_transf_vector[3]      0.172557 
# 
loop_
_atom_type.symbol 
C 
N 
O 
S 
# 
loop_
_atom_site.group_PDB 
_atom_site.id 
_atom_site.type_symbol 
_atom_site.label_atom_id 
_atom_site.label_alt_id 
_atom_site.label_comp_id 
_atom_site.label_asym_id 
_atom_site.label_entity_id 
_atom_site.label_seq_id 
_atom_site.pdbx_PDB_ins_code 
_atom_site.Cartn_x 
_atom_site.Cartn_y 
_atom_site.Cartn_z 
_atom_site.occupancy 
_atom_site.B_iso_or_equiv 
_atom_site.pdbx_formal_charge 
_atom_site.auth_seq_id 
_atom_site.auth_comp_id 
_atom_site.auth_asym_id 
_atom_site.auth_atom_id 
_atom_site.pdbx_PDB_model_num 
ATOM   1    N N   . GLU A 1 7   ? 20.703  7.063   -11.338 1.00 74.19  ? 5   GLU A N   1 
ATOM   2    C CA  . GLU A 1 7   ? 20.652  6.444   -9.986  1.00 73.26  ? 5   GLU A CA  1 
ATOM   3    C C   . GLU A 1 7   ? 19.259  6.624   -9.372  1.00 68.49  ? 5   GLU A C   1 
ATOM   4    O O   . GLU A 1 7   ? 18.636  7.669   -9.521  1.00 70.31  ? 5   GLU A O   1 
ATOM   5    C CB  . GLU A 1 7   ? 21.765  7.043   -9.112  1.00 77.49  ? 5   GLU A CB  1 
ATOM   6    C CG  . GLU A 1 7   ? 23.166  6.560   -9.551  1.00 88.23  ? 5   GLU A CG  1 
ATOM   7    C CD  . GLU A 1 7   ? 24.326  7.411   -9.038  1.00 92.55  ? 5   GLU A CD  1 
ATOM   8    O OE1 . GLU A 1 7   ? 24.504  7.533   -7.807  1.00 97.77  ? 5   GLU A OE1 1 
ATOM   9    O OE2 . GLU A 1 7   ? 25.072  7.959   -9.882  1.00 95.02  ? 5   GLU A OE2 1 
ATOM   10   N N   . GLN A 1 8   ? 18.792  5.601   -8.665  1.00 63.22  ? 6   GLN A N   1 
ATOM   11   C CA  . GLN A 1 8   ? 17.448  5.571   -8.094  1.00 56.95  ? 6   GLN A CA  1 
ATOM   12   C C   . GLN A 1 8   ? 16.651  6.755   -7.553  1.00 49.44  ? 6   GLN A C   1 
ATOM   13   O O   . GLN A 1 8   ? 16.988  7.406   -6.564  1.00 44.56  ? 6   GLN A O   1 
ATOM   14   C CB  . GLN A 1 8   ? 17.332  4.421   -7.086  1.00 57.89  ? 6   GLN A CB  1 
ATOM   15   C CG  . GLN A 1 8   ? 16.608  3.218   -7.705  1.00 67.78  ? 6   GLN A CG  1 
ATOM   16   C CD  . GLN A 1 8   ? 15.618  2.529   -6.766  1.00 72.06  ? 6   GLN A CD  1 
ATOM   17   O OE1 . GLN A 1 8   ? 16.001  2.032   -5.704  1.00 71.65  ? 6   GLN A OE1 1 
ATOM   18   N NE2 . GLN A 1 8   ? 14.339  2.487   -7.165  1.00 62.71  ? 6   GLN A NE2 1 
ATOM   19   N N   . LYS A 1 9   ? 15.546  6.999   -8.239  1.00 41.61  ? 7   LYS A N   1 
ATOM   20   C CA  . LYS A 1 9   ? 14.624  8.038   -7.832  1.00 40.40  ? 7   LYS A CA  1 
ATOM   21   C C   . LYS A 1 9   ? 13.722  7.426   -6.753  1.00 32.78  ? 7   LYS A C   1 
ATOM   22   O O   . LYS A 1 9   ? 13.395  6.233   -6.795  1.00 31.16  ? 7   LYS A O   1 
ATOM   23   C CB  . LYS A 1 9   ? 13.739  8.467   -9.015  1.00 35.59  ? 7   LYS A CB  1 
ATOM   24   C CG  . LYS A 1 9   ? 14.487  9.121   -10.164 1.00 44.37  ? 7   LYS A CG  1 
ATOM   25   C CD  . LYS A 1 9   ? 13.573  9.503   -11.329 1.00 47.30  ? 7   LYS A CD  1 
ATOM   26   C CE  . LYS A 1 9   ? 14.357  10.246  -12.424 1.00 45.69  ? 7   LYS A CE  1 
ATOM   27   N NZ  . LYS A 1 9   ? 13.527  10.539  -13.624 1.00 38.40  ? 7   LYS A NZ  1 
ATOM   28   N N   . ARG A 1 10  ? 13.331  8.253   -5.798  1.00 28.68  ? 8   ARG A N   1 
ATOM   29   C CA  . ARG A 1 10  ? 12.393  7.878   -4.751  1.00 31.56  ? 8   ARG A CA  1 
ATOM   30   C C   . ARG A 1 10  ? 11.022  7.775   -5.427  1.00 26.06  ? 8   ARG A C   1 
ATOM   31   O O   . ARG A 1 10  ? 10.767  8.456   -6.419  1.00 20.47  ? 8   ARG A O   1 
ATOM   32   C CB  . ARG A 1 10  ? 12.372  8.975   -3.693  1.00 29.18  ? 8   ARG A CB  1 
ATOM   33   C CG  . ARG A 1 10  ? 13.444  8.757   -2.669  1.00 40.84  ? 8   ARG A CG  1 
ATOM   34   C CD  . ARG A 1 10  ? 14.085  10.022  -2.171  1.00 42.83  ? 8   ARG A CD  1 
ATOM   35   N NE  . ARG A 1 10  ? 13.185  10.964  -1.525  1.00 46.80  ? 8   ARG A NE  1 
ATOM   36   C CZ  . ARG A 1 10  ? 13.623  11.962  -0.758  1.00 62.59  ? 8   ARG A CZ  1 
ATOM   37   N NH1 . ARG A 1 10  ? 14.933  12.106  -0.556  1.00 60.37  ? 8   ARG A NH1 1 
ATOM   38   N NH2 . ARG A 1 10  ? 12.772  12.834  -0.224  1.00 64.73  ? 8   ARG A NH2 1 
ATOM   39   N N   . TYR A 1 11  ? 10.138  6.928   -4.911  1.00 26.40  ? 9   TYR A N   1 
ATOM   40   C CA  . TYR A 1 11  ? 8.831   6.805   -5.533  1.00 23.65  ? 9   TYR A CA  1 
ATOM   41   C C   . TYR A 1 11  ? 8.105   8.149   -5.601  1.00 23.89  ? 9   TYR A C   1 
ATOM   42   O O   . TYR A 1 11  ? 7.375   8.429   -6.574  1.00 20.98  ? 9   TYR A O   1 
ATOM   43   C CB  . TYR A 1 11  ? 7.975   5.740   -4.816  1.00 25.58  ? 9   TYR A CB  1 
ATOM   44   C CG  . TYR A 1 11  ? 8.557   4.318   -4.866  1.00 22.52  ? 9   TYR A CG  1 
ATOM   45   C CD1 . TYR A 1 11  ? 9.583   3.979   -5.764  1.00 18.56  ? 9   TYR A CD1 1 
ATOM   46   C CD2 . TYR A 1 11  ? 8.088   3.326   -4.000  1.00 20.22  ? 9   TYR A CD2 1 
ATOM   47   C CE1 . TYR A 1 11  ? 10.129  2.698   -5.787  1.00 18.97  ? 9   TYR A CE1 1 
ATOM   48   C CE2 . TYR A 1 11  ? 8.621   2.041   -4.009  1.00 18.09  ? 9   TYR A CE2 1 
ATOM   49   C CZ  . TYR A 1 11  ? 9.638   1.727   -4.886  1.00 25.29  ? 9   TYR A CZ  1 
ATOM   50   O OH  . TYR A 1 11  ? 10.193  0.469   -4.807  1.00 24.99  ? 9   TYR A OH  1 
ATOM   51   N N   . SER A 1 12  ? 8.334   8.999   -4.607  1.00 21.73  ? 10  SER A N   1 
ATOM   52   C CA  . SER A 1 12  ? 7.676   10.313  -4.578  1.00 27.01  ? 10  SER A CA  1 
ATOM   53   C C   . SER A 1 12  ? 8.147   11.278  -5.672  1.00 22.80  ? 10  SER A C   1 
ATOM   54   O O   . SER A 1 12  ? 7.560   12.340  -5.845  1.00 23.01  ? 10  SER A O   1 
ATOM   55   C CB  . SER A 1 12  ? 7.863   10.989  -3.214  1.00 27.54  ? 10  SER A CB  1 
ATOM   56   O OG  . SER A 1 12  ? 9.200   11.419  -3.047  1.00 25.82  ? 10  SER A OG  1 
ATOM   57   N N   . GLU A 1 13  ? 9.180   10.901  -6.423  1.00 22.25  ? 11  GLU A N   1 
ATOM   58   C CA  . GLU A 1 13  ? 9.715   11.754  -7.492  1.00 26.99  ? 11  GLU A CA  1 
ATOM   59   C C   . GLU A 1 13  ? 9.465   11.170  -8.884  1.00 27.22  ? 11  GLU A C   1 
ATOM   60   O O   . GLU A 1 13  ? 9.753   11.806  -9.894  1.00 25.79  ? 11  GLU A O   1 
ATOM   61   C CB  . GLU A 1 13  ? 11.239  11.965  -7.285  1.00 24.42  ? 11  GLU A CB  1 
ATOM   62   C CG  . GLU A 1 13  ? 11.599  12.457  -5.877  1.00 29.56  ? 11  GLU A CG  1 
ATOM   63   C CD  . GLU A 1 13  ? 13.107  12.412  -5.533  1.00 36.16  ? 11  GLU A CD  1 
ATOM   64   O OE1 . GLU A 1 13  ? 13.843  11.513  -5.996  1.00 31.27  ? 11  GLU A OE1 1 
ATOM   65   O OE2 . GLU A 1 13  ? 13.553  13.271  -4.748  1.00 34.84  ? 11  GLU A OE2 1 
ATOM   66   N N   . MET A 1 14  ? 8.911   9.968   -8.950  1.00 23.44  ? 12  MET A N   1 
ATOM   67   C CA  . MET A 1 14  ? 8.691   9.327   -10.246 1.00 22.14  ? 12  MET A CA  1 
ATOM   68   C C   . MET A 1 14  ? 7.443   9.739   -10.957 1.00 22.14  ? 12  MET A C   1 
ATOM   69   O O   . MET A 1 14  ? 6.480   10.153  -10.334 1.00 24.84  ? 12  MET A O   1 
ATOM   70   C CB  . MET A 1 14  ? 8.627   7.795   -10.101 1.00 25.83  ? 12  MET A CB  1 
ATOM   71   C CG  . MET A 1 14  ? 9.829   7.162   -9.431  1.00 19.52  ? 12  MET A CG  1 
ATOM   72   S SD  . MET A 1 14  ? 9.641   5.369   -9.416  1.00 25.61  ? 12  MET A SD  1 
ATOM   73   C CE  . MET A 1 14  ? 11.395  4.848   -9.032  1.00 30.09  ? 12  MET A CE  1 
ATOM   74   N N   . THR A 1 15  ? 7.471   9.599   -12.279 1.00 22.33  ? 13  THR A N   1 
ATOM   75   C CA  . THR A 1 15  ? 6.313   9.885   -13.108 1.00 22.63  ? 13  THR A CA  1 
ATOM   76   C C   . THR A 1 15  ? 5.501   8.588   -13.046 1.00 23.86  ? 13  THR A C   1 
ATOM   77   O O   . THR A 1 15  ? 5.971   7.560   -12.537 1.00 22.49  ? 13  THR A O   1 
ATOM   78   C CB  . THR A 1 15  ? 6.687   10.079  -14.582 1.00 21.96  ? 13  THR A CB  1 
ATOM   79   O OG1 . THR A 1 15  ? 7.275   8.864   -15.056 1.00 21.55  ? 13  THR A OG1 1 
ATOM   80   C CG2 . THR A 1 15  ? 7.694   11.228  -14.775 1.00 23.54  ? 13  THR A CG2 1 
ATOM   81   N N   . LYS A 1 16  ? 4.320   8.609   -13.637 1.00 20.00  ? 14  LYS A N   1 
ATOM   82   C CA  . LYS A 1 16  ? 3.468   7.435   -13.622 1.00 22.38  ? 14  LYS A CA  1 
ATOM   83   C C   . LYS A 1 16  ? 4.148   6.309   -14.397 1.00 24.71  ? 14  LYS A C   1 
ATOM   84   O O   . LYS A 1 16  ? 4.163   5.147   -13.969 1.00 19.97  ? 14  LYS A O   1 
ATOM   85   C CB  . LYS A 1 16  ? 2.095   7.772   -14.232 1.00 19.17  ? 14  LYS A CB  1 
ATOM   86   C CG  . LYS A 1 16  ? 0.985   6.769   -13.820 1.00 28.55  ? 14  LYS A CG  1 
ATOM   87   C CD  . LYS A 1 16  ? -0.236  6.895   -14.685 1.00 32.13  ? 14  LYS A CD  1 
ATOM   88   C CE  . LYS A 1 16  ? -1.466  6.354   -14.000 1.00 39.64  ? 14  LYS A CE  1 
ATOM   89   N NZ  . LYS A 1 16  ? -1.324  4.969   -13.499 1.00 33.60  ? 14  LYS A NZ  1 
ATOM   90   N N   . GLU A 1 17  ? 4.725   6.651   -15.540 1.00 24.20  ? 15  GLU A N   1 
ATOM   91   C CA  . GLU A 1 17  ? 5.418   5.649   -16.346 1.00 31.61  ? 15  GLU A CA  1 
ATOM   92   C C   . GLU A 1 17  ? 6.548   4.968   -15.557 1.00 28.63  ? 15  GLU A C   1 
ATOM   93   O O   . GLU A 1 17  ? 6.738   3.758   -15.658 1.00 30.65  ? 15  GLU A O   1 
ATOM   94   C CB  . GLU A 1 17  ? 5.981   6.299   -17.603 1.00 39.39  ? 15  GLU A CB  1 
ATOM   95   C CG  . GLU A 1 17  ? 5.623   5.567   -18.877 1.00 52.61  ? 15  GLU A CG  1 
ATOM   96   C CD  . GLU A 1 17  ? 6.413   4.296   -19.065 1.00 65.49  ? 15  GLU A CD  1 
ATOM   97   O OE1 . GLU A 1 17  ? 6.237   3.345   -18.271 1.00 73.19  ? 15  GLU A OE1 1 
ATOM   98   O OE2 . GLU A 1 17  ? 7.222   4.249   -20.017 1.00 76.51  ? 15  GLU A OE2 1 
ATOM   99   N N   . GLU A 1 18  ? 7.281   5.744   -14.760 1.00 25.10  ? 16  GLU A N   1 
ATOM   100  C CA  . GLU A 1 18  ? 8.375   5.203   -13.967 1.00 24.57  ? 16  GLU A CA  1 
ATOM   101  C C   . GLU A 1 18  ? 7.852   4.340   -12.825 1.00 24.36  ? 16  GLU A C   1 
ATOM   102  O O   . GLU A 1 18  ? 8.428   3.304   -12.513 1.00 25.33  ? 16  GLU A O   1 
ATOM   103  C CB  . GLU A 1 18  ? 9.256   6.349   -13.446 1.00 21.69  ? 16  GLU A CB  1 
ATOM   104  C CG  . GLU A 1 18  ? 10.086  6.993   -14.581 1.00 25.57  ? 16  GLU A CG  1 
ATOM   105  C CD  . GLU A 1 18  ? 10.749  8.295   -14.158 1.00 28.44  ? 16  GLU A CD  1 
ATOM   106  O OE1 . GLU A 1 18  ? 11.736  8.672   -14.816 1.00 31.66  ? 16  GLU A OE1 1 
ATOM   107  O OE2 . GLU A 1 18  ? 10.276  8.959   -13.196 1.00 20.13  ? 16  GLU A OE2 1 
ATOM   108  N N   . LEU A 1 19  ? 6.756   4.762   -12.207 1.00 19.96  ? 17  LEU A N   1 
ATOM   109  C CA  . LEU A 1 19  ? 6.176   3.978   -11.137 1.00 23.42  ? 17  LEU A CA  1 
ATOM   110  C C   . LEU A 1 19  ? 5.716   2.638   -11.698 1.00 24.39  ? 17  LEU A C   1 
ATOM   111  O O   . LEU A 1 19  ? 5.979   1.609   -11.088 1.00 24.48  ? 17  LEU A O   1 
ATOM   112  C CB  . LEU A 1 19  ? 5.002   4.721   -10.490 1.00 17.56  ? 17  LEU A CB  1 
ATOM   113  C CG  . LEU A 1 19  ? 5.494   5.875   -9.603  1.00 20.90  ? 17  LEU A CG  1 
ATOM   114  C CD1 . LEU A 1 19  ? 4.331   6.861   -9.310  1.00 19.70  ? 17  LEU A CD1 1 
ATOM   115  C CD2 . LEU A 1 19  ? 6.080   5.288   -8.289  1.00 19.43  ? 17  LEU A CD2 1 
ATOM   116  N N   . GLN A 1 20  ? 5.073   2.650   -12.871 1.00 24.27  ? 18  GLN A N   1 
ATOM   117  C CA  . GLN A 1 20  ? 4.578   1.401   -13.485 1.00 28.46  ? 18  GLN A CA  1 
ATOM   118  C C   . GLN A 1 20  ? 5.698   0.418   -13.812 1.00 29.27  ? 18  GLN A C   1 
ATOM   119  O O   . GLN A 1 20  ? 5.539   -0.800  -13.631 1.00 28.64  ? 18  GLN A O   1 
ATOM   120  C CB  . GLN A 1 20  ? 3.788   1.689   -14.767 1.00 27.49  ? 18  GLN A CB  1 
ATOM   121  C CG  . GLN A 1 20  ? 2.426   2.324   -14.527 1.00 36.51  ? 18  GLN A CG  1 
ATOM   122  C CD  . GLN A 1 20  ? 1.369   1.315   -14.099 1.00 55.98  ? 18  GLN A CD  1 
ATOM   123  O OE1 . GLN A 1 20  ? 1.576   0.516   -13.175 1.00 60.28  ? 18  GLN A OE1 1 
ATOM   124  N NE2 . GLN A 1 20  ? 0.221   1.353   -14.767 1.00 52.69  ? 18  GLN A NE2 1 
ATOM   125  N N   . GLN A 1 21  ? 6.808   0.952   -14.329 1.00 22.64  ? 19  GLN A N   1 
ATOM   126  C CA  . GLN A 1 21  ? 7.978   0.147   -14.657 1.00 29.88  ? 19  GLN A CA  1 
ATOM   127  C C   . GLN A 1 21  ? 8.584   -0.420  -13.360 1.00 27.96  ? 19  GLN A C   1 
ATOM   128  O O   . GLN A 1 21  ? 9.026   -1.564  -13.324 1.00 24.26  ? 19  GLN A O   1 
ATOM   129  C CB  . GLN A 1 21  ? 9.020   0.999   -15.416 1.00 26.13  ? 19  GLN A CB  1 
ATOM   130  C CG  . GLN A 1 21  ? 8.437   1.537   -16.729 1.00 43.88  ? 19  GLN A CG  1 
ATOM   131  C CD  . GLN A 1 21  ? 9.335   2.499   -17.480 1.00 49.50  ? 19  GLN A CD  1 
ATOM   132  O OE1 . GLN A 1 21  ? 9.813   3.495   -16.927 1.00 57.12  ? 19  GLN A OE1 1 
ATOM   133  N NE2 . GLN A 1 21  ? 9.547   2.220   -18.762 1.00 55.00  ? 19  GLN A NE2 1 
ATOM   134  N N   . GLU A 1 22  ? 8.642   0.395   -12.309 1.00 22.28  ? 20  GLU A N   1 
ATOM   135  C CA  . GLU A 1 22  ? 9.171   -0.096  -11.050 1.00 26.45  ? 20  GLU A CA  1 
ATOM   136  C C   . GLU A 1 22  ? 8.246   -1.250  -10.575 1.00 24.80  ? 20  GLU A C   1 
ATOM   137  O O   . GLU A 1 22  ? 8.705   -2.320  -10.194 1.00 21.35  ? 20  GLU A O   1 
ATOM   138  C CB  . GLU A 1 22  ? 9.200   1.030   -10.022 1.00 24.07  ? 20  GLU A CB  1 
ATOM   139  C CG  . GLU A 1 22  ? 9.508   0.560   -8.599  1.00 25.70  ? 20  GLU A CG  1 
ATOM   140  C CD  . GLU A 1 22  ? 10.987  0.284   -8.373  1.00 29.43  ? 20  GLU A CD  1 
ATOM   141  O OE1 . GLU A 1 22  ? 11.375  0.032   -7.200  1.00 31.39  ? 20  GLU A OE1 1 
ATOM   142  O OE2 . GLU A 1 22  ? 11.751  0.319   -9.364  1.00 32.35  ? 20  GLU A OE2 1 
ATOM   143  N N   . ILE A 1 23  ? 6.939   -1.044  -10.655 1.00 19.06  ? 21  ILE A N   1 
ATOM   144  C CA  . ILE A 1 23  ? 6.013   -2.076  -10.208 1.00 23.66  ? 21  ILE A CA  1 
ATOM   145  C C   . ILE A 1 23  ? 6.169   -3.374  -10.998 1.00 27.17  ? 21  ILE A C   1 
ATOM   146  O O   . ILE A 1 23  ? 6.099   -4.464  -10.416 1.00 21.77  ? 21  ILE A O   1 
ATOM   147  C CB  . ILE A 1 23  ? 4.561   -1.573  -10.279 1.00 26.91  ? 21  ILE A CB  1 
ATOM   148  C CG1 . ILE A 1 23  ? 4.345   -0.545  -9.158  1.00 24.39  ? 21  ILE A CG1 1 
ATOM   149  C CG2 . ILE A 1 23  ? 3.571   -2.754  -10.171 1.00 21.50  ? 21  ILE A CG2 1 
ATOM   150  C CD1 . ILE A 1 23  ? 3.160   0.395   -9.383  1.00 20.17  ? 21  ILE A CD1 1 
ATOM   151  N N   . ALA A 1 24  ? 6.377   -3.265  -12.313 1.00 26.02  ? 22  ALA A N   1 
ATOM   152  C CA  . ALA A 1 24  ? 6.560   -4.454  -13.159 1.00 27.15  ? 22  ALA A CA  1 
ATOM   153  C C   . ALA A 1 24  ? 7.834   -5.205  -12.731 1.00 27.00  ? 22  ALA A C   1 
ATOM   154  O O   . ALA A 1 24  ? 7.867   -6.427  -12.688 1.00 28.30  ? 22  ALA A O   1 
ATOM   155  C CB  . ALA A 1 24  ? 6.658   -4.056  -14.665 1.00 25.43  ? 22  ALA A CB  1 
ATOM   156  N N   . MET A 1 25  ? 8.886   -4.464  -12.427 1.00 22.85  ? 23  MET A N   1 
ATOM   157  C CA  . MET A 1 25  ? 10.142  -5.070  -12.001 1.00 23.36  ? 23  MET A CA  1 
ATOM   158  C C   . MET A 1 25  ? 9.977   -5.756  -10.630 1.00 24.69  ? 23  MET A C   1 
ATOM   159  O O   . MET A 1 25  ? 10.435  -6.882  -10.421 1.00 22.42  ? 23  MET A O   1 
ATOM   160  C CB  . MET A 1 25  ? 11.214  -3.981  -11.930 1.00 25.54  ? 23  MET A CB  1 
ATOM   161  C CG  . MET A 1 25  ? 12.573  -4.393  -11.310 1.00 33.49  ? 23  MET A CG  1 
ATOM   162  S SD  . MET A 1 25  ? 12.643  -4.243  -9.499  1.00 48.55  ? 23  MET A SD  1 
ATOM   163  C CE  . MET A 1 25  ? 12.915  -2.432  -9.243  1.00 41.06  ? 23  MET A CE  1 
ATOM   164  N N   . LEU A 1 26  ? 9.324   -5.067  -9.698  1.00 24.41  ? 24  LEU A N   1 
ATOM   165  C CA  . LEU A 1 26  ? 9.096   -5.602  -8.358  1.00 23.50  ? 24  LEU A CA  1 
ATOM   166  C C   . LEU A 1 26  ? 8.191   -6.841  -8.441  1.00 25.60  ? 24  LEU A C   1 
ATOM   167  O O   . LEU A 1 26  ? 8.403   -7.839  -7.728  1.00 19.09  ? 24  LEU A O   1 
ATOM   168  C CB  . LEU A 1 26  ? 8.435   -4.535  -7.475  1.00 18.88  ? 24  LEU A CB  1 
ATOM   169  C CG  . LEU A 1 26  ? 9.219   -3.260  -7.102  1.00 23.62  ? 24  LEU A CG  1 
ATOM   170  C CD1 . LEU A 1 26  ? 8.283   -2.193  -6.474  1.00 13.21  ? 24  LEU A CD1 1 
ATOM   171  C CD2 . LEU A 1 26  ? 10.333  -3.635  -6.133  1.00 23.76  ? 24  LEU A CD2 1 
ATOM   172  N N   . THR A 1 27  ? 7.199   -6.777  -9.328  1.00 15.82  ? 25  THR A N   1 
ATOM   173  C CA  . THR A 1 27  ? 6.256   -7.877  -9.503  1.00 21.36  ? 25  THR A CA  1 
ATOM   174  C C   . THR A 1 27  ? 6.970   -9.152  -9.955  1.00 24.87  ? 25  THR A C   1 
ATOM   175  O O   . THR A 1 27  ? 6.666   -10.239 -9.466  1.00 29.35  ? 25  THR A O   1 
ATOM   176  C CB  . THR A 1 27  ? 5.155   -7.481  -10.500 1.00 21.62  ? 25  THR A CB  1 
ATOM   177  O OG1 . THR A 1 27  ? 4.398   -6.407  -9.933  1.00 23.62  ? 25  THR A OG1 1 
ATOM   178  C CG2 . THR A 1 27  ? 4.196   -8.677  -10.822 1.00 19.16  ? 25  THR A CG2 1 
ATOM   179  N N   . GLU A 1 28  ? 7.937   -9.019  -10.860 1.00 21.81  ? 26  GLU A N   1 
ATOM   180  C CA  . GLU A 1 28  ? 8.676   -10.182 -11.341 1.00 25.09  ? 26  GLU A CA  1 
ATOM   181  C C   . GLU A 1 28  ? 9.573   -10.773 -10.228 1.00 27.83  ? 26  GLU A C   1 
ATOM   182  O O   . GLU A 1 28  ? 9.697   -11.988 -10.102 1.00 26.62  ? 26  GLU A O   1 
ATOM   183  C CB  . GLU A 1 28  ? 9.494   -9.810  -12.594 1.00 26.72  ? 26  GLU A CB  1 
ATOM   184  C CG  . GLU A 1 28  ? 10.395  -10.945 -13.112 1.00 38.95  ? 26  GLU A CG  1 
ATOM   185  C CD  . GLU A 1 28  ? 9.617   -12.156 -13.645 1.00 48.21  ? 26  GLU A CD  1 
ATOM   186  O OE1 . GLU A 1 28  ? 10.248  -13.224 -13.817 1.00 60.51  ? 26  GLU A OE1 1 
ATOM   187  O OE2 . GLU A 1 28  ? 8.395   -12.051 -13.906 1.00 42.92  ? 26  GLU A OE2 1 
ATOM   188  N N   . LYS A 1 29  ? 10.195  -9.926  -9.422  1.00 23.97  ? 27  LYS A N   1 
ATOM   189  C CA  . LYS A 1 29  ? 10.995  -10.428 -8.316  1.00 23.70  ? 27  LYS A CA  1 
ATOM   190  C C   . LYS A 1 29  ? 10.066  -11.069 -7.266  1.00 22.24  ? 27  LYS A C   1 
ATOM   191  O O   . LYS A 1 29  ? 10.389  -12.102 -6.683  1.00 25.12  ? 27  LYS A O   1 
ATOM   192  C CB  . LYS A 1 29  ? 11.776  -9.289  -7.654  1.00 29.05  ? 27  LYS A CB  1 
ATOM   193  C CG  . LYS A 1 29  ? 12.925  -8.734  -8.483  1.00 25.87  ? 27  LYS A CG  1 
ATOM   194  C CD  . LYS A 1 29  ? 13.515  -7.541  -7.745  1.00 32.37  ? 27  LYS A CD  1 
ATOM   195  C CE  . LYS A 1 29  ? 14.788  -7.037  -8.424  1.00 41.81  ? 27  LYS A CE  1 
ATOM   196  N NZ  . LYS A 1 29  ? 15.360  -5.920  -7.598  1.00 50.82  ? 27  LYS A NZ  1 
ATOM   197  N N   . ALA A 1 30  ? 8.925   -10.441 -7.000  1.00 16.59  ? 28  ALA A N   1 
ATOM   198  C CA  . ALA A 1 30  ? 7.985   -11.006 -6.030  1.00 22.75  ? 28  ALA A CA  1 
ATOM   199  C C   . ALA A 1 30  ? 7.573   -12.411 -6.493  1.00 24.38  ? 28  ALA A C   1 
ATOM   200  O O   . ALA A 1 30  ? 7.477   -13.336 -5.685  1.00 19.45  ? 28  ALA A O   1 
ATOM   201  C CB  . ALA A 1 30  ? 6.721   -10.096 -5.890  1.00 16.51  ? 28  ALA A CB  1 
ATOM   202  N N   . ARG A 1 31  ? 7.346   -12.554 -7.800  1.00 21.08  ? 29  ARG A N   1 
ATOM   203  C CA  . ARG A 1 31  ? 6.938   -13.826 -8.398  1.00 20.06  ? 29  ARG A CA  1 
ATOM   204  C C   . ARG A 1 31  ? 7.989   -14.927 -8.200  1.00 26.24  ? 29  ARG A C   1 
ATOM   205  O O   . ARG A 1 31  ? 7.655   -16.076 -7.841  1.00 18.38  ? 29  ARG A O   1 
ATOM   206  C CB  . ARG A 1 31  ? 6.659   -13.614 -9.892  1.00 28.69  ? 29  ARG A CB  1 
ATOM   207  C CG  . ARG A 1 31  ? 5.984   -14.789 -10.593 1.00 40.85  ? 29  ARG A CG  1 
ATOM   208  C CD  . ARG A 1 31  ? 5.899   -14.575 -12.105 1.00 44.15  ? 29  ARG A CD  1 
ATOM   209  N NE  . ARG A 1 31  ? 7.209   -14.587 -12.772 1.00 57.69  ? 29  ARG A NE  1 
ATOM   210  C CZ  . ARG A 1 31  ? 8.023   -15.641 -12.824 1.00 58.92  ? 29  ARG A CZ  1 
ATOM   211  N NH1 . ARG A 1 31  ? 9.190   -15.559 -13.461 1.00 54.22  ? 29  ARG A NH1 1 
ATOM   212  N NH2 . ARG A 1 31  ? 7.674   -16.777 -12.233 1.00 58.95  ? 29  ARG A NH2 1 
ATOM   213  N N   . LYS A 1 32  ? 9.257   -14.593 -8.441  1.00 19.17  ? 30  LYS A N   1 
ATOM   214  C CA  . LYS A 1 32  ? 10.321  -15.566 -8.240  1.00 22.87  ? 30  LYS A CA  1 
ATOM   215  C C   . LYS A 1 32  ? 10.504  -15.882 -6.753  1.00 22.48  ? 30  LYS A C   1 
ATOM   216  O O   . LYS A 1 32  ? 10.769  -17.027 -6.381  1.00 20.87  ? 30  LYS A O   1 
ATOM   217  C CB  . LYS A 1 32  ? 11.647  -15.046 -8.806  1.00 32.11  ? 30  LYS A CB  1 
ATOM   218  C CG  . LYS A 1 32  ? 11.602  -14.808 -10.297 1.00 44.96  ? 30  LYS A CG  1 
ATOM   219  C CD  . LYS A 1 32  ? 12.891  -14.204 -10.810 1.00 54.94  ? 30  LYS A CD  1 
ATOM   220  C CE  . LYS A 1 32  ? 12.831  -14.032 -12.321 1.00 60.28  ? 30  LYS A CE  1 
ATOM   221  N NZ  . LYS A 1 32  ? 14.089  -13.414 -12.838 1.00 69.18  ? 30  LYS A NZ  1 
ATOM   222  N N   . ALA A 1 33  ? 10.378  -14.866 -5.899  1.00 22.57  ? 31  ALA A N   1 
ATOM   223  C CA  . ALA A 1 33  ? 10.530  -15.095 -4.469  1.00 23.42  ? 31  ALA A CA  1 
ATOM   224  C C   . ALA A 1 33  ? 9.461   -16.091 -4.007  1.00 23.63  ? 31  ALA A C   1 
ATOM   225  O O   . ALA A 1 33  ? 9.722   -16.981 -3.185  1.00 22.53  ? 31  ALA A O   1 
ATOM   226  C CB  . ALA A 1 33  ? 10.410  -13.766 -3.702  1.00 18.88  ? 31  ALA A CB  1 
ATOM   227  N N   . GLU A 1 34  ? 8.264   -15.945 -4.562  1.00 20.42  ? 32  GLU A N   1 
ATOM   228  C CA  . GLU A 1 34  ? 7.153   -16.821 -4.219  1.00 24.17  ? 32  GLU A CA  1 
ATOM   229  C C   . GLU A 1 34  ? 7.382   -18.257 -4.687  1.00 25.98  ? 32  GLU A C   1 
ATOM   230  O O   . GLU A 1 34  ? 7.061   -19.189 -3.964  1.00 20.55  ? 32  GLU A O   1 
ATOM   231  C CB  . GLU A 1 34  ? 5.855   -16.293 -4.816  1.00 21.88  ? 32  GLU A CB  1 
ATOM   232  C CG  . GLU A 1 34  ? 4.631   -17.156 -4.554  1.00 29.95  ? 32  GLU A CG  1 
ATOM   233  C CD  . GLU A 1 34  ? 3.373   -16.491 -5.116  1.00 32.62  ? 32  GLU A CD  1 
ATOM   234  O OE1 . GLU A 1 34  ? 3.278   -16.328 -6.347  1.00 46.62  ? 32  GLU A OE1 1 
ATOM   235  O OE2 . GLU A 1 34  ? 2.496   -16.115 -4.338  1.00 35.66  ? 32  GLU A OE2 1 
ATOM   236  N N   . GLN A 1 35  ? 7.924   -18.434 -5.891  1.00 26.30  ? 33  GLN A N   1 
ATOM   237  C CA  . GLN A 1 35  ? 8.207   -19.774 -6.409  1.00 25.59  ? 33  GLN A CA  1 
ATOM   238  C C   . GLN A 1 35  ? 9.280   -20.440 -5.578  1.00 24.44  ? 33  GLN A C   1 
ATOM   239  O O   . GLN A 1 35  ? 9.310   -21.656 -5.482  1.00 25.06  ? 33  GLN A O   1 
ATOM   240  C CB  . GLN A 1 35  ? 8.759   -19.737 -7.830  1.00 24.59  ? 33  GLN A CB  1 
ATOM   241  C CG  . GLN A 1 35  ? 7.885   -19.129 -8.872  1.00 25.25  ? 33  GLN A CG  1 
ATOM   242  C CD  . GLN A 1 35  ? 8.504   -19.299 -10.234 1.00 27.69  ? 33  GLN A CD  1 
ATOM   243  O OE1 . GLN A 1 35  ? 9.670   -18.940 -10.445 1.00 23.41  ? 33  GLN A OE1 1 
ATOM   244  N NE2 . GLN A 1 35  ? 7.742   -19.868 -11.172 1.00 27.68  ? 33  GLN A NE2 1 
ATOM   245  N N   . MET A 1 36  ? 10.180  -19.642 -5.003  1.00 21.46  ? 34  MET A N   1 
ATOM   246  C CA  . MET A 1 36  ? 11.282  -20.195 -4.220  1.00 20.62  ? 34  MET A CA  1 
ATOM   247  C C   . MET A 1 36  ? 10.949  -20.344 -2.748  1.00 21.55  ? 34  MET A C   1 
ATOM   248  O O   . MET A 1 36  ? 11.741  -20.902 -1.976  1.00 20.99  ? 34  MET A O   1 
ATOM   249  C CB  . MET A 1 36  ? 12.535  -19.319 -4.349  1.00 20.50  ? 34  MET A CB  1 
ATOM   250  C CG  . MET A 1 36  ? 13.146  -19.300 -5.740  1.00 27.15  ? 34  MET A CG  1 
ATOM   251  S SD  . MET A 1 36  ? 14.537  -18.130 -5.771  1.00 32.50  ? 34  MET A SD  1 
ATOM   252  C CE  . MET A 1 36  ? 13.644  -16.547 -5.581  1.00 45.03  ? 34  MET A CE  1 
ATOM   253  N N   . GLY A 1 37  ? 9.787   -19.844 -2.353  1.00 22.29  ? 35  GLY A N   1 
ATOM   254  C CA  . GLY A 1 37  ? 9.397   -19.935 -0.960  1.00 21.59  ? 35  GLY A CA  1 
ATOM   255  C C   . GLY A 1 37  ? 10.149  -18.973 -0.047  1.00 27.88  ? 35  GLY A C   1 
ATOM   256  O O   . GLY A 1 37  ? 10.335  -19.230 1.157   1.00 26.86  ? 35  GLY A O   1 
ATOM   257  N N   . MET A 1 38  ? 10.578  -17.845 -0.598  1.00 25.75  ? 36  MET A N   1 
ATOM   258  C CA  . MET A 1 38  ? 11.297  -16.866 0.221   1.00 29.69  ? 36  MET A CA  1 
ATOM   259  C C   . MET A 1 38  ? 10.243  -15.888 0.747   1.00 28.56  ? 36  MET A C   1 
ATOM   260  O O   . MET A 1 38  ? 10.086  -14.764 0.255   1.00 21.51  ? 36  MET A O   1 
ATOM   261  C CB  . MET A 1 38  ? 12.343  -16.162 -0.634  1.00 28.80  ? 36  MET A CB  1 
ATOM   262  C CG  . MET A 1 38  ? 13.041  -17.129 -1.555  1.00 40.53  ? 36  MET A CG  1 
ATOM   263  S SD  . MET A 1 38  ? 14.768  -16.889 -1.506  1.00 60.16  ? 36  MET A SD  1 
ATOM   264  C CE  . MET A 1 38  ? 15.099  -17.947 -0.076  1.00 38.78  ? 36  MET A CE  1 
ATOM   265  N N   . VAL A 1 39  ? 9.516   -16.353 1.751   1.00 26.90  ? 37  VAL A N   1 
ATOM   266  C CA  . VAL A 1 39  ? 8.415   -15.617 2.337   1.00 29.09  ? 37  VAL A CA  1 
ATOM   267  C C   . VAL A 1 39  ? 8.679   -14.197 2.817   1.00 31.18  ? 37  VAL A C   1 
ATOM   268  O O   . VAL A 1 39  ? 7.824   -13.319 2.664   1.00 25.99  ? 37  VAL A O   1 
ATOM   269  C CB  . VAL A 1 39  ? 7.794   -16.432 3.480   1.00 33.90  ? 37  VAL A CB  1 
ATOM   270  C CG1 . VAL A 1 39  ? 7.316   -17.763 2.920   1.00 29.20  ? 37  VAL A CG1 1 
ATOM   271  C CG2 . VAL A 1 39  ? 8.818   -16.625 4.625   1.00 28.90  ? 37  VAL A CG2 1 
ATOM   272  N N   . ASN A 1 40  ? 9.853   -13.966 3.397   1.00 27.25  ? 38  ASN A N   1 
ATOM   273  C CA  . ASN A 1 40  ? 10.193  -12.644 3.896   1.00 29.12  ? 38  ASN A CA  1 
ATOM   274  C C   . ASN A 1 40  ? 10.547  -11.682 2.752   1.00 31.89  ? 38  ASN A C   1 
ATOM   275  O O   . ASN A 1 40  ? 10.167  -10.511 2.770   1.00 26.20  ? 38  ASN A O   1 
ATOM   276  C CB  . ASN A 1 40  ? 11.339  -12.787 4.890   1.00 31.65  ? 38  ASN A CB  1 
ATOM   277  C CG  . ASN A 1 40  ? 10.885  -13.467 6.187   1.00 40.70  ? 38  ASN A CG  1 
ATOM   278  O OD1 . ASN A 1 40  ? 11.691  -14.001 6.934   1.00 43.51  ? 38  ASN A OD1 1 
ATOM   279  N ND2 . ASN A 1 40  ? 9.583   -13.434 6.451   1.00 34.09  ? 38  ASN A ND2 1 
ATOM   280  N N   . GLU A 1 41  ? 11.292  -12.187 1.771   1.00 30.28  ? 39  GLU A N   1 
ATOM   281  C CA  . GLU A 1 41  ? 11.684  -11.403 0.606   1.00 27.85  ? 39  GLU A CA  1 
ATOM   282  C C   . GLU A 1 41  ? 10.422  -11.029 -0.192  1.00 24.86  ? 39  GLU A C   1 
ATOM   283  O O   . GLU A 1 41  ? 10.280  -9.909  -0.681  1.00 23.27  ? 39  GLU A O   1 
ATOM   284  C CB  . GLU A 1 41  ? 12.636  -12.229 -0.273  1.00 27.80  ? 39  GLU A CB  1 
ATOM   285  C CG  . GLU A 1 41  ? 14.077  -12.343 0.248   1.00 31.97  ? 39  GLU A CG  1 
ATOM   286  C CD  . GLU A 1 41  ? 14.263  -13.402 1.329   1.00 39.89  ? 39  GLU A CD  1 
ATOM   287  O OE1 . GLU A 1 41  ? 13.293  -14.117 1.667   1.00 31.39  ? 39  GLU A OE1 1 
ATOM   288  O OE2 . GLU A 1 41  ? 15.401  -13.521 1.847   1.00 46.26  ? 39  GLU A OE2 1 
ATOM   289  N N   . TYR A 1 42  ? 9.494   -11.976 -0.294  1.00 22.77  ? 40  TYR A N   1 
ATOM   290  C CA  . TYR A 1 42  ? 8.257   -11.745 -1.011  1.00 23.66  ? 40  TYR A CA  1 
ATOM   291  C C   . TYR A 1 42  ? 7.473   -10.590 -0.371  1.00 27.38  ? 40  TYR A C   1 
ATOM   292  O O   . TYR A 1 42  ? 6.997   -9.686  -1.084  1.00 22.41  ? 40  TYR A O   1 
ATOM   293  C CB  . TYR A 1 42  ? 7.400   -13.026 -1.007  1.00 18.13  ? 40  TYR A CB  1 
ATOM   294  C CG  . TYR A 1 42  ? 6.021   -12.856 -1.636  1.00 27.86  ? 40  TYR A CG  1 
ATOM   295  C CD1 . TYR A 1 42  ? 5.840   -12.953 -3.014  1.00 24.41  ? 40  TYR A CD1 1 
ATOM   296  C CD2 . TYR A 1 42  ? 4.905   -12.567 -0.843  1.00 26.54  ? 40  TYR A CD2 1 
ATOM   297  C CE1 . TYR A 1 42  ? 4.578   -12.760 -3.593  1.00 25.57  ? 40  TYR A CE1 1 
ATOM   298  C CE2 . TYR A 1 42  ? 3.648   -12.381 -1.409  1.00 26.75  ? 40  TYR A CE2 1 
ATOM   299  C CZ  . TYR A 1 42  ? 3.491   -12.478 -2.782  1.00 26.56  ? 40  TYR A CZ  1 
ATOM   300  O OH  . TYR A 1 42  ? 2.239   -12.291 -3.332  1.00 36.43  ? 40  TYR A OH  1 
ATOM   301  N N   . ALA A 1 43  ? 7.337   -10.626 0.961   1.00 20.52  ? 41  ALA A N   1 
ATOM   302  C CA  . ALA A 1 43  ? 6.594   -9.590  1.684   1.00 21.84  ? 41  ALA A CA  1 
ATOM   303  C C   . ALA A 1 43  ? 7.272   -8.207  1.553   1.00 23.10  ? 41  ALA A C   1 
ATOM   304  O O   . ALA A 1 43  ? 6.594   -7.185  1.568   1.00 22.17  ? 41  ALA A O   1 
ATOM   305  C CB  . ALA A 1 43  ? 6.428   -9.982  3.190   1.00 20.31  ? 41  ALA A CB  1 
ATOM   306  N N   . VAL A 1 44  ? 8.599   -8.181  1.440   1.00 24.40  ? 42  VAL A N   1 
ATOM   307  C CA  . VAL A 1 44  ? 9.313   -6.921  1.249   1.00 19.75  ? 42  VAL A CA  1 
ATOM   308  C C   . VAL A 1 44  ? 8.949   -6.371  -0.134  1.00 21.01  ? 42  VAL A C   1 
ATOM   309  O O   . VAL A 1 44  ? 8.680   -5.187  -0.269  1.00 20.93  ? 42  VAL A O   1 
ATOM   310  C CB  . VAL A 1 44  ? 10.867  -7.113  1.316   1.00 29.45  ? 42  VAL A CB  1 
ATOM   311  C CG1 . VAL A 1 44  ? 11.584  -5.942  0.620   1.00 23.92  ? 42  VAL A CG1 1 
ATOM   312  C CG2 . VAL A 1 44  ? 11.325  -7.197  2.774   1.00 25.02  ? 42  VAL A CG2 1 
ATOM   313  N N   . TYR A 1 45  ? 8.908   -7.228  -1.164  1.00 19.59  ? 43  TYR A N   1 
ATOM   314  C CA  . TYR A 1 45  ? 8.567   -6.737  -2.504  1.00 19.27  ? 43  TYR A CA  1 
ATOM   315  C C   . TYR A 1 45  ? 7.116   -6.264  -2.559  1.00 18.49  ? 43  TYR A C   1 
ATOM   316  O O   . TYR A 1 45  ? 6.814   -5.271  -3.222  1.00 22.11  ? 43  TYR A O   1 
ATOM   317  C CB  . TYR A 1 45  ? 8.828   -7.800  -3.593  1.00 18.70  ? 43  TYR A CB  1 
ATOM   318  C CG  . TYR A 1 45  ? 10.296  -8.123  -3.821  1.00 22.49  ? 43  TYR A CG  1 
ATOM   319  C CD1 . TYR A 1 45  ? 10.761  -9.443  -3.737  1.00 25.78  ? 43  TYR A CD1 1 
ATOM   320  C CD2 . TYR A 1 45  ? 11.229  -7.106  -4.109  1.00 21.72  ? 43  TYR A CD2 1 
ATOM   321  C CE1 . TYR A 1 45  ? 12.121  -9.753  -3.935  1.00 21.18  ? 43  TYR A CE1 1 
ATOM   322  C CE2 . TYR A 1 45  ? 12.594  -7.397  -4.297  1.00 26.85  ? 43  TYR A CE2 1 
ATOM   323  C CZ  . TYR A 1 45  ? 13.025  -8.724  -4.210  1.00 24.72  ? 43  TYR A CZ  1 
ATOM   324  O OH  . TYR A 1 45  ? 14.353  -9.023  -4.394  1.00 37.45  ? 43  TYR A OH  1 
ATOM   325  N N   . GLU A 1 46  ? 6.223   -6.946  -1.844  1.00 23.81  ? 44  GLU A N   1 
ATOM   326  C CA  . GLU A 1 46  ? 4.815   -6.547  -1.835  1.00 22.13  ? 44  GLU A CA  1 
ATOM   327  C C   . GLU A 1 46  ? 4.634   -5.187  -1.156  1.00 21.62  ? 44  GLU A C   1 
ATOM   328  O O   . GLU A 1 46  ? 3.758   -4.432  -1.539  1.00 22.74  ? 44  GLU A O   1 
ATOM   329  C CB  . GLU A 1 46  ? 3.926   -7.605  -1.136  1.00 21.92  ? 44  GLU A CB  1 
ATOM   330  C CG  . GLU A 1 46  ? 3.646   -8.858  -1.982  1.00 35.97  ? 44  GLU A CG  1 
ATOM   331  C CD  . GLU A 1 46  ? 3.057   -8.554  -3.372  1.00 44.38  ? 44  GLU A CD  1 
ATOM   332  O OE1 . GLU A 1 46  ? 2.082   -7.778  -3.477  1.00 42.38  ? 44  GLU A OE1 1 
ATOM   333  O OE2 . GLU A 1 46  ? 3.570   -9.102  -4.375  1.00 50.77  ? 44  GLU A OE2 1 
ATOM   334  N N   . ARG A 1 47  ? 5.427   -4.891  -0.130  1.00 16.31  ? 45  ARG A N   1 
ATOM   335  C CA  . ARG A 1 47  ? 5.337   -3.575  0.514   1.00 22.69  ? 45  ARG A CA  1 
ATOM   336  C C   . ARG A 1 47  ? 5.771   -2.485  -0.455  1.00 20.10  ? 45  ARG A C   1 
ATOM   337  O O   . ARG A 1 47  ? 5.147   -1.426  -0.529  1.00 22.54  ? 45  ARG A O   1 
ATOM   338  C CB  . ARG A 1 47  ? 6.254   -3.485  1.733   1.00 21.85  ? 45  ARG A CB  1 
ATOM   339  C CG  . ARG A 1 47  ? 5.730   -4.158  2.971   1.00 39.09  ? 45  ARG A CG  1 
ATOM   340  C CD  . ARG A 1 47  ? 6.776   -4.069  4.064   1.00 44.87  ? 45  ARG A CD  1 
ATOM   341  N NE  . ARG A 1 47  ? 6.228   -4.367  5.376   1.00 62.03  ? 45  ARG A NE  1 
ATOM   342  C CZ  . ARG A 1 47  ? 5.550   -3.494  6.112   1.00 67.03  ? 45  ARG A CZ  1 
ATOM   343  N NH1 . ARG A 1 47  ? 5.079   -3.847  7.303   1.00 68.56  ? 45  ARG A NH1 1 
ATOM   344  N NH2 . ARG A 1 47  ? 5.365   -2.261  5.662   1.00 65.64  ? 45  ARG A NH2 1 
ATOM   345  N N   . LYS A 1 48  ? 6.865   -2.729  -1.179  1.00 17.46  ? 46  LYS A N   1 
ATOM   346  C CA  . LYS A 1 48  ? 7.363   -1.746  -2.136  1.00 18.85  ? 46  LYS A CA  1 
ATOM   347  C C   . LYS A 1 48  ? 6.349   -1.503  -3.236  1.00 15.36  ? 46  LYS A C   1 
ATOM   348  O O   . LYS A 1 48  ? 6.176   -0.370  -3.697  1.00 22.48  ? 46  LYS A O   1 
ATOM   349  C CB  . LYS A 1 48  ? 8.693   -2.213  -2.757  1.00 18.07  ? 46  LYS A CB  1 
ATOM   350  C CG  . LYS A 1 48  ? 9.839   -2.178  -1.746  1.00 21.55  ? 46  LYS A CG  1 
ATOM   351  C CD  . LYS A 1 48  ? 11.179  -2.556  -2.386  1.00 26.38  ? 46  LYS A CD  1 
ATOM   352  C CE  . LYS A 1 48  ? 12.307  -2.447  -1.370  1.00 33.04  ? 46  LYS A CE  1 
ATOM   353  N NZ  . LYS A 1 48  ? 13.640  -2.479  -2.047  1.00 34.56  ? 46  LYS A NZ  1 
ATOM   354  N N   . ILE A 1 49  ? 5.686   -2.578  -3.665  1.00 19.76  ? 47  ILE A N   1 
ATOM   355  C CA  . ILE A 1 49  ? 4.662   -2.485  -4.708  1.00 20.00  ? 47  ILE A CA  1 
ATOM   356  C C   . ILE A 1 49  ? 3.507   -1.630  -4.197  1.00 20.40  ? 47  ILE A C   1 
ATOM   357  O O   . ILE A 1 49  ? 3.033   -0.750  -4.893  1.00 18.87  ? 47  ILE A O   1 
ATOM   358  C CB  . ILE A 1 49  ? 4.144   -3.918  -5.106  1.00 21.06  ? 47  ILE A CB  1 
ATOM   359  C CG1 . ILE A 1 49  ? 5.212   -4.619  -5.969  1.00 18.65  ? 47  ILE A CG1 1 
ATOM   360  C CG2 . ILE A 1 49  ? 2.801   -3.831  -5.878  1.00 14.43  ? 47  ILE A CG2 1 
ATOM   361  C CD1 . ILE A 1 49  ? 4.891   -6.128  -6.289  1.00 16.27  ? 47  ILE A CD1 1 
ATOM   362  N N   . ALA A 1 50  ? 3.059   -1.905  -2.976  1.00 14.60  ? 48  ALA A N   1 
ATOM   363  C CA  . ALA A 1 50  ? 1.967   -1.136  -2.390  1.00 25.31  ? 48  ALA A CA  1 
ATOM   364  C C   . ALA A 1 50  ? 2.348   0.355   -2.362  1.00 22.74  ? 48  ALA A C   1 
ATOM   365  O O   . ALA A 1 50  ? 1.521   1.235   -2.661  1.00 23.21  ? 48  ALA A O   1 
ATOM   366  C CB  . ALA A 1 50  ? 1.686   -1.632  -0.957  1.00 19.69  ? 48  ALA A CB  1 
ATOM   367  N N   . MET A 1 51  ? 3.592   0.641   -1.992  1.00 19.80  ? 49  MET A N   1 
ATOM   368  C CA  . MET A 1 51  ? 4.033   2.034   -1.927  1.00 18.61  ? 49  MET A CA  1 
ATOM   369  C C   . MET A 1 51  ? 4.042   2.668   -3.296  1.00 19.18  ? 49  MET A C   1 
ATOM   370  O O   . MET A 1 51  ? 3.562   3.783   -3.455  1.00 22.37  ? 49  MET A O   1 
ATOM   371  C CB  . MET A 1 51  ? 5.423   2.141   -1.293  1.00 16.61  ? 49  MET A CB  1 
ATOM   372  C CG  . MET A 1 51  ? 5.415   1.972   0.203   1.00 26.25  ? 49  MET A CG  1 
ATOM   373  S SD  . MET A 1 51  ? 4.293   3.129   1.043   1.00 30.30  ? 49  MET A SD  1 
ATOM   374  C CE  . MET A 1 51  ? 4.957   4.684   0.582   1.00 20.21  ? 49  MET A CE  1 
ATOM   375  N N   . ALA A 1 52  ? 4.592   1.973   -4.290  1.00 15.64  ? 50  ALA A N   1 
ATOM   376  C CA  . ALA A 1 52  ? 4.604   2.549   -5.617  1.00 19.48  ? 50  ALA A CA  1 
ATOM   377  C C   . ALA A 1 52  ? 3.158   2.780   -6.102  1.00 26.15  ? 50  ALA A C   1 
ATOM   378  O O   . ALA A 1 52  ? 2.875   3.795   -6.738  1.00 21.64  ? 50  ALA A O   1 
ATOM   379  C CB  . ALA A 1 52  ? 5.358   1.646   -6.586  1.00 21.55  ? 50  ALA A CB  1 
ATOM   380  N N   . LYS A 1 53  ? 2.252   1.846   -5.811  1.00 18.80  ? 51  LYS A N   1 
ATOM   381  C CA  . LYS A 1 53  ? 0.858   2.014   -6.222  1.00 20.62  ? 51  LYS A CA  1 
ATOM   382  C C   . LYS A 1 53  ? 0.207   3.244   -5.576  1.00 18.84  ? 51  LYS A C   1 
ATOM   383  O O   . LYS A 1 53  ? -0.540  3.960   -6.231  1.00 19.19  ? 51  LYS A O   1 
ATOM   384  C CB  . LYS A 1 53  ? 0.040   0.764   -5.878  1.00 16.32  ? 51  LYS A CB  1 
ATOM   385  C CG  . LYS A 1 53  ? 0.295   -0.420  -6.824  1.00 23.88  ? 51  LYS A CG  1 
ATOM   386  C CD  . LYS A 1 53  ? -0.565  -1.625  -6.399  1.00 23.57  ? 51  LYS A CD  1 
ATOM   387  C CE  . LYS A 1 53  ? -0.459  -2.763  -7.390  1.00 26.16  ? 51  LYS A CE  1 
ATOM   388  N NZ  . LYS A 1 53  ? -1.015  -4.018  -6.760  1.00 37.22  ? 51  LYS A NZ  1 
ATOM   389  N N   . ALA A 1 54  ? 0.532   3.495   -4.312  1.00 18.08  ? 52  ALA A N   1 
ATOM   390  C CA  . ALA A 1 54  ? -0.021  4.616   -3.581  1.00 22.77  ? 52  ALA A CA  1 
ATOM   391  C C   . ALA A 1 54  ? 0.247   5.958   -4.256  1.00 25.86  ? 52  ALA A C   1 
ATOM   392  O O   . ALA A 1 54  ? -0.575  6.874   -4.172  1.00 21.70  ? 52  ALA A O   1 
ATOM   393  C CB  . ALA A 1 54  ? 0.543   4.641   -2.170  1.00 14.80  ? 52  ALA A CB  1 
ATOM   394  N N   . TYR A 1 55  ? 1.409   6.073   -4.891  1.00 21.92  ? 53  TYR A N   1 
ATOM   395  C CA  . TYR A 1 55  ? 1.772   7.294   -5.580  1.00 22.21  ? 53  TYR A CA  1 
ATOM   396  C C   . TYR A 1 55  ? 1.047   7.472   -6.915  1.00 25.62  ? 53  TYR A C   1 
ATOM   397  O O   . TYR A 1 55  ? 1.287   8.452   -7.604  1.00 27.70  ? 53  TYR A O   1 
ATOM   398  C CB  . TYR A 1 55  ? 3.291   7.352   -5.792  1.00 17.87  ? 53  TYR A CB  1 
ATOM   399  C CG  . TYR A 1 55  ? 3.995   7.794   -4.540  1.00 21.21  ? 53  TYR A CG  1 
ATOM   400  C CD1 . TYR A 1 55  ? 4.626   6.867   -3.695  1.00 16.46  ? 53  TYR A CD1 1 
ATOM   401  C CD2 . TYR A 1 55  ? 3.967   9.132   -4.154  1.00 19.60  ? 53  TYR A CD2 1 
ATOM   402  C CE1 . TYR A 1 55  ? 5.209   7.273   -2.488  1.00 19.99  ? 53  TYR A CE1 1 
ATOM   403  C CE2 . TYR A 1 55  ? 4.544   9.545   -2.949  1.00 26.34  ? 53  TYR A CE2 1 
ATOM   404  C CZ  . TYR A 1 55  ? 5.159   8.604   -2.125  1.00 17.53  ? 53  TYR A CZ  1 
ATOM   405  O OH  . TYR A 1 55  ? 5.697   9.006   -0.936  1.00 27.89  ? 53  TYR A OH  1 
ATOM   406  N N   . MET A 1 56  ? 0.192   6.517   -7.292  1.00 21.35  ? 54  MET A N   1 
ATOM   407  C CA  . MET A 1 56  ? -0.600  6.635   -8.524  1.00 28.24  ? 54  MET A CA  1 
ATOM   408  C C   . MET A 1 56  ? -2.069  6.846   -8.131  1.00 33.09  ? 54  MET A C   1 
ATOM   409  O O   . MET A 1 56  ? -2.950  6.851   -8.984  1.00 32.62  ? 54  MET A O   1 
ATOM   410  C CB  . MET A 1 56  ? -0.498  5.380   -9.405  1.00 33.55  ? 54  MET A CB  1 
ATOM   411  C CG  . MET A 1 56  ? 0.919   5.061   -9.882  1.00 31.82  ? 54  MET A CG  1 
ATOM   412  S SD  . MET A 1 56  ? 1.012   3.891   -11.246 1.00 29.93  ? 54  MET A SD  1 
ATOM   413  C CE  . MET A 1 56  ? 0.170   2.512   -10.596 1.00 35.34  ? 54  MET A CE  1 
ATOM   414  N N   . LEU A 1 57  ? -2.325  7.015   -6.837  1.00 30.89  ? 55  LEU A N   1 
ATOM   415  C CA  . LEU A 1 57  ? -3.690  7.245   -6.363  1.00 37.17  ? 55  LEU A CA  1 
ATOM   416  C C   . LEU A 1 57  ? -3.864  8.666   -5.837  1.00 37.18  ? 55  LEU A C   1 
ATOM   417  O O   . LEU A 1 57  ? -2.894  9.407   -5.659  1.00 37.86  ? 55  LEU A O   1 
ATOM   418  C CB  . LEU A 1 57  ? -4.069  6.249   -5.263  1.00 29.24  ? 55  LEU A CB  1 
ATOM   419  C CG  . LEU A 1 57  ? -4.087  4.772   -5.677  1.00 38.29  ? 55  LEU A CG  1 
ATOM   420  C CD1 . LEU A 1 57  ? -4.493  3.936   -4.471  1.00 32.28  ? 55  LEU A CD1 1 
ATOM   421  C CD2 . LEU A 1 57  ? -5.068  4.544   -6.835  1.00 28.06  ? 55  LEU A CD2 1 
ATOM   422  N N   . ASN A 1 58  ? -5.113  9.030   -5.557  1.00 38.70  ? 56  ASN A N   1 
ATOM   423  C CA  . ASN A 1 58  ? -5.421  10.374  -5.081  1.00 38.03  ? 56  ASN A CA  1 
ATOM   424  C C   . ASN A 1 58  ? -5.812  10.333  -3.613  1.00 34.55  ? 56  ASN A C   1 
ATOM   425  O O   . ASN A 1 58  ? -6.843  9.764   -3.238  1.00 33.52  ? 56  ASN A O   1 
ATOM   426  C CB  . ASN A 1 58  ? -6.551  10.962  -5.941  1.00 45.10  ? 56  ASN A CB  1 
ATOM   427  C CG  . ASN A 1 58  ? -6.661  12.473  -5.828  1.00 51.22  ? 56  ASN A CG  1 
ATOM   428  O OD1 . ASN A 1 58  ? -7.441  13.097  -6.557  1.00 62.80  ? 56  ASN A OD1 1 
ATOM   429  N ND2 . ASN A 1 58  ? -5.889  13.072  -4.924  1.00 47.77  ? 56  ASN A ND2 1 
ATOM   430  N N   . PRO A 1 59  ? -4.975  10.929  -2.754  1.00 29.67  ? 57  PRO A N   1 
ATOM   431  C CA  . PRO A 1 59  ? -5.187  10.979  -1.311  1.00 30.41  ? 57  PRO A CA  1 
ATOM   432  C C   . PRO A 1 59  ? -6.536  11.620  -0.967  1.00 41.72  ? 57  PRO A C   1 
ATOM   433  O O   . PRO A 1 59  ? -7.128  11.318  0.070   1.00 39.81  ? 57  PRO A O   1 
ATOM   434  C CB  . PRO A 1 59  ? -4.011  11.808  -0.825  1.00 35.04  ? 57  PRO A CB  1 
ATOM   435  C CG  . PRO A 1 59  ? -2.942  11.515  -1.838  1.00 31.59  ? 57  PRO A CG  1 
ATOM   436  C CD  . PRO A 1 59  ? -3.710  11.583  -3.120  1.00 35.68  ? 57  PRO A CD  1 
ATOM   437  N N   . ALA A 1 60  ? -7.019  12.492  -1.850  1.00 44.26  ? 58  ALA A N   1 
ATOM   438  C CA  . ALA A 1 60  ? -8.291  13.185  -1.643  1.00 48.53  ? 58  ALA A CA  1 
ATOM   439  C C   . ALA A 1 60  ? -9.488  12.239  -1.626  1.00 49.15  ? 58  ALA A C   1 
ATOM   440  O O   . ALA A 1 60  ? -10.495 12.543  -0.996  1.00 52.58  ? 58  ALA A O   1 
ATOM   441  C CB  . ALA A 1 60  ? -8.494  14.258  -2.722  1.00 45.49  ? 58  ALA A CB  1 
ATOM   442  N N   . ASP A 1 61  ? -9.386  11.106  -2.320  1.00 45.21  ? 59  ASP A N   1 
ATOM   443  C CA  . ASP A 1 61  ? -10.471 10.135  -2.352  1.00 43.19  ? 59  ASP A CA  1 
ATOM   444  C C   . ASP A 1 61  ? -10.707 9.504   -0.985  1.00 42.74  ? 59  ASP A C   1 
ATOM   445  O O   . ASP A 1 61  ? -11.697 8.798   -0.777  1.00 43.87  ? 59  ASP A O   1 
ATOM   446  C CB  . ASP A 1 61  ? -10.165 9.018   -3.350  1.00 51.19  ? 59  ASP A CB  1 
ATOM   447  C CG  . ASP A 1 61  ? -9.968  9.530   -4.752  1.00 56.50  ? 59  ASP A CG  1 
ATOM   448  O OD1 . ASP A 1 61  ? -9.777  8.694   -5.665  1.00 55.23  ? 59  ASP A OD1 1 
ATOM   449  O OD2 . ASP A 1 61  ? -10.003 10.765  -4.937  1.00 59.52  ? 59  ASP A OD2 1 
ATOM   450  N N   . PHE A 1 62  ? -9.793  9.745   -0.054  1.00 41.20  ? 60  PHE A N   1 
ATOM   451  C CA  . PHE A 1 62  ? -9.919  9.166   1.277   1.00 43.41  ? 60  PHE A CA  1 
ATOM   452  C C   . PHE A 1 62  ? -10.196 10.242  2.310   1.00 41.72  ? 60  PHE A C   1 
ATOM   453  O O   . PHE A 1 62  ? -9.652  11.344  2.223   1.00 40.36  ? 60  PHE A O   1 
ATOM   454  C CB  . PHE A 1 62  ? -8.661  8.350   1.599   1.00 35.46  ? 60  PHE A CB  1 
ATOM   455  C CG  . PHE A 1 62  ? -8.387  7.289   0.574   1.00 42.02  ? 60  PHE A CG  1 
ATOM   456  C CD1 . PHE A 1 62  ? -7.647  7.584   -0.566  1.00 34.98  ? 60  PHE A CD1 1 
ATOM   457  C CD2 . PHE A 1 62  ? -8.985  6.035   0.679   1.00 38.52  ? 60  PHE A CD2 1 
ATOM   458  C CE1 . PHE A 1 62  ? -7.506  6.653   -1.583  1.00 36.84  ? 60  PHE A CE1 1 
ATOM   459  C CE2 . PHE A 1 62  ? -8.853  5.102   -0.327  1.00 40.71  ? 60  PHE A CE2 1 
ATOM   460  C CZ  . PHE A 1 62  ? -8.111  5.414   -1.469  1.00 41.28  ? 60  PHE A CZ  1 
ATOM   461  N N   . HIS A 1 63  ? -11.041 9.917   3.288   1.00 39.22  ? 61  HIS A N   1 
ATOM   462  C CA  . HIS A 1 63  ? -11.439 10.901  4.292   1.00 42.59  ? 61  HIS A CA  1 
ATOM   463  C C   . HIS A 1 63  ? -11.372 10.421  5.741   1.00 39.13  ? 61  HIS A C   1 
ATOM   464  O O   . HIS A 1 63  ? -11.630 9.259   6.040   1.00 39.85  ? 61  HIS A O   1 
ATOM   465  C CB  . HIS A 1 63  ? -12.876 11.386  3.998   1.00 41.84  ? 61  HIS A CB  1 
ATOM   466  C CG  . HIS A 1 63  ? -13.141 11.681  2.551   1.00 43.13  ? 61  HIS A CG  1 
ATOM   467  N ND1 . HIS A 1 63  ? -13.451 10.696  1.629   1.00 54.22  ? 61  HIS A ND1 1 
ATOM   468  C CD2 . HIS A 1 63  ? -13.117 12.837  1.848   1.00 49.69  ? 61  HIS A CD2 1 
ATOM   469  C CE1 . HIS A 1 63  ? -13.606 11.237  0.438   1.00 53.83  ? 61  HIS A CE1 1 
ATOM   470  N NE2 . HIS A 1 63  ? -13.408 12.544  0.542   1.00 53.60  ? 61  HIS A NE2 1 
ATOM   471  N N   . PRO A 1 64  ? -11.028 11.330  6.662   1.00 36.42  ? 62  PRO A N   1 
ATOM   472  C CA  . PRO A 1 64  ? -10.940 10.999  8.081   1.00 40.45  ? 62  PRO A CA  1 
ATOM   473  C C   . PRO A 1 64  ? -12.333 10.579  8.554   1.00 42.97  ? 62  PRO A C   1 
ATOM   474  O O   . PRO A 1 64  ? -13.337 11.071  8.048   1.00 40.55  ? 62  PRO A O   1 
ATOM   475  C CB  . PRO A 1 64  ? -10.494 12.314  8.721   1.00 38.51  ? 62  PRO A CB  1 
ATOM   476  C CG  . PRO A 1 64  ? -9.805  13.050  7.584   1.00 41.12  ? 62  PRO A CG  1 
ATOM   477  C CD  . PRO A 1 64  ? -10.685 12.743  6.423   1.00 39.10  ? 62  PRO A CD  1 
ATOM   478  N N   . GLY A 1 65  ? -12.390 9.676   9.527   1.00 43.55  ? 63  GLY A N   1 
ATOM   479  C CA  . GLY A 1 65  ? -13.675 9.233   10.016  1.00 48.68  ? 63  GLY A CA  1 
ATOM   480  C C   . GLY A 1 65  ? -14.258 8.112   9.188   1.00 47.01  ? 63  GLY A C   1 
ATOM   481  O O   . GLY A 1 65  ? -15.098 7.358   9.676   1.00 51.25  ? 63  GLY A O   1 
ATOM   482  N N   . GLU A 1 66  ? -13.827 8.002   7.935   1.00 44.00  ? 64  GLU A N   1 
ATOM   483  C CA  . GLU A 1 66  ? -14.318 6.934   7.072   1.00 44.68  ? 64  GLU A CA  1 
ATOM   484  C C   . GLU A 1 66  ? -13.648 5.596   7.409   1.00 43.49  ? 64  GLU A C   1 
ATOM   485  O O   . GLU A 1 66  ? -12.545 5.552   7.969   1.00 44.16  ? 64  GLU A O   1 
ATOM   486  C CB  . GLU A 1 66  ? -14.071 7.287   5.610   1.00 46.46  ? 64  GLU A CB  1 
ATOM   487  C CG  . GLU A 1 66  ? -15.321 7.630   4.826   1.00 62.25  ? 64  GLU A CG  1 
ATOM   488  C CD  . GLU A 1 66  ? -16.101 8.782   5.430   1.00 71.28  ? 64  GLU A CD  1 
ATOM   489  O OE1 . GLU A 1 66  ? -16.719 8.594   6.501   1.00 75.04  ? 64  GLU A OE1 1 
ATOM   490  O OE2 . GLU A 1 66  ? -16.096 9.879   4.828   1.00 78.53  ? 64  GLU A OE2 1 
ATOM   491  N N   . ILE A 1 67  ? -14.326 4.511   7.062   1.00 41.11  ? 65  ILE A N   1 
ATOM   492  C CA  . ILE A 1 67  ? -13.849 3.161   7.326   1.00 39.07  ? 65  ILE A CA  1 
ATOM   493  C C   . ILE A 1 67  ? -13.757 2.448   5.980   1.00 43.80  ? 65  ILE A C   1 
ATOM   494  O O   . ILE A 1 67  ? -14.687 2.532   5.158   1.00 40.18  ? 65  ILE A O   1 
ATOM   495  C CB  . ILE A 1 67  ? -14.851 2.402   8.228   1.00 44.86  ? 65  ILE A CB  1 
ATOM   496  C CG1 . ILE A 1 67  ? -15.197 3.263   9.445   1.00 43.94  ? 65  ILE A CG1 1 
ATOM   497  C CG2 . ILE A 1 67  ? -14.265 1.061   8.675   1.00 42.22  ? 65  ILE A CG2 1 
ATOM   498  C CD1 . ILE A 1 67  ? -16.451 2.824   10.166  1.00 44.12  ? 65  ILE A CD1 1 
ATOM   499  N N   . TYR A 1 68  ? -12.649 1.751   5.733   1.00 33.78  ? 66  TYR A N   1 
ATOM   500  C CA  . TYR A 1 68  ? -12.524 1.060   4.451   1.00 36.67  ? 66  TYR A CA  1 
ATOM   501  C C   . TYR A 1 68  ? -12.103 -0.405  4.538   1.00 32.69  ? 66  TYR A C   1 
ATOM   502  O O   . TYR A 1 68  ? -11.444 -0.814  5.486   1.00 31.96  ? 66  TYR A O   1 
ATOM   503  C CB  . TYR A 1 68  ? -11.499 1.775   3.544   1.00 39.91  ? 66  TYR A CB  1 
ATOM   504  C CG  . TYR A 1 68  ? -11.696 3.267   3.393   1.00 42.93  ? 66  TYR A CG  1 
ATOM   505  C CD1 . TYR A 1 68  ? -11.297 4.146   4.396   1.00 44.06  ? 66  TYR A CD1 1 
ATOM   506  C CD2 . TYR A 1 68  ? -12.308 3.793   2.264   1.00 44.88  ? 66  TYR A CD2 1 
ATOM   507  C CE1 . TYR A 1 68  ? -11.507 5.507   4.278   1.00 48.80  ? 66  TYR A CE1 1 
ATOM   508  C CE2 . TYR A 1 68  ? -12.526 5.157   2.131   1.00 49.56  ? 66  TYR A CE2 1 
ATOM   509  C CZ  . TYR A 1 68  ? -12.126 6.011   3.143   1.00 50.42  ? 66  TYR A CZ  1 
ATOM   510  O OH  . TYR A 1 68  ? -12.365 7.366   3.024   1.00 50.65  ? 66  TYR A OH  1 
ATOM   511  N N   . GLU A 1 69  ? -12.484 -1.182  3.528   1.00 36.49  ? 67  GLU A N   1 
ATOM   512  C CA  . GLU A 1 69  ? -12.048 -2.566  3.448   1.00 43.22  ? 67  GLU A CA  1 
ATOM   513  C C   . GLU A 1 69  ? -10.549 -2.480  3.165   1.00 41.89  ? 67  GLU A C   1 
ATOM   514  O O   . GLU A 1 69  ? -10.093 -1.581  2.441   1.00 38.96  ? 67  GLU A O   1 
ATOM   515  C CB  . GLU A 1 69  ? -12.660 -3.289  2.255   1.00 46.62  ? 67  GLU A CB  1 
ATOM   516  C CG  . GLU A 1 69  ? -14.100 -3.657  2.369   1.00 59.12  ? 67  GLU A CG  1 
ATOM   517  C CD  . GLU A 1 69  ? -14.414 -4.870  1.522   1.00 59.07  ? 67  GLU A CD  1 
ATOM   518  O OE1 . GLU A 1 69  ? -13.890 -5.963  1.848   1.00 55.83  ? 67  GLU A OE1 1 
ATOM   519  O OE2 . GLU A 1 69  ? -15.166 -4.726  0.534   1.00 60.81  ? 67  GLU A OE2 1 
ATOM   520  N N   . ILE A 1 70  ? -9.792  -3.419  3.711   1.00 41.93  ? 68  ILE A N   1 
ATOM   521  C CA  . ILE A 1 70  ? -8.353  -3.449  3.502   1.00 42.15  ? 68  ILE A CA  1 
ATOM   522  C C   . ILE A 1 70  ? -8.016  -4.372  2.341   1.00 44.75  ? 68  ILE A C   1 
ATOM   523  O O   . ILE A 1 70  ? -8.263  -5.576  2.409   1.00 46.94  ? 68  ILE A O   1 
ATOM   524  C CB  . ILE A 1 70  ? -7.639  -3.931  4.761   1.00 43.99  ? 68  ILE A CB  1 
ATOM   525  C CG1 . ILE A 1 70  ? -7.957  -2.963  5.911   1.00 42.19  ? 68  ILE A CG1 1 
ATOM   526  C CG2 . ILE A 1 70  ? -6.120  -4.072  4.492   1.00 42.90  ? 68  ILE A CG2 1 
ATOM   527  C CD1 . ILE A 1 70  ? -7.446  -3.412  7.288   1.00 38.16  ? 68  ILE A CD1 1 
ATOM   528  N N   . GLU A 1 71  ? -7.461  -3.789  1.281   1.00 44.57  ? 69  GLU A N   1 
ATOM   529  C CA  . GLU A 1 71  ? -7.067  -4.511  0.071   1.00 44.27  ? 69  GLU A CA  1 
ATOM   530  C C   . GLU A 1 71  ? -6.200  -5.712  0.414   1.00 40.94  ? 69  GLU A C   1 
ATOM   531  O O   . GLU A 1 71  ? -5.296  -5.609  1.227   1.00 45.70  ? 69  GLU A O   1 
ATOM   532  C CB  . GLU A 1 71  ? -6.286  -3.584  -0.862  1.00 46.79  ? 69  GLU A CB  1 
ATOM   533  C CG  . GLU A 1 71  ? -6.193  -4.064  -2.305  1.00 60.58  ? 69  GLU A CG  1 
ATOM   534  C CD  . GLU A 1 71  ? -7.442  -3.736  -3.096  1.00 67.31  ? 69  GLU A CD  1 
ATOM   535  O OE1 . GLU A 1 71  ? -8.527  -4.210  -2.711  1.00 69.82  ? 69  GLU A OE1 1 
ATOM   536  O OE2 . GLU A 1 71  ? -7.341  -2.994  -4.098  1.00 74.55  ? 69  GLU A OE2 1 
ATOM   537  N N   . GLY A 1 72  ? -6.485  -6.847  -0.212  1.00 43.77  ? 70  GLY A N   1 
ATOM   538  C CA  . GLY A 1 72  ? -5.717  -8.048  0.051   1.00 44.89  ? 70  GLY A CA  1 
ATOM   539  C C   . GLY A 1 72  ? -6.081  -8.687  1.375   1.00 54.13  ? 70  GLY A C   1 
ATOM   540  O O   . GLY A 1 72  ? -5.348  -9.535  1.882   1.00 53.96  ? 70  GLY A O   1 
ATOM   541  N N   . ALA A 1 73  ? -7.208  -8.283  1.954   1.00 52.27  ? 71  ALA A N   1 
ATOM   542  C CA  . ALA A 1 73  ? -7.628  -8.852  3.226   1.00 54.84  ? 71  ALA A CA  1 
ATOM   543  C C   . ALA A 1 73  ? -9.139  -8.743  3.405   1.00 56.90  ? 71  ALA A C   1 
ATOM   544  O O   . ALA A 1 73  ? -9.637  -7.879  4.127   1.00 57.34  ? 71  ALA A O   1 
ATOM   545  C CB  . ALA A 1 73  ? -6.898  -8.157  4.372   1.00 48.48  ? 71  ALA A CB  1 
ATOM   546  N N   . PRO A 1 74  ? -9.891  -9.633  2.748   1.00 59.90  ? 72  PRO A N   1 
ATOM   547  C CA  . PRO A 1 74  ? -11.360 -9.661  2.814   1.00 61.14  ? 72  PRO A CA  1 
ATOM   548  C C   . PRO A 1 74  ? -11.919 -9.662  4.240   1.00 58.23  ? 72  PRO A C   1 
ATOM   549  O O   . PRO A 1 74  ? -11.356 -10.293 5.135   1.00 56.64  ? 72  PRO A O   1 
ATOM   550  C CB  . PRO A 1 74  ? -11.712 -10.946 2.065   1.00 63.40  ? 72  PRO A CB  1 
ATOM   551  C CG  . PRO A 1 74  ? -10.578 -11.084 1.078   1.00 64.02  ? 72  PRO A CG  1 
ATOM   552  C CD  . PRO A 1 74  ? -9.378  -10.743 1.927   1.00 60.84  ? 72  PRO A CD  1 
ATOM   553  N N   . GLY A 1 75  ? -13.025 -8.949  4.444   1.00 58.63  ? 73  GLY A N   1 
ATOM   554  C CA  . GLY A 1 75  ? -13.644 -8.895  5.760   1.00 59.03  ? 73  GLY A CA  1 
ATOM   555  C C   . GLY A 1 75  ? -12.960 -8.036  6.816   1.00 60.22  ? 73  GLY A C   1 
ATOM   556  O O   . GLY A 1 75  ? -13.456 -7.926  7.942   1.00 63.36  ? 73  GLY A O   1 
ATOM   557  N N   . GLU A 1 76  ? -11.829 -7.424  6.482   1.00 55.72  ? 74  GLU A N   1 
ATOM   558  C CA  . GLU A 1 76  ? -11.136 -6.576  7.448   1.00 50.07  ? 74  GLU A CA  1 
ATOM   559  C C   . GLU A 1 76  ? -11.308 -5.111  7.055   1.00 47.76  ? 74  GLU A C   1 
ATOM   560  O O   . GLU A 1 76  ? -11.361 -4.781  5.865   1.00 43.43  ? 74  GLU A O   1 
ATOM   561  C CB  . GLU A 1 76  ? -9.676  -6.977  7.519   1.00 52.00  ? 74  GLU A CB  1 
ATOM   562  C CG  . GLU A 1 76  ? -9.539  -8.460  7.721   1.00 61.44  ? 74  GLU A CG  1 
ATOM   563  C CD  . GLU A 1 76  ? -8.173  -8.851  8.187   1.00 70.65  ? 74  GLU A CD  1 
ATOM   564  O OE1 . GLU A 1 76  ? -7.724  -8.268  9.198   1.00 77.83  ? 74  GLU A OE1 1 
ATOM   565  O OE2 . GLU A 1 76  ? -7.557  -9.735  7.551   1.00 74.24  ? 74  GLU A OE2 1 
ATOM   566  N N   . TYR A 1 77  ? -11.422 -4.236  8.052   1.00 43.55  ? 75  TYR A N   1 
ATOM   567  C CA  . TYR A 1 77  ? -11.648 -2.817  7.788   1.00 38.02  ? 75  TYR A CA  1 
ATOM   568  C C   . TYR A 1 77  ? -10.711 -1.914  8.543   1.00 35.82  ? 75  TYR A C   1 
ATOM   569  O O   . TYR A 1 77  ? -10.207 -2.267  9.615   1.00 37.86  ? 75  TYR A O   1 
ATOM   570  C CB  . TYR A 1 77  ? -13.113 -2.428  8.098   1.00 32.65  ? 75  TYR A CB  1 
ATOM   571  C CG  . TYR A 1 77  ? -14.106 -2.993  7.103   1.00 33.96  ? 75  TYR A CG  1 
ATOM   572  C CD1 . TYR A 1 77  ? -14.486 -4.341  7.146   1.00 37.06  ? 75  TYR A CD1 1 
ATOM   573  C CD2 . TYR A 1 77  ? -14.597 -2.205  6.062   1.00 37.65  ? 75  TYR A CD2 1 
ATOM   574  C CE1 . TYR A 1 77  ? -15.317 -4.887  6.177   1.00 31.41  ? 75  TYR A CE1 1 
ATOM   575  C CE2 . TYR A 1 77  ? -15.424 -2.739  5.091   1.00 39.46  ? 75  TYR A CE2 1 
ATOM   576  C CZ  . TYR A 1 77  ? -15.781 -4.080  5.146   1.00 41.77  ? 75  TYR A CZ  1 
ATOM   577  O OH  . TYR A 1 77  ? -16.590 -4.608  4.148   1.00 39.73  ? 75  TYR A OH  1 
ATOM   578  N N   . PHE A 1 78  ? -10.501 -0.728  7.985   1.00 35.87  ? 76  PHE A N   1 
ATOM   579  C CA  . PHE A 1 78  ? -9.599  0.247   8.582   1.00 32.71  ? 76  PHE A CA  1 
ATOM   580  C C   . PHE A 1 78  ? -10.343 1.559   8.783   1.00 32.97  ? 76  PHE A C   1 
ATOM   581  O O   . PHE A 1 78  ? -11.015 2.055   7.883   1.00 34.33  ? 76  PHE A O   1 
ATOM   582  C CB  . PHE A 1 78  ? -8.395  0.452   7.638   1.00 30.65  ? 76  PHE A CB  1 
ATOM   583  C CG  . PHE A 1 78  ? -7.275  1.258   8.224   1.00 27.09  ? 76  PHE A CG  1 
ATOM   584  C CD1 . PHE A 1 78  ? -7.059  2.568   7.810   1.00 27.25  ? 76  PHE A CD1 1 
ATOM   585  C CD2 . PHE A 1 78  ? -6.400  0.691   9.151   1.00 30.30  ? 76  PHE A CD2 1 
ATOM   586  C CE1 . PHE A 1 78  ? -5.984  3.298   8.285   1.00 25.58  ? 76  PHE A CE1 1 
ATOM   587  C CE2 . PHE A 1 78  ? -5.308  1.415   9.646   1.00 32.14  ? 76  PHE A CE2 1 
ATOM   588  C CZ  . PHE A 1 78  ? -5.101  2.729   9.210   1.00 35.47  ? 76  PHE A CZ  1 
ATOM   589  N N   . LYS A 1 79  ? -10.205 2.129   9.967   1.00 37.77  ? 77  LYS A N   1 
ATOM   590  C CA  . LYS A 1 79  ? -10.871 3.377   10.276  1.00 40.87  ? 77  LYS A CA  1 
ATOM   591  C C   . LYS A 1 79  ? -9.836  4.484   10.175  1.00 36.61  ? 77  LYS A C   1 
ATOM   592  O O   . LYS A 1 79  ? -8.877  4.507   10.931  1.00 37.59  ? 77  LYS A O   1 
ATOM   593  C CB  . LYS A 1 79  ? -11.434 3.314   11.689  1.00 44.51  ? 77  LYS A CB  1 
ATOM   594  C CG  . LYS A 1 79  ? -12.691 4.122   11.870  1.00 57.00  ? 77  LYS A CG  1 
ATOM   595  C CD  . LYS A 1 79  ? -12.463 5.583   11.638  1.00 53.67  ? 77  LYS A CD  1 
ATOM   596  C CE  . LYS A 1 79  ? -13.723 6.344   12.020  1.00 67.62  ? 77  LYS A CE  1 
ATOM   597  N NZ  . LYS A 1 79  ? -14.193 5.938   13.377  1.00 58.44  ? 77  LYS A NZ  1 
ATOM   598  N N   . VAL A 1 80  ? -10.039 5.407   9.246   1.00 39.54  ? 78  VAL A N   1 
ATOM   599  C CA  . VAL A 1 80  ? -9.079  6.480   9.052   1.00 40.63  ? 78  VAL A CA  1 
ATOM   600  C C   . VAL A 1 80  ? -9.192  7.635   10.049  1.00 43.06  ? 78  VAL A C   1 
ATOM   601  O O   . VAL A 1 80  ? -10.243 8.254   10.194  1.00 44.74  ? 78  VAL A O   1 
ATOM   602  C CB  . VAL A 1 80  ? -9.201  7.069   7.646   1.00 41.30  ? 78  VAL A CB  1 
ATOM   603  C CG1 . VAL A 1 80  ? -8.198  8.205   7.482   1.00 32.57  ? 78  VAL A CG1 1 
ATOM   604  C CG2 . VAL A 1 80  ? -9.005  5.967   6.599   1.00 36.82  ? 78  VAL A CG2 1 
ATOM   605  N N   . ARG A 1 81  ? -8.094  7.921   10.730  1.00 39.39  ? 79  ARG A N   1 
ATOM   606  C CA  . ARG A 1 81  ? -8.054  9.016   11.668  1.00 38.28  ? 79  ARG A CA  1 
ATOM   607  C C   . ARG A 1 81  ? -7.644  10.222  10.835  1.00 41.47  ? 79  ARG A C   1 
ATOM   608  O O   . ARG A 1 81  ? -8.314  11.251  10.846  1.00 36.69  ? 79  ARG A O   1 
ATOM   609  C CB  . ARG A 1 81  ? -7.029  8.735   12.774  1.00 38.03  ? 79  ARG A CB  1 
ATOM   610  C CG  . ARG A 1 81  ? -6.769  9.920   13.701  1.00 51.28  ? 79  ARG A CG  1 
ATOM   611  C CD  . ARG A 1 81  ? -5.593  9.644   14.642  1.00 58.10  ? 79  ARG A CD  1 
ATOM   612  N NE  . ARG A 1 81  ? -5.022  10.890  15.149  1.00 65.06  ? 79  ARG A NE  1 
ATOM   613  C CZ  . ARG A 1 81  ? -3.859  10.988  15.787  1.00 67.44  ? 79  ARG A CZ  1 
ATOM   614  N NH1 . ARG A 1 81  ? -3.120  9.911   16.015  1.00 69.35  ? 79  ARG A NH1 1 
ATOM   615  N NH2 . ARG A 1 81  ? -3.424  12.173  16.185  1.00 74.50  ? 79  ARG A NH2 1 
ATOM   616  N N   . TYR A 1 82  ? -6.543  10.097  10.097  1.00 42.64  ? 80  TYR A N   1 
ATOM   617  C CA  . TYR A 1 82  ? -6.116  11.211  9.257   1.00 46.46  ? 80  TYR A CA  1 
ATOM   618  C C   . TYR A 1 82  ? -5.148  10.805  8.157   1.00 44.93  ? 80  TYR A C   1 
ATOM   619  O O   . TYR A 1 82  ? -4.448  9.799   8.268   1.00 41.80  ? 80  TYR A O   1 
ATOM   620  C CB  . TYR A 1 82  ? -5.498  12.310  10.116  1.00 42.18  ? 80  TYR A CB  1 
ATOM   621  C CG  . TYR A 1 82  ? -4.114  12.004  10.604  1.00 45.12  ? 80  TYR A CG  1 
ATOM   622  C CD1 . TYR A 1 82  ? -2.997  12.442  9.894   1.00 50.35  ? 80  TYR A CD1 1 
ATOM   623  C CD2 . TYR A 1 82  ? -3.914  11.275  11.773  1.00 43.87  ? 80  TYR A CD2 1 
ATOM   624  C CE1 . TYR A 1 82  ? -1.707  12.163  10.338  1.00 47.72  ? 80  TYR A CE1 1 
ATOM   625  C CE2 . TYR A 1 82  ? -2.632  10.988  12.226  1.00 51.28  ? 80  TYR A CE2 1 
ATOM   626  C CZ  . TYR A 1 82  ? -1.533  11.437  11.501  1.00 51.87  ? 80  TYR A CZ  1 
ATOM   627  O OH  . TYR A 1 82  ? -0.259  11.161  11.940  1.00 57.47  ? 80  TYR A OH  1 
ATOM   628  N N   . LEU A 1 83  ? -5.122  11.611  7.102   1.00 42.30  ? 81  LEU A N   1 
ATOM   629  C CA  . LEU A 1 83  ? -4.262  11.382  5.961   1.00 39.96  ? 81  LEU A CA  1 
ATOM   630  C C   . LEU A 1 83  ? -3.025  12.286  5.962   1.00 46.24  ? 81  LEU A C   1 
ATOM   631  O O   . LEU A 1 83  ? -3.067  13.435  6.414   1.00 44.04  ? 81  LEU A O   1 
ATOM   632  C CB  . LEU A 1 83  ? -5.048  11.601  4.676   1.00 38.08  ? 81  LEU A CB  1 
ATOM   633  C CG  . LEU A 1 83  ? -6.178  10.630  4.316   1.00 45.15  ? 81  LEU A CG  1 
ATOM   634  C CD1 . LEU A 1 83  ? -5.640  9.212   4.302   1.00 43.88  ? 81  LEU A CD1 1 
ATOM   635  C CD2 . LEU A 1 83  ? -7.329  10.765  5.297   1.00 39.79  ? 81  LEU A CD2 1 
ATOM   636  N N   . LYS A 1 84  ? -1.922  11.755  5.441   1.00 44.26  ? 82  LYS A N   1 
ATOM   637  C CA  . LYS A 1 84  ? -0.655  12.473  5.373   1.00 43.35  ? 82  LYS A CA  1 
ATOM   638  C C   . LYS A 1 84  ? 0.183   11.894  4.237   1.00 39.92  ? 82  LYS A C   1 
ATOM   639  O O   . LYS A 1 84  ? 0.695   10.784  4.346   1.00 41.28  ? 82  LYS A O   1 
ATOM   640  C CB  . LYS A 1 84  ? 0.100   12.317  6.693   1.00 49.19  ? 82  LYS A CB  1 
ATOM   641  C CG  . LYS A 1 84  ? -0.203  13.390  7.711   1.00 64.36  ? 82  LYS A CG  1 
ATOM   642  C CD  . LYS A 1 84  ? 0.529   14.683  7.383   1.00 72.21  ? 82  LYS A CD  1 
ATOM   643  C CE  . LYS A 1 84  ? 2.009   14.593  7.739   1.00 75.21  ? 82  LYS A CE  1 
ATOM   644  N NZ  . LYS A 1 84  ? 2.680   13.430  7.100   1.00 76.26  ? 82  LYS A NZ  1 
ATOM   645  N N   . GLY A 1 85  ? 0.325   12.648  3.155   1.00 41.15  ? 83  GLY A N   1 
ATOM   646  C CA  . GLY A 1 85  ? 1.091   12.155  2.024   1.00 38.48  ? 83  GLY A CA  1 
ATOM   647  C C   . GLY A 1 85  ? 0.278   11.043  1.394   1.00 39.44  ? 83  GLY A C   1 
ATOM   648  O O   . GLY A 1 85  ? -0.909  11.238  1.119   1.00 39.62  ? 83  GLY A O   1 
ATOM   649  N N   . VAL A 1 86  ? 0.886   9.874   1.185   1.00 32.38  ? 84  VAL A N   1 
ATOM   650  C CA  . VAL A 1 86  ? 0.153   8.760   0.589   1.00 29.93  ? 84  VAL A CA  1 
ATOM   651  C C   . VAL A 1 86  ? -0.234  7.759   1.673   1.00 29.80  ? 84  VAL A C   1 
ATOM   652  O O   . VAL A 1 86  ? -0.521  6.590   1.398   1.00 30.34  ? 84  VAL A O   1 
ATOM   653  C CB  . VAL A 1 86  ? 0.989   8.061   -0.511  1.00 32.81  ? 84  VAL A CB  1 
ATOM   654  C CG1 . VAL A 1 86  ? 1.331   9.052   -1.581  1.00 28.58  ? 84  VAL A CG1 1 
ATOM   655  C CG2 . VAL A 1 86  ? 2.249   7.463   0.066   1.00 21.75  ? 84  VAL A CG2 1 
ATOM   656  N N   . PHE A 1 87  ? -0.248  8.245   2.910   1.00 22.28  ? 85  PHE A N   1 
ATOM   657  C CA  . PHE A 1 87  ? -0.570  7.439   4.080   1.00 26.94  ? 85  PHE A CA  1 
ATOM   658  C C   . PHE A 1 87  ? -1.878  7.800   4.799   1.00 33.35  ? 85  PHE A C   1 
ATOM   659  O O   . PHE A 1 87  ? -2.287  8.966   4.895   1.00 28.17  ? 85  PHE A O   1 
ATOM   660  C CB  . PHE A 1 87  ? 0.563   7.522   5.107   1.00 31.76  ? 85  PHE A CB  1 
ATOM   661  C CG  . PHE A 1 87  ? 1.822   6.824   4.686   1.00 30.29  ? 85  PHE A CG  1 
ATOM   662  C CD1 . PHE A 1 87  ? 1.946   5.438   4.813   1.00 31.29  ? 85  PHE A CD1 1 
ATOM   663  C CD2 . PHE A 1 87  ? 2.877   7.546   4.153   1.00 32.53  ? 85  PHE A CD2 1 
ATOM   664  C CE1 . PHE A 1 87  ? 3.116   4.782   4.404   1.00 31.49  ? 85  PHE A CE1 1 
ATOM   665  C CE2 . PHE A 1 87  ? 4.050   6.905   3.740   1.00 31.05  ? 85  PHE A CE2 1 
ATOM   666  C CZ  . PHE A 1 87  ? 4.174   5.525   3.864   1.00 30.29  ? 85  PHE A CZ  1 
ATOM   667  N N   . ALA A 1 88  ? -2.528  6.769   5.307   1.00 32.58  ? 86  ALA A N   1 
ATOM   668  C CA  . ALA A 1 88  ? -3.752  6.943   6.060   1.00 33.22  ? 86  ALA A CA  1 
ATOM   669  C C   . ALA A 1 88  ? -3.377  6.440   7.432   1.00 31.41  ? 86  ALA A C   1 
ATOM   670  O O   . ALA A 1 88  ? -2.931  5.307   7.568   1.00 30.21  ? 86  ALA A O   1 
ATOM   671  C CB  . ALA A 1 88  ? -4.865  6.086   5.469   1.00 34.74  ? 86  ALA A CB  1 
ATOM   672  N N   . TRP A 1 89  ? -3.489  7.293   8.440   1.00 34.33  ? 87  TRP A N   1 
ATOM   673  C CA  . TRP A 1 89  ? -3.199  6.873   9.804   1.00 34.15  ? 87  TRP A CA  1 
ATOM   674  C C   . TRP A 1 89  ? -4.554  6.532   10.412  1.00 38.23  ? 87  TRP A C   1 
ATOM   675  O O   . TRP A 1 89  ? -5.512  7.297   10.281  1.00 33.76  ? 87  TRP A O   1 
ATOM   676  C CB  . TRP A 1 89  ? -2.563  8.005   10.589  1.00 43.72  ? 87  TRP A CB  1 
ATOM   677  C CG  . TRP A 1 89  ? -1.259  8.421   10.039  1.00 49.18  ? 87  TRP A CG  1 
ATOM   678  C CD1 . TRP A 1 89  ? -1.034  9.198   8.935   1.00 48.62  ? 87  TRP A CD1 1 
ATOM   679  C CD2 . TRP A 1 89  ? 0.017   8.077   10.559  1.00 46.39  ? 87  TRP A CD2 1 
ATOM   680  N NE1 . TRP A 1 89  ? 0.314   9.358   8.743   1.00 49.67  ? 87  TRP A NE1 1 
ATOM   681  C CE2 . TRP A 1 89  ? 0.983   8.679   9.730   1.00 47.08  ? 87  TRP A CE2 1 
ATOM   682  C CE3 . TRP A 1 89  ? 0.441   7.314   11.651  1.00 46.00  ? 87  TRP A CE3 1 
ATOM   683  C CZ2 . TRP A 1 89  ? 2.347   8.547   9.957   1.00 48.26  ? 87  TRP A CZ2 1 
ATOM   684  C CZ3 . TRP A 1 89  ? 1.798   7.178   11.879  1.00 54.53  ? 87  TRP A CZ3 1 
ATOM   685  C CH2 . TRP A 1 89  ? 2.738   7.794   11.035  1.00 52.33  ? 87  TRP A CH2 1 
ATOM   686  N N   . GLY A 1 90  ? -4.626  5.389   11.072  1.00 37.35  ? 88  GLY A N   1 
ATOM   687  C CA  . GLY A 1 90  ? -5.877  4.951   11.664  1.00 41.46  ? 88  GLY A CA  1 
ATOM   688  C C   . GLY A 1 90  ? -5.665  3.615   12.338  1.00 39.17  ? 88  GLY A C   1 
ATOM   689  O O   . GLY A 1 90  ? -4.567  3.327   12.814  1.00 42.54  ? 88  GLY A O   1 
ATOM   690  N N   . TRP A 1 91  ? -6.695  2.781   12.369  1.00 45.54  ? 89  TRP A N   1 
ATOM   691  C CA  . TRP A 1 91  ? -6.567  1.482   13.018  1.00 45.64  ? 89  TRP A CA  1 
ATOM   692  C C   . TRP A 1 91  ? -7.512  0.438   12.448  1.00 47.04  ? 89  TRP A C   1 
ATOM   693  O O   . TRP A 1 91  ? -8.595  0.769   11.952  1.00 48.68  ? 89  TRP A O   1 
ATOM   694  C CB  . TRP A 1 91  ? -6.801  1.646   14.524  1.00 55.72  ? 89  TRP A CB  1 
ATOM   695  C CG  . TRP A 1 91  ? -7.871  2.650   14.832  1.00 61.59  ? 89  TRP A CG  1 
ATOM   696  C CD1 . TRP A 1 91  ? -9.207  2.522   14.583  1.00 67.37  ? 89  TRP A CD1 1 
ATOM   697  C CD2 . TRP A 1 91  ? -7.685  3.976   15.347  1.00 68.38  ? 89  TRP A CD2 1 
ATOM   698  N NE1 . TRP A 1 91  ? -9.866  3.686   14.902  1.00 69.94  ? 89  TRP A NE1 1 
ATOM   699  C CE2 . TRP A 1 91  ? -8.956  4.598   15.376  1.00 71.91  ? 89  TRP A CE2 1 
ATOM   700  C CE3 . TRP A 1 91  ? -6.567  4.706   15.790  1.00 71.76  ? 89  TRP A CE3 1 
ATOM   701  C CZ2 . TRP A 1 91  ? -9.143  5.916   15.822  1.00 73.47  ? 89  TRP A CZ2 1 
ATOM   702  C CZ3 . TRP A 1 91  ? -6.754  6.019   16.236  1.00 70.36  ? 89  TRP A CZ3 1 
ATOM   703  C CH2 . TRP A 1 91  ? -8.033  6.607   16.249  1.00 70.07  ? 89  TRP A CH2 1 
ATOM   704  N N   . ARG A 1 92  ? -7.090  -0.824  12.505  1.00 43.35  ? 90  ARG A N   1 
ATOM   705  C CA  . ARG A 1 92  ? -7.908  -1.925  12.013  1.00 48.68  ? 90  ARG A CA  1 
ATOM   706  C C   . ARG A 1 92  ? -8.964  -2.218  13.066  1.00 47.58  ? 90  ARG A C   1 
ATOM   707  O O   . ARG A 1 92  ? -8.650  -2.301  14.246  1.00 46.42  ? 90  ARG A O   1 
ATOM   708  C CB  . ARG A 1 92  ? -7.055  -3.175  11.796  1.00 46.63  ? 90  ARG A CB  1 
ATOM   709  C CG  . ARG A 1 92  ? -5.964  -3.009  10.748  1.00 52.96  ? 90  ARG A CG  1 
ATOM   710  C CD  . ARG A 1 92  ? -4.902  -4.102  10.898  1.00 54.14  ? 90  ARG A CD  1 
ATOM   711  N NE  . ARG A 1 92  ? -3.794  -3.961  9.952   1.00 47.20  ? 90  ARG A NE  1 
ATOM   712  C CZ  . ARG A 1 92  ? -3.745  -4.539  8.753   1.00 50.49  ? 90  ARG A CZ  1 
ATOM   713  N NH1 . ARG A 1 92  ? -2.691  -4.352  7.963   1.00 48.83  ? 90  ARG A NH1 1 
ATOM   714  N NH2 . ARG A 1 92  ? -4.739  -5.317  8.346   1.00 46.22  ? 90  ARG A NH2 1 
ATOM   715  N N   . LEU A 1 93  ? -10.211 -2.382  12.647  1.00 51.13  ? 91  LEU A N   1 
ATOM   716  C CA  . LEU A 1 93  ? -11.276 -2.664  13.600  1.00 57.37  ? 91  LEU A CA  1 
ATOM   717  C C   . LEU A 1 93  ? -11.103 -4.014  14.311  1.00 64.71  ? 91  LEU A C   1 
ATOM   718  O O   . LEU A 1 93  ? -11.121 -4.077  15.544  1.00 68.23  ? 91  LEU A O   1 
ATOM   719  C CB  . LEU A 1 93  ? -12.630 -2.599  12.895  1.00 49.23  ? 91  LEU A CB  1 
ATOM   720  C CG  . LEU A 1 93  ? -12.886 -1.241  12.227  1.00 56.32  ? 91  LEU A CG  1 
ATOM   721  C CD1 . LEU A 1 93  ? -14.258 -1.224  11.579  1.00 50.60  ? 91  LEU A CD1 1 
ATOM   722  C CD2 . LEU A 1 93  ? -12.768 -0.126  13.267  1.00 53.57  ? 91  LEU A CD2 1 
ATOM   723  N N   . LYS A 1 94  ? -10.909 -5.085  13.544  1.00 71.15  ? 92  LYS A N   1 
ATOM   724  C CA  . LYS A 1 94  ? -10.757 -6.414  14.124  1.00 75.28  ? 92  LYS A CA  1 
ATOM   725  C C   . LYS A 1 94  ? -9.477  -6.623  14.915  1.00 79.63  ? 92  LYS A C   1 
ATOM   726  O O   . LYS A 1 94  ? -9.249  -7.709  15.445  1.00 83.05  ? 92  LYS A O   1 
ATOM   727  C CB  . LYS A 1 94  ? -10.846 -7.490  13.041  1.00 75.22  ? 92  LYS A CB  1 
ATOM   728  C CG  . LYS A 1 94  ? -12.250 -7.731  12.514  1.00 81.10  ? 92  LYS A CG  1 
ATOM   729  C CD  . LYS A 1 94  ? -12.497 -9.209  12.184  1.00 82.46  ? 92  LYS A CD  1 
ATOM   730  C CE  . LYS A 1 94  ? -11.594 -9.726  11.069  1.00 84.34  ? 92  LYS A CE  1 
ATOM   731  N NZ  . LYS A 1 94  ? -10.145 -9.700  11.434  1.00 89.52  ? 92  LYS A NZ  1 
ATOM   732  N N   . GLY A 1 95  ? -8.643  -5.597  15.005  1.00 81.75  ? 93  GLY A N   1 
ATOM   733  C CA  . GLY A 1 95  ? -7.407  -5.749  15.752  1.00 86.29  ? 93  GLY A CA  1 
ATOM   734  C C   . GLY A 1 95  ? -7.343  -4.868  16.982  1.00 89.91  ? 93  GLY A C   1 
ATOM   735  O O   . GLY A 1 95  ? -8.374  -4.470  17.528  1.00 91.21  ? 93  GLY A O   1 
ATOM   736  N N   . ASN A 1 96  ? -6.123  -4.573  17.424  1.00 91.42  ? 94  ASN A N   1 
ATOM   737  C CA  . ASN A 1 96  ? -5.900  -3.717  18.584  1.00 93.76  ? 94  ASN A CA  1 
ATOM   738  C C   . ASN A 1 96  ? -6.140  -2.268  18.146  1.00 94.18  ? 94  ASN A C   1 
ATOM   739  O O   . ASN A 1 96  ? -5.979  -1.935  16.967  1.00 95.82  ? 94  ASN A O   1 
ATOM   740  C CB  . ASN A 1 96  ? -4.462  -3.881  19.087  1.00 96.08  ? 94  ASN A CB  1 
ATOM   741  C CG  . ASN A 1 96  ? -4.204  -3.136  20.387  1.00 99.24  ? 94  ASN A CG  1 
ATOM   742  O OD1 . ASN A 1 96  ? -4.455  -1.934  20.492  1.00 99.45  ? 94  ASN A OD1 1 
ATOM   743  N ND2 . ASN A 1 96  ? -3.691  -3.850  21.383  1.00 101.07 ? 94  ASN A ND2 1 
ATOM   744  N N   . GLY A 1 97  ? -6.521  -1.412  19.092  1.00 91.92  ? 95  GLY A N   1 
ATOM   745  C CA  . GLY A 1 97  ? -6.783  -0.015  18.772  1.00 88.08  ? 95  GLY A CA  1 
ATOM   746  C C   . GLY A 1 97  ? -5.539  0.801   18.470  1.00 83.79  ? 95  GLY A C   1 
ATOM   747  O O   . GLY A 1 97  ? -5.604  2.024   18.319  1.00 83.95  ? 95  GLY A O   1 
ATOM   748  N N   . GLU A 1 98  ? -4.405  0.114   18.375  1.00 78.83  ? 96  GLU A N   1 
ATOM   749  C CA  . GLU A 1 98  ? -3.114  0.737   18.101  1.00 77.44  ? 96  GLU A CA  1 
ATOM   750  C C   . GLU A 1 98  ? -3.108  1.484   16.763  1.00 73.19  ? 96  GLU A C   1 
ATOM   751  O O   . GLU A 1 98  ? -3.503  0.929   15.738  1.00 70.06  ? 96  GLU A O   1 
ATOM   752  C CB  . GLU A 1 98  ? -2.036  -0.350  18.091  1.00 82.33  ? 96  GLU A CB  1 
ATOM   753  C CG  . GLU A 1 98  ? -0.619  0.161   18.173  1.00 87.55  ? 96  GLU A CG  1 
ATOM   754  C CD  . GLU A 1 98  ? -0.385  0.986   19.418  1.00 93.23  ? 96  GLU A CD  1 
ATOM   755  O OE1 . GLU A 1 98  ? -0.809  0.612   20.514  1.00 94.30  ? 96  GLU A OE1 1 
ATOM   756  O OE2 . GLU A 1 98  ? 0.302   2.113   19.260  1.00 97.07  ? 96  GLU A OE2 1 
ATOM   757  N N   . GLU A 1 99  ? -2.653  2.737   16.761  1.00 69.34  ? 97  GLU A N   1 
ATOM   758  C CA  . GLU A 1 99  ? -2.621  3.492   15.514  1.00 65.39  ? 97  GLU A CA  1 
ATOM   759  C C   . GLU A 1 99  ? -1.598  2.875   14.570  1.00 63.54  ? 97  GLU A C   1 
ATOM   760  O O   . GLU A 1 99  ? -0.628  2.240   15.008  1.00 64.32  ? 97  GLU A O   1 
ATOM   761  C CB  . GLU A 1 99  ? -2.278  4.962   15.744  1.00 65.51  ? 97  GLU A CB  1 
ATOM   762  C CG  . GLU A 1 99  ? -2.816  5.844   14.626  1.00 70.48  ? 97  GLU A CG  1 
ATOM   763  C CD  . GLU A 1 99  ? -2.310  7.265   14.678  1.00 70.29  ? 97  GLU A CD  1 
ATOM   764  O OE1 . GLU A 1 99  ? -2.896  8.121   13.984  1.00 76.18  ? 97  GLU A OE1 1 
ATOM   765  O OE2 . GLU A 1 99  ? -1.324  7.526   15.395  1.00 72.28  ? 97  GLU A OE2 1 
ATOM   766  N N   . GLU A 1 100 ? -1.810  3.075   13.274  1.00 54.25  ? 98  GLU A N   1 
ATOM   767  C CA  . GLU A 1 100 ? -0.932  2.504   12.266  1.00 46.01  ? 98  GLU A CA  1 
ATOM   768  C C   . GLU A 1 100 ? -1.032  3.299   10.965  1.00 41.05  ? 98  GLU A C   1 
ATOM   769  O O   . GLU A 1 100 ? -2.105  3.787   10.622  1.00 32.37  ? 98  GLU A O   1 
ATOM   770  C CB  . GLU A 1 100 ? -1.359  1.050   12.061  1.00 50.39  ? 98  GLU A CB  1 
ATOM   771  C CG  . GLU A 1 100 ? -0.864  0.354   10.833  1.00 59.16  ? 98  GLU A CG  1 
ATOM   772  C CD  . GLU A 1 100 ? -1.581  -0.963  10.618  1.00 60.99  ? 98  GLU A CD  1 
ATOM   773  O OE1 . GLU A 1 100 ? -1.221  -1.699  9.675   1.00 60.98  ? 98  GLU A OE1 1 
ATOM   774  O OE2 . GLU A 1 100 ? -2.516  -1.259  11.398  1.00 64.72  ? 98  GLU A OE2 1 
ATOM   775  N N   . ALA A 1 101 ? 0.089   3.429   10.253  1.00 36.94  ? 99  ALA A N   1 
ATOM   776  C CA  . ALA A 1 101 ? 0.123   4.157   8.981   1.00 35.35  ? 99  ALA A CA  1 
ATOM   777  C C   . ALA A 1 101 ? 0.021   3.153   7.833   1.00 33.65  ? 99  ALA A C   1 
ATOM   778  O O   . ALA A 1 101 ? 0.845   2.252   7.702   1.00 34.41  ? 99  ALA A O   1 
ATOM   779  C CB  . ALA A 1 101 ? 1.418   4.965   8.861   1.00 34.63  ? 99  ALA A CB  1 
ATOM   780  N N   . LEU A 1 102 ? -0.985  3.324   6.991   1.00 31.00  ? 100 LEU A N   1 
ATOM   781  C CA  . LEU A 1 102 ? -1.205  2.408   5.886   1.00 33.39  ? 100 LEU A CA  1 
ATOM   782  C C   . LEU A 1 102 ? -1.200  3.161   4.568   1.00 28.48  ? 100 LEU A C   1 
ATOM   783  O O   . LEU A 1 102 ? -1.794  4.233   4.475   1.00 30.60  ? 100 LEU A O   1 
ATOM   784  C CB  . LEU A 1 102 ? -2.555  1.715   6.076   1.00 37.62  ? 100 LEU A CB  1 
ATOM   785  C CG  . LEU A 1 102 ? -2.697  0.211   5.838   1.00 46.56  ? 100 LEU A CG  1 
ATOM   786  C CD1 . LEU A 1 102 ? -1.664  -0.555  6.666   1.00 41.10  ? 100 LEU A CD1 1 
ATOM   787  C CD2 . LEU A 1 102 ? -4.110  -0.224  6.221   1.00 44.70  ? 100 LEU A CD2 1 
ATOM   788  N N   . PRO A 1 103 ? -0.518  2.620   3.536   1.00 26.92  ? 101 PRO A N   1 
ATOM   789  C CA  . PRO A 1 103 ? -0.489  3.302   2.228   1.00 24.62  ? 101 PRO A CA  1 
ATOM   790  C C   . PRO A 1 103 ? -1.927  3.312   1.722   1.00 25.41  ? 101 PRO A C   1 
ATOM   791  O O   . PRO A 1 103 ? -2.655  2.314   1.915   1.00 26.15  ? 101 PRO A O   1 
ATOM   792  C CB  . PRO A 1 103 ? 0.408   2.399   1.354   1.00 26.60  ? 101 PRO A CB  1 
ATOM   793  C CG  . PRO A 1 103 ? 1.216   1.582   2.339   1.00 29.10  ? 101 PRO A CG  1 
ATOM   794  C CD  . PRO A 1 103 ? 0.225   1.341   3.494   1.00 27.30  ? 101 PRO A CD  1 
ATOM   795  N N   . ILE A 1 104 ? -2.341  4.402   1.075   1.00 19.44  ? 102 ILE A N   1 
ATOM   796  C CA  . ILE A 1 104 ? -3.721  4.494   0.586   1.00 23.40  ? 102 ILE A CA  1 
ATOM   797  C C   . ILE A 1 104 ? -4.065  3.412   -0.440  1.00 26.65  ? 102 ILE A C   1 
ATOM   798  O O   . ILE A 1 104 ? -5.243  3.096   -0.668  1.00 26.27  ? 102 ILE A O   1 
ATOM   799  C CB  . ILE A 1 104 ? -4.036  5.919   0.005   1.00 25.61  ? 102 ILE A CB  1 
ATOM   800  C CG1 . ILE A 1 104 ? -3.061  6.303   -1.128  1.00 19.79  ? 102 ILE A CG1 1 
ATOM   801  C CG2 . ILE A 1 104 ? -3.925  6.945   1.124   1.00 29.09  ? 102 ILE A CG2 1 
ATOM   802  C CD1 . ILE A 1 104 ? -3.394  7.684   -1.762  1.00 22.70  ? 102 ILE A CD1 1 
ATOM   803  N N   . SER A 1 105 ? -3.038  2.813   -1.037  1.00 23.93  ? 103 SER A N   1 
ATOM   804  C CA  . SER A 1 105 ? -3.263  1.747   -2.010  1.00 23.81  ? 103 SER A CA  1 
ATOM   805  C C   . SER A 1 105 ? -3.833  0.480   -1.334  1.00 27.18  ? 103 SER A C   1 
ATOM   806  O O   . SER A 1 105 ? -4.292  -0.436  -2.016  1.00 27.83  ? 103 SER A O   1 
ATOM   807  C CB  . SER A 1 105 ? -1.942  1.408   -2.714  1.00 21.65  ? 103 SER A CB  1 
ATOM   808  O OG  . SER A 1 105 ? -0.933  1.136   -1.749  1.00 21.72  ? 103 SER A OG  1 
ATOM   809  N N   . LEU A 1 106 ? -3.788  0.416   -0.002  1.00 23.50  ? 104 LEU A N   1 
ATOM   810  C CA  . LEU A 1 106 ? -4.325  -0.749  0.701   1.00 28.91  ? 104 LEU A CA  1 
ATOM   811  C C   . LEU A 1 106 ? -5.776  -0.549  1.225   1.00 35.77  ? 104 LEU A C   1 
ATOM   812  O O   . LEU A 1 106 ? -6.269  -1.375  1.983   1.00 35.74  ? 104 LEU A O   1 
ATOM   813  C CB  . LEU A 1 106 ? -3.376  -1.158  1.854   1.00 24.76  ? 104 LEU A CB  1 
ATOM   814  C CG  . LEU A 1 106 ? -1.951  -1.599  1.406   1.00 32.10  ? 104 LEU A CG  1 
ATOM   815  C CD1 . LEU A 1 106 ? -1.174  -2.154  2.583   1.00 30.89  ? 104 LEU A CD1 1 
ATOM   816  C CD2 . LEU A 1 106 ? -2.036  -2.682  0.317   1.00 22.79  ? 104 LEU A CD2 1 
ATOM   817  N N   . LEU A 1 107 ? -6.438  0.535   0.807   1.00 30.48  ? 105 LEU A N   1 
ATOM   818  C CA  . LEU A 1 107 ? -7.816  0.841   1.213   1.00 35.93  ? 105 LEU A CA  1 
ATOM   819  C C   . LEU A 1 107 ? -8.732  0.745   -0.008  1.00 34.85  ? 105 LEU A C   1 
ATOM   820  O O   . LEU A 1 107 ? -8.536  1.457   -0.989  1.00 35.33  ? 105 LEU A O   1 
ATOM   821  C CB  . LEU A 1 107 ? -7.905  2.256   1.794   1.00 31.59  ? 105 LEU A CB  1 
ATOM   822  C CG  . LEU A 1 107 ? -6.965  2.596   2.955   1.00 33.73  ? 105 LEU A CG  1 
ATOM   823  C CD1 . LEU A 1 107 ? -7.149  4.061   3.328   1.00 32.90  ? 105 LEU A CD1 1 
ATOM   824  C CD2 . LEU A 1 107 ? -7.235  1.684   4.151   1.00 34.61  ? 105 LEU A CD2 1 
ATOM   825  N N   . ARG A 1 108 ? -9.720  -0.141  0.035   1.00 38.16  ? 106 ARG A N   1 
ATOM   826  C CA  . ARG A 1 108 ? -10.599 -0.295  -1.108  1.00 45.94  ? 106 ARG A CA  1 
ATOM   827  C C   . ARG A 1 108 ? -11.329 0.989   -1.421  1.00 52.40  ? 106 ARG A C   1 
ATOM   828  O O   . ARG A 1 108 ? -12.123 1.478   -0.613  1.00 47.59  ? 106 ARG A O   1 
ATOM   829  C CB  . ARG A 1 108 ? -11.572 -1.449  -0.889  1.00 51.89  ? 106 ARG A CB  1 
ATOM   830  C CG  . ARG A 1 108 ? -10.832 -2.767  -0.887  1.00 63.84  ? 106 ARG A CG  1 
ATOM   831  C CD  . ARG A 1 108 ? -11.719 -3.984  -1.012  1.00 69.72  ? 106 ARG A CD  1 
ATOM   832  N NE  . ARG A 1 108 ? -10.898 -5.184  -0.874  1.00 80.04  ? 106 ARG A NE  1 
ATOM   833  C CZ  . ARG A 1 108 ? -11.365 -6.426  -0.848  1.00 83.74  ? 106 ARG A CZ  1 
ATOM   834  N NH1 . ARG A 1 108 ? -12.668 -6.652  -0.955  1.00 86.14  ? 106 ARG A NH1 1 
ATOM   835  N NH2 . ARG A 1 108 ? -10.522 -7.442  -0.706  1.00 85.20  ? 106 ARG A NH2 1 
ATOM   836  N N   . LYS A 1 109 ? -11.001 1.534   -2.595  1.00 61.00  ? 107 LYS A N   1 
ATOM   837  C CA  . LYS A 1 109 ? -11.548 2.784   -3.117  1.00 74.51  ? 107 LYS A CA  1 
ATOM   838  C C   . LYS A 1 109 ? -13.045 2.856   -2.833  1.00 81.15  ? 107 LYS A C   1 
ATOM   839  O O   . LYS A 1 109 ? -13.752 1.855   -2.962  1.00 82.23  ? 107 LYS A O   1 
ATOM   840  C CB  . LYS A 1 109 ? -11.277 2.866   -4.631  1.00 74.47  ? 107 LYS A CB  1 
ATOM   841  C CG  . LYS A 1 109 ? -11.588 4.201   -5.296  1.00 77.51  ? 107 LYS A CG  1 
ATOM   842  C CD  . LYS A 1 109 ? -10.526 5.270   -5.024  1.00 79.34  ? 107 LYS A CD  1 
ATOM   843  C CE  . LYS A 1 109 ? -9.181  4.945   -5.686  1.00 77.16  ? 107 LYS A CE  1 
ATOM   844  N NZ  . LYS A 1 109 ? -8.340  3.981   -4.909  1.00 70.25  ? 107 LYS A NZ  1 
ATOM   845  N N   . PRO A 1 110 ? -13.541 4.046   -2.444  1.00 88.29  ? 108 PRO A N   1 
ATOM   846  C CA  . PRO A 1 110 ? -14.947 4.323   -2.121  1.00 91.78  ? 108 PRO A CA  1 
ATOM   847  C C   . PRO A 1 110 ? -15.964 3.232   -2.474  1.00 94.37  ? 108 PRO A C   1 
ATOM   848  O O   . PRO A 1 110 ? -16.666 3.381   -3.499  1.00 93.25  ? 108 PRO A O   1 
ATOM   849  C CB  . PRO A 1 110 ? -15.191 5.634   -2.848  1.00 92.99  ? 108 PRO A CB  1 
ATOM   850  C CG  . PRO A 1 110 ? -13.908 6.380   -2.512  1.00 94.92  ? 108 PRO A CG  1 
ATOM   851  C CD  . PRO A 1 110 ? -12.802 5.314   -2.621  1.00 90.70  ? 108 PRO A CD  1 
HETATM 852  O O   . HOH B 2 .   ? 10.825  5.625   -2.409  1.00 23.71  ? 114 HOH A O   1 
HETATM 853  O O   . HOH B 2 .   ? 5.720   10.199  -7.545  1.00 24.72  ? 115 HOH A O   1 
HETATM 854  O O   . HOH B 2 .   ? 1.484   -5.380  -2.627  1.00 21.90  ? 116 HOH A O   1 
HETATM 855  O O   . HOH B 2 .   ? 6.153   -18.869 -1.386  1.00 26.92  ? 117 HOH A O   1 
HETATM 856  O O   . HOH B 2 .   ? 11.154  3.371   -12.872 1.00 27.10  ? 118 HOH A O   1 
HETATM 857  O O   . HOH B 2 .   ? 8.532   9.056   -17.339 1.00 34.72  ? 119 HOH A O   1 
HETATM 858  O O   . HOH B 2 .   ? 9.235   8.301   -2.068  1.00 28.91  ? 120 HOH A O   1 
HETATM 859  O O   . HOH B 2 .   ? 3.798   10.448  -10.648 1.00 22.05  ? 121 HOH A O   1 
HETATM 860  O O   . HOH B 2 .   ? 5.199   -17.023 -8.303  1.00 24.62  ? 122 HOH A O   1 
HETATM 861  O O   . HOH B 2 .   ? 9.266   13.991  -3.524  1.00 39.60  ? 123 HOH A O   1 
HETATM 862  O O   . HOH B 2 .   ? 2.790   2.458   11.316  1.00 44.32  ? 124 HOH A O   1 
HETATM 863  O O   . HOH B 2 .   ? 2.538   13.764  -3.400  1.00 140.35 ? 125 HOH A O   1 
HETATM 864  O O   . HOH B 2 .   ? 12.375  -7.804  -12.121 1.00 37.21  ? 126 HOH A O   1 
HETATM 865  O O   . HOH B 2 .   ? -2.374  2.425   -7.925  1.00 34.98  ? 127 HOH A O   1 
HETATM 866  O O   . HOH B 2 .   ? 9.593   -9.146  5.177   1.00 36.69  ? 128 HOH A O   1 
HETATM 867  O O   . HOH B 2 .   ? 5.382   13.370  -5.051  1.00 28.21  ? 129 HOH A O   1 
HETATM 868  O O   . HOH B 2 .   ? 11.073  11.506  -12.176 1.00 25.54  ? 130 HOH A O   1 
HETATM 869  O O   . HOH B 2 .   ? 13.029  -12.820 -6.355  1.00 33.78  ? 131 HOH A O   1 
HETATM 870  O O   . HOH B 2 .   ? 6.348   -7.987  -14.230 1.00 31.47  ? 132 HOH A O   1 
HETATM 871  O O   . HOH B 2 .   ? -9.791  14.585  3.248   1.00 62.96  ? 133 HOH A O   1 
HETATM 872  O O   . HOH B 2 .   ? 5.214   -21.016 -4.886  1.00 24.41  ? 134 HOH A O   1 
HETATM 873  O O   . HOH B 2 .   ? 4.053   -7.252  2.540   1.00 33.56  ? 135 HOH A O   1 
HETATM 874  O O   . HOH B 2 .   ? 1.819   8.654   -10.075 1.00 33.13  ? 136 HOH A O   1 
HETATM 875  O O   . HOH B 2 .   ? -6.908  2.358   -2.782  1.00 31.39  ? 137 HOH A O   1 
HETATM 876  O O   . HOH B 2 .   ? 10.362  14.318  -9.944  1.00 27.84  ? 138 HOH A O   1 
HETATM 877  O O   . HOH B 2 .   ? 3.340   -2.094  -14.017 1.00 30.50  ? 139 HOH A O   1 
HETATM 878  O O   . HOH B 2 .   ? 12.146  14.661  -3.311  1.00 38.86  ? 140 HOH A O   1 
HETATM 879  O O   . HOH B 2 .   ? -0.033  -4.324  -10.255 1.00 75.84  ? 141 HOH A O   1 
HETATM 880  O O   . HOH B 2 .   ? 13.908  -3.700  -4.251  1.00 45.17  ? 142 HOH A O   1 
HETATM 881  O O   . HOH B 2 .   ? -0.211  3.587   -16.013 1.00 50.41  ? 143 HOH A O   1 
HETATM 882  O O   . HOH B 2 .   ? 4.015   -0.404  4.774   1.00 50.91  ? 144 HOH A O   1 
HETATM 883  O O   . HOH B 2 .   ? 7.522   -11.035 6.768   1.00 50.83  ? 145 HOH A O   1 
HETATM 884  O O   . HOH B 2 .   ? -11.498 1.242   16.467  1.00 63.01  ? 146 HOH A O   1 
HETATM 885  O O   . HOH B 2 .   ? 15.038  -10.678 -2.569  1.00 51.82  ? 147 HOH A O   1 
HETATM 886  O O   . HOH B 2 .   ? 16.672  6.924   -4.121  1.00 48.46  ? 148 HOH A O   1 
HETATM 887  O O   . HOH B 2 .   ? 2.832   12.691  -6.288  1.00 39.54  ? 149 HOH A O   1 
HETATM 888  O O   . HOH B 2 .   ? -5.511  7.872   -9.637  1.00 50.30  ? 150 HOH A O   1 
HETATM 889  O O   . HOH B 2 .   ? 17.565  -9.791  0.655   1.00 75.68  ? 151 HOH A O   1 
HETATM 890  O O   . HOH B 2 .   ? 12.903  -8.789  -0.896  1.00 33.74  ? 152 HOH A O   1 
HETATM 891  O O   . HOH B 2 .   ? 10.469  -6.453  11.970  1.00 79.31  ? 153 HOH A O   1 
HETATM 892  O O   . HOH B 2 .   ? 15.006  -10.820 -6.234  1.00 46.63  ? 154 HOH A O   1 
HETATM 893  O O   . HOH B 2 .   ? 10.194  -2.509  -15.752 1.00 45.21  ? 155 HOH A O   1 
HETATM 894  O O   . HOH B 2 .   ? 11.650  -23.910 -1.365  1.00 34.60  ? 156 HOH A O   1 
HETATM 895  O O   . HOH B 2 .   ? 12.502  7.909   -16.997 1.00 40.80  ? 157 HOH A O   1 
HETATM 896  O O   . HOH B 2 .   ? 9.813   -10.291 -16.657 1.00 68.24  ? 158 HOH A O   1 
HETATM 897  O O   . HOH B 2 .   ? -9.170  -11.549 5.197   1.00 52.01  ? 159 HOH A O   1 
HETATM 898  O O   . HOH B 2 .   ? -14.193 16.537  -0.008  1.00 75.01  ? 160 HOH A O   1 
HETATM 899  O O   . HOH B 2 .   ? 16.728  -2.459  -2.877  1.00 45.64  ? 161 HOH A O   1 
HETATM 900  O O   . HOH B 2 .   ? -3.635  3.487   -13.041 1.00 46.19  ? 162 HOH A O   1 
HETATM 901  O O   . HOH B 2 .   ? -13.951 13.831  6.177   1.00 70.26  ? 163 HOH A O   1 
HETATM 902  O O   . HOH B 2 .   ? -17.452 6.058   10.784  1.00 61.83  ? 164 HOH A O   1 
HETATM 903  O O   . HOH B 2 .   ? -19.067 -5.932  -2.166  1.00 108.34 ? 165 HOH A O   1 
HETATM 904  O O   . HOH B 2 .   ? -3.124  -5.281  -2.531  1.00 74.62  ? 166 HOH A O   1 
HETATM 905  O O   . HOH B 2 .   ? -0.457  -3.742  -3.913  1.00 35.33  ? 167 HOH A O   1 
HETATM 906  O O   . HOH B 2 .   ? 0.071   -5.595  -0.131  1.00 38.15  ? 168 HOH A O   1 
HETATM 907  O O   . HOH B 2 .   ? 13.966  -24.581 0.618   1.00 63.13  ? 169 HOH A O   1 
HETATM 908  O O   . HOH B 2 .   ? 2.851   -4.680  -13.114 1.00 39.90  ? 170 HOH A O   1 
HETATM 909  O O   . HOH B 2 .   ? 14.899  4.737   -3.420  1.00 38.18  ? 171 HOH A O   1 
HETATM 910  O O   . HOH B 2 .   ? 2.181   -5.077  1.637   1.00 32.30  ? 172 HOH A O   1 
HETATM 911  O O   . HOH B 2 .   ? 2.640   -9.514  1.327   1.00 43.51  ? 173 HOH A O   1 
HETATM 912  O O   . HOH B 2 .   ? 5.103   14.059  -2.177  1.00 40.53  ? 174 HOH A O   1 
HETATM 913  O O   . HOH B 2 .   ? 12.678  -15.486 3.581   1.00 41.50  ? 175 HOH A O   1 
HETATM 914  O O   . HOH B 2 .   ? -1.829  0.908   -13.255 1.00 53.11  ? 176 HOH A O   1 
HETATM 915  O O   . HOH B 2 .   ? -4.323  -0.733  13.985  1.00 46.05  ? 177 HOH A O   1 
HETATM 916  O O   . HOH B 2 .   ? 4.452   -7.272  5.303   1.00 47.53  ? 178 HOH A O   1 
HETATM 917  O O   . HOH B 2 .   ? 8.086   -7.782  -16.608 1.00 51.28  ? 179 HOH A O   1 
HETATM 918  O O   . HOH B 2 .   ? 8.078   -6.744  4.971   1.00 35.15  ? 180 HOH A O   1 
HETATM 919  O O   . HOH B 2 .   ? 3.122   -2.478  -16.790 1.00 44.01  ? 181 HOH A O   1 
HETATM 920  O O   . HOH B 2 .   ? -17.115 5.014   6.418   1.00 42.85  ? 182 HOH A O   1 
HETATM 921  O O   . HOH B 2 .   ? 12.679  5.790   -12.038 1.00 37.07  ? 183 HOH A O   1 
HETATM 922  O O   . HOH B 2 .   ? 5.720   -16.105 -0.752  1.00 45.35  ? 184 HOH A O   1 
HETATM 923  O O   . HOH B 2 .   ? 17.321  9.005   -2.205  1.00 49.70  ? 185 HOH A O   1 
HETATM 924  O O   . HOH B 2 .   ? 3.790   9.897   2.069   1.00 49.64  ? 186 HOH A O   1 
HETATM 925  O O   . HOH B 2 .   ? 5.326   -13.602 2.778   1.00 36.31  ? 187 HOH A O   1 
HETATM 926  O O   . HOH B 2 .   ? 1.837   -6.448  -9.091  1.00 44.83  ? 188 HOH A O   1 
HETATM 927  O O   . HOH B 2 .   ? 9.986   6.625   -18.349 1.00 55.61  ? 189 HOH A O   1 
HETATM 928  O O   . HOH B 2 .   ? -0.040  -1.470  -10.936 1.00 43.46  ? 190 HOH A O   1 
HETATM 929  O O   . HOH B 2 .   ? 13.675  -10.082 3.579   1.00 44.29  ? 191 HOH A O   1 
HETATM 930  O O   . HOH B 2 .   ? -6.339  2.597   -14.157 1.00 68.06  ? 192 HOH A O   1 
HETATM 931  O O   . HOH B 2 .   ? 10.082  -5.322  6.990   1.00 72.96  ? 193 HOH A O   1 
HETATM 932  O O   . HOH B 2 .   ? 5.176   -20.507 -11.417 1.00 43.59  ? 194 HOH A O   1 
HETATM 933  O O   . HOH B 2 .   ? -10.014 -4.721  10.609  1.00 59.81  ? 195 HOH A O   1 
HETATM 934  O O   . HOH B 2 .   ? 15.536  10.353  -15.381 1.00 58.17  ? 196 HOH A O   1 
HETATM 935  O O   . HOH B 2 .   ? -11.868 15.003  -1.293  1.00 62.76  ? 197 HOH A O   1 
HETATM 936  O O   . HOH B 2 .   ? 5.579   -10.958 -18.218 1.00 78.72  ? 198 HOH A O   1 
HETATM 937  O O   . HOH B 2 .   ? 8.059   -2.472  -17.918 1.00 65.95  ? 199 HOH A O   1 
HETATM 938  O O   . HOH B 2 .   ? 8.716   15.492  -5.895  1.00 42.51  ? 200 HOH A O   1 
HETATM 939  O O   . HOH B 2 .   ? 10.922  15.831  -7.701  1.00 47.20  ? 201 HOH A O   1 
HETATM 940  O O   . HOH B 2 .   ? -3.712  3.693   -10.133 1.00 40.83  ? 202 HOH A O   1 
HETATM 941  O O   . HOH B 2 .   ? 0.527   11.911  -4.539  1.00 37.94  ? 203 HOH A O   1 
HETATM 942  O O   . HOH B 2 .   ? 2.565   10.589  -15.662 1.00 42.04  ? 204 HOH A O   1 
HETATM 943  O O   . HOH B 2 .   ? 0.915   -9.249  -1.034  1.00 54.96  ? 205 HOH A O   1 
HETATM 944  O O   . HOH B 2 .   ? 3.256   -20.100 -2.625  1.00 51.02  ? 206 HOH A O   1 
HETATM 945  O O   . HOH B 2 .   ? 10.650  -21.475 2.640   1.00 44.19  ? 207 HOH A O   1 
HETATM 946  O O   . HOH B 2 .   ? 15.162  -5.643  2.847   1.00 70.12  ? 208 HOH A O   1 
HETATM 947  O O   . HOH B 2 .   ? -2.764  -6.136  4.509   1.00 60.96  ? 209 HOH A O   1 
HETATM 948  O O   . HOH B 2 .   ? -13.686 0.975   -5.348  1.00 69.07  ? 210 HOH A O   1 
HETATM 949  O O   . HOH B 2 .   ? -6.749  0.351   -4.867  1.00 60.98  ? 211 HOH A O   1 
HETATM 950  O O   . HOH B 2 .   ? -4.006  0.508   -6.507  1.00 38.48  ? 212 HOH A O   1 
HETATM 951  O O   . HOH B 2 .   ? -3.692  -3.189  -6.723  1.00 66.32  ? 213 HOH A O   1 
HETATM 952  O O   . HOH B 2 .   ? 5.524   -0.785  -17.287 1.00 48.20  ? 214 HOH A O   1 
HETATM 953  O O   . HOH B 2 .   ? -4.784  -10.169 -7.436  1.00 68.03  ? 215 HOH A O   1 
HETATM 954  O O   . HOH B 2 .   ? -16.607 -6.893  -0.634  1.00 65.58  ? 216 HOH A O   1 
HETATM 955  O O   . HOH B 2 .   ? -4.144  -6.423  -15.236 1.00 55.54  ? 217 HOH A O   1 
HETATM 956  O O   . HOH B 2 .   ? -5.128  -10.491 -12.351 1.00 71.39  ? 218 HOH A O   1 
HETATM 957  O O   . HOH B 2 .   ? 9.958   11.079  -0.478  1.00 48.63  ? 219 HOH A O   1 
HETATM 958  O O   . HOH B 2 .   ? -7.499  7.290   -5.365  1.00 68.34  ? 220 HOH A O   1 
HETATM 959  O O   . HOH B 2 .   ? 7.431   11.785  1.059   1.00 54.29  ? 221 HOH A O   1 
HETATM 960  O O   . HOH B 2 .   ? 2.744   -16.437 -1.804  1.00 58.02  ? 222 HOH A O   1 
HETATM 961  O O   . HOH B 2 .   ? 2.812   -10.302 -7.089  1.00 70.18  ? 223 HOH A O   1 
HETATM 962  O O   . HOH B 2 .   ? -1.797  -11.363 -4.175  1.00 65.31  ? 224 HOH A O   1 
HETATM 963  O O   . HOH B 2 .   ? 1.063   12.664  -1.165  1.00 69.17  ? 225 HOH A O   1 
HETATM 964  O O   . HOH B 2 .   ? 4.642   11.651  -0.102  1.00 79.29  ? 226 HOH A O   1 
HETATM 965  O O   . HOH B 2 .   ? 4.543   10.955  4.707   1.00 77.09  ? 227 HOH A O   1 
HETATM 966  O O   . HOH B 2 .   ? 5.430   11.550  7.633   1.00 84.24  ? 228 HOH A O   1 
HETATM 967  O O   . HOH B 2 .   ? 7.329   9.227   6.156   1.00 47.83  ? 229 HOH A O   1 
HETATM 968  O O   . HOH B 2 .   ? 4.480   13.884  3.799   1.00 53.30  ? 230 HOH A O   1 
HETATM 969  O O   . HOH B 2 .   ? 3.162   14.337  1.046   1.00 87.19  ? 231 HOH A O   1 
HETATM 970  O O   . HOH B 2 .   ? 0.645   16.260  0.884   1.00 69.14  ? 232 HOH A O   1 
HETATM 971  O O   . HOH B 2 .   ? -4.213  15.394  4.633   1.00 61.13  ? 233 HOH A O   1 
HETATM 972  O O   . HOH B 2 .   ? -1.573  14.820  -2.115  1.00 64.94  ? 234 HOH A O   1 
HETATM 973  O O   . HOH B 2 .   ? -4.791  16.506  -0.415  1.00 71.72  ? 235 HOH A O   1 
HETATM 974  O O   . HOH B 2 .   ? 2.587   10.020  7.518   1.00 52.68  ? 236 HOH A O   1 
HETATM 975  O O   . HOH B 2 .   ? 20.422  11.333  0.443   1.00 65.74  ? 237 HOH A O   1 
HETATM 976  O O   . HOH B 2 .   ? 9.042   18.392  -4.439  1.00 60.97  ? 238 HOH A O   1 
HETATM 977  O O   . HOH B 2 .   ? -0.453  -10.388 -6.805  1.00 65.93  ? 239 HOH A O   1 
HETATM 978  O O   . HOH B 2 .   ? 1.570   5.285   -17.647 1.00 55.86  ? 240 HOH A O   1 
HETATM 979  O O   . HOH B 2 .   ? 0.457   -1.549  -13.805 1.00 86.16  ? 241 HOH A O   1 
HETATM 980  O O   . HOH B 2 .   ? -0.287  -4.229  -14.758 1.00 68.17  ? 242 HOH A O   1 
HETATM 981  O O   . HOH B 2 .   ? -1.192  -1.294  -16.732 1.00 65.79  ? 243 HOH A O   1 
HETATM 982  O O   . HOH B 2 .   ? 4.565   -5.152  -17.681 1.00 77.57  ? 244 HOH A O   1 
HETATM 983  O O   . HOH B 2 .   ? 3.755   -6.945  -14.848 1.00 52.88  ? 245 HOH A O   1 
HETATM 984  O O   . HOH B 2 .   ? 9.920   -5.531  -15.729 1.00 55.75  ? 246 HOH A O   1 
HETATM 985  O O   . HOH B 2 .   ? 6.136   -11.294 -12.382 1.00 108.48 ? 247 HOH A O   1 
HETATM 986  O O   . HOH B 2 .   ? 5.608   -10.812 -15.227 1.00 116.57 ? 248 HOH A O   1 
HETATM 987  O O   . HOH B 2 .   ? 15.460  -11.825 -9.282  1.00 61.42  ? 249 HOH A O   1 
HETATM 988  O O   . HOH B 2 .   ? 16.056  -6.654  -4.992  1.00 60.14  ? 250 HOH A O   1 
HETATM 989  O O   . HOH B 2 .   ? 18.633  -7.731  -7.587  1.00 70.95  ? 251 HOH A O   1 
HETATM 990  O O   . HOH B 2 .   ? 20.037  -5.956  -4.203  1.00 73.02  ? 252 HOH A O   1 
HETATM 991  O O   . HOH B 2 .   ? 14.381  -6.098  -1.897  1.00 55.27  ? 253 HOH A O   1 
HETATM 992  O O   . HOH B 2 .   ? 16.057  -2.772  -9.345  1.00 67.22  ? 254 HOH A O   1 
HETATM 993  O O   . HOH B 2 .   ? 13.881  -13.508 -3.550  1.00 57.78  ? 255 HOH A O   1 
HETATM 994  O O   . HOH B 2 .   ? 10.296  -17.007 -11.689 1.00 80.86  ? 256 HOH A O   1 
HETATM 995  O O   . HOH B 2 .   ? 13.289  -18.382 3.314   1.00 56.55  ? 257 HOH A O   1 
HETATM 996  O O   . HOH B 2 .   ? 3.086   -11.904 2.786   1.00 37.16  ? 258 HOH A O   1 
HETATM 997  O O   . HOH B 2 .   ? 16.371  -18.352 3.317   1.00 66.23  ? 259 HOH A O   1 
HETATM 998  O O   . HOH B 2 .   ? 16.322  -11.512 4.819   1.00 74.05  ? 260 HOH A O   1 
HETATM 999  O O   . HOH B 2 .   ? 14.728  -8.404  1.330   1.00 50.13  ? 261 HOH A O   1 
HETATM 1000 O O   . HOH B 2 .   ? 12.491  -9.036  6.110   1.00 62.78  ? 262 HOH A O   1 
HETATM 1001 O O   . HOH B 2 .   ? -14.180 9.369   -2.911  1.00 95.07  ? 263 HOH A O   1 
HETATM 1002 O O   . HOH B 2 .   ? -13.246 14.821  3.237   1.00 29.70  ? 264 HOH A O   1 
HETATM 1003 O O   . HOH B 2 .   ? -11.275 19.066  3.809   1.00 49.96  ? 265 HOH A O   1 
HETATM 1004 O O   . HOH B 2 .   ? -13.572 22.503  0.380   1.00 73.64  ? 266 HOH A O   1 
HETATM 1005 O O   . HOH B 2 .   ? -11.349 16.914  1.752   1.00 101.83 ? 267 HOH A O   1 
HETATM 1006 O O   . HOH B 2 .   ? -15.598 16.325  3.012   1.00 72.95  ? 268 HOH A O   1 
HETATM 1007 O O   . HOH B 2 .   ? -14.690 -2.563  -0.858  1.00 108.48 ? 269 HOH A O   1 
HETATM 1008 O O   . HOH B 2 .   ? -14.717 -8.188  2.629   1.00 99.58  ? 270 HOH A O   1 
HETATM 1009 O O   . HOH B 2 .   ? 18.282  -20.259 4.416   1.00 94.37  ? 271 HOH A O   1 
HETATM 1010 O O   . HOH B 2 .   ? 1.784   -0.210  8.939   1.00 95.47  ? 272 HOH A O   1 
HETATM 1011 O O   . HOH B 2 .   ? 3.826   6.065   15.370  1.00 71.38  ? 273 HOH A O   1 
HETATM 1012 O O   . HOH B 2 .   ? 2.258   3.848   13.938  1.00 86.43  ? 274 HOH A O   1 
HETATM 1013 O O   . HOH B 2 .   ? 17.518  7.694   -13.055 1.00 63.47  ? 275 HOH A O   1 
HETATM 1014 O O   . HOH B 2 .   ? 18.032  9.930   -10.875 1.00 65.08  ? 276 HOH A O   1 
HETATM 1015 O O   . HOH B 2 .   ? 13.412  13.705  -10.988 1.00 59.50  ? 277 HOH A O   1 
HETATM 1016 O O   . HOH B 2 .   ? 15.316  14.021  -14.107 1.00 85.89  ? 278 HOH A O   1 
HETATM 1017 O O   . HOH B 2 .   ? 18.671  10.979  -14.721 1.00 67.23  ? 279 HOH A O   1 
HETATM 1018 O O   . HOH B 2 .   ? 16.481  10.651  -4.963  1.00 61.93  ? 280 HOH A O   1 
HETATM 1019 O O   . HOH B 2 .   ? 18.067  9.943   -7.463  1.00 78.81  ? 281 HOH A O   1 
HETATM 1020 O O   . HOH B 2 .   ? 19.647  10.103  -4.362  1.00 84.90  ? 282 HOH A O   1 
HETATM 1021 O O   . HOH B 2 .   ? 15.248  5.407   -10.432 1.00 64.98  ? 283 HOH A O   1 
# 
loop_
_pdbx_poly_seq_scheme.asym_id 
_pdbx_poly_seq_scheme.entity_id 
_pdbx_poly_seq_scheme.seq_id 
_pdbx_poly_seq_scheme.mon_id 
_pdbx_poly_seq_scheme.ndb_seq_num 
_pdbx_poly_seq_scheme.pdb_seq_num 
_pdbx_poly_seq_scheme.auth_seq_num 
_pdbx_poly_seq_scheme.pdb_mon_id 
_pdbx_poly_seq_scheme.auth_mon_id 
_pdbx_poly_seq_scheme.pdb_strand_id 
_pdbx_poly_seq_scheme.pdb_ins_code 
_pdbx_poly_seq_scheme.hetero 
A 1 1   GLY 1   -1  ?   ?   ?   A . n 
A 1 2   HIS 2   0   ?   ?   ?   A . n 
A 1 3   MET 3   1   ?   ?   ?   A . n 
A 1 4   ILE 4   2   ?   ?   ?   A . n 
A 1 5   LYS 5   3   ?   ?   ?   A . n 
A 1 6   GLY 6   4   ?   ?   ?   A . n 
A 1 7   GLU 7   5   5   GLU GLU A . n 
A 1 8   GLN 8   6   6   GLN GLN A . n 
A 1 9   LYS 9   7   7   LYS LYS A . n 
A 1 10  ARG 10  8   8   ARG ARG A . n 
A 1 11  TYR 11  9   9   TYR TYR A . n 
A 1 12  SER 12  10  10  SER SER A . n 
A 1 13  GLU 13  11  11  GLU GLU A . n 
A 1 14  MET 14  12  12  MET MET A . n 
A 1 15  THR 15  13  13  THR THR A . n 
A 1 16  LYS 16  14  14  LYS LYS A . n 
A 1 17  GLU 17  15  15  GLU GLU A . n 
A 1 18  GLU 18  16  16  GLU GLU A . n 
A 1 19  LEU 19  17  17  LEU LEU A . n 
A 1 20  GLN 20  18  18  GLN GLN A . n 
A 1 21  GLN 21  19  19  GLN GLN A . n 
A 1 22  GLU 22  20  20  GLU GLU A . n 
A 1 23  ILE 23  21  21  ILE ILE A . n 
A 1 24  ALA 24  22  22  ALA ALA A . n 
A 1 25  MET 25  23  23  MET MET A . n 
A 1 26  LEU 26  24  24  LEU LEU A . n 
A 1 27  THR 27  25  25  THR THR A . n 
A 1 28  GLU 28  26  26  GLU GLU A . n 
A 1 29  LYS 29  27  27  LYS LYS A . n 
A 1 30  ALA 30  28  28  ALA ALA A . n 
A 1 31  ARG 31  29  29  ARG ARG A . n 
A 1 32  LYS 32  30  30  LYS LYS A . n 
A 1 33  ALA 33  31  31  ALA ALA A . n 
A 1 34  GLU 34  32  32  GLU GLU A . n 
A 1 35  GLN 35  33  33  GLN GLN A . n 
A 1 36  MET 36  34  34  MET MET A . n 
A 1 37  GLY 37  35  35  GLY GLY A . n 
A 1 38  MET 38  36  36  MET MET A . n 
A 1 39  VAL 39  37  37  VAL VAL A . n 
A 1 40  ASN 40  38  38  ASN ASN A . n 
A 1 41  GLU 41  39  39  GLU GLU A . n 
A 1 42  TYR 42  40  40  TYR TYR A . n 
A 1 43  ALA 43  41  41  ALA ALA A . n 
A 1 44  VAL 44  42  42  VAL VAL A . n 
A 1 45  TYR 45  43  43  TYR TYR A . n 
A 1 46  GLU 46  44  44  GLU GLU A . n 
A 1 47  ARG 47  45  45  ARG ARG A . n 
A 1 48  LYS 48  46  46  LYS LYS A . n 
A 1 49  ILE 49  47  47  ILE ILE A . n 
A 1 50  ALA 50  48  48  ALA ALA A . n 
A 1 51  MET 51  49  49  MET MET A . n 
A 1 52  ALA 52  50  50  ALA ALA A . n 
A 1 53  LYS 53  51  51  LYS LYS A . n 
A 1 54  ALA 54  52  52  ALA ALA A . n 
A 1 55  TYR 55  53  53  TYR TYR A . n 
A 1 56  MET 56  54  54  MET MET A . n 
A 1 57  LEU 57  55  55  LEU LEU A . n 
A 1 58  ASN 58  56  56  ASN ASN A . n 
A 1 59  PRO 59  57  57  PRO PRO A . n 
A 1 60  ALA 60  58  58  ALA ALA A . n 
A 1 61  ASP 61  59  59  ASP ASP A . n 
A 1 62  PHE 62  60  60  PHE PHE A . n 
A 1 63  HIS 63  61  61  HIS HIS A . n 
A 1 64  PRO 64  62  62  PRO PRO A . n 
A 1 65  GLY 65  63  63  GLY GLY A . n 
A 1 66  GLU 66  64  64  GLU GLU A . n 
A 1 67  ILE 67  65  65  ILE ILE A . n 
A 1 68  TYR 68  66  66  TYR TYR A . n 
A 1 69  GLU 69  67  67  GLU GLU A . n 
A 1 70  ILE 70  68  68  ILE ILE A . n 
A 1 71  GLU 71  69  69  GLU GLU A . n 
A 1 72  GLY 72  70  70  GLY GLY A . n 
A 1 73  ALA 73  71  71  ALA ALA A . n 
A 1 74  PRO 74  72  72  PRO PRO A . n 
A 1 75  GLY 75  73  73  GLY GLY A . n 
A 1 76  GLU 76  74  74  GLU GLU A . n 
A 1 77  TYR 77  75  75  TYR TYR A . n 
A 1 78  PHE 78  76  76  PHE PHE A . n 
A 1 79  LYS 79  77  77  LYS LYS A . n 
A 1 80  VAL 80  78  78  VAL VAL A . n 
A 1 81  ARG 81  79  79  ARG ARG A . n 
A 1 82  TYR 82  80  80  TYR TYR A . n 
A 1 83  LEU 83  81  81  LEU LEU A . n 
A 1 84  LYS 84  82  82  LYS LYS A . n 
A 1 85  GLY 85  83  83  GLY GLY A . n 
A 1 86  VAL 86  84  84  VAL VAL A . n 
A 1 87  PHE 87  85  85  PHE PHE A . n 
A 1 88  ALA 88  86  86  ALA ALA A . n 
A 1 89  TRP 89  87  87  TRP TRP A . n 
A 1 90  GLY 90  88  88  GLY GLY A . n 
A 1 91  TRP 91  89  89  TRP TRP A . n 
A 1 92  ARG 92  90  90  ARG ARG A . n 
A 1 93  LEU 93  91  91  LEU LEU A . n 
A 1 94  LYS 94  92  92  LYS LYS A . n 
A 1 95  GLY 95  93  93  GLY GLY A . n 
A 1 96  ASN 96  94  94  ASN ASN A . n 
A 1 97  GLY 97  95  95  GLY GLY A . n 
A 1 98  GLU 98  96  96  GLU GLN A . n 
A 1 99  GLU 99  97  97  GLU GLU A . n 
A 1 100 GLU 100 98  98  GLU GLU A . n 
A 1 101 ALA 101 99  99  ALA ALA A . n 
A 1 102 LEU 102 100 100 LEU LEU A . n 
A 1 103 PRO 103 101 101 PRO PRO A . n 
A 1 104 ILE 104 102 102 ILE ILE A . n 
A 1 105 SER 105 103 103 SER SER A . n 
A 1 106 LEU 106 104 104 LEU LEU A . n 
A 1 107 LEU 107 105 105 LEU LEU A . n 
A 1 108 ARG 108 106 106 ARG ARG A . n 
A 1 109 LYS 109 107 107 LYS LYS A . n 
A 1 110 PRO 110 108 108 PRO PRO A . n 
A 1 111 ASN 111 109 ?   ?   ?   A . n 
A 1 112 LEU 112 110 ?   ?   ?   A . n 
A 1 113 PRO 113 111 ?   ?   ?   A . n 
A 1 114 GLN 114 112 ?   ?   ?   A . n 
A 1 115 SER 115 113 ?   ?   ?   A . n 
# 
_pdbx_SG_project.id                    1 
_pdbx_SG_project.project_name          'NPPSFA, National Project on Protein Structural and Functional Analyses' 
_pdbx_SG_project.full_name_of_center   'RIKEN Structural Genomics/Proteomics Initiative' 
_pdbx_SG_project.initial_of_center     RSGI 
# 
loop_
_pdbx_nonpoly_scheme.asym_id 
_pdbx_nonpoly_scheme.entity_id 
_pdbx_nonpoly_scheme.mon_id 
_pdbx_nonpoly_scheme.ndb_seq_num 
_pdbx_nonpoly_scheme.pdb_seq_num 
_pdbx_nonpoly_scheme.auth_seq_num 
_pdbx_nonpoly_scheme.pdb_mon_id 
_pdbx_nonpoly_scheme.auth_mon_id 
_pdbx_nonpoly_scheme.pdb_strand_id 
_pdbx_nonpoly_scheme.pdb_ins_code 
B 2 HOH 1   114 1   HOH HOH A . 
B 2 HOH 2   115 2   HOH HOH A . 
B 2 HOH 3   116 3   HOH HOH A . 
B 2 HOH 4   117 4   HOH HOH A . 
B 2 HOH 5   118 5   HOH HOH A . 
B 2 HOH 6   119 6   HOH HOH A . 
B 2 HOH 7   120 7   HOH HOH A . 
B 2 HOH 8   121 8   HOH HOH A . 
B 2 HOH 9   122 9   HOH HOH A . 
B 2 HOH 10  123 10  HOH HOH A . 
B 2 HOH 11  124 11  HOH HOH A . 
B 2 HOH 12  125 12  HOH HOH A . 
B 2 HOH 13  126 13  HOH HOH A . 
B 2 HOH 14  127 14  HOH HOH A . 
B 2 HOH 15  128 15  HOH HOH A . 
B 2 HOH 16  129 16  HOH HOH A . 
B 2 HOH 17  130 17  HOH HOH A . 
B 2 HOH 18  131 18  HOH HOH A . 
B 2 HOH 19  132 19  HOH HOH A . 
B 2 HOH 20  133 20  HOH HOH A . 
B 2 HOH 21  134 21  HOH HOH A . 
B 2 HOH 22  135 22  HOH HOH A . 
B 2 HOH 23  136 23  HOH HOH A . 
B 2 HOH 24  137 24  HOH HOH A . 
B 2 HOH 25  138 25  HOH HOH A . 
B 2 HOH 26  139 26  HOH HOH A . 
B 2 HOH 27  140 27  HOH HOH A . 
B 2 HOH 28  141 28  HOH HOH A . 
B 2 HOH 29  142 29  HOH HOH A . 
B 2 HOH 30  143 30  HOH HOH A . 
B 2 HOH 31  144 31  HOH HOH A . 
B 2 HOH 32  145 32  HOH HOH A . 
B 2 HOH 33  146 33  HOH HOH A . 
B 2 HOH 34  147 34  HOH HOH A . 
B 2 HOH 35  148 35  HOH HOH A . 
B 2 HOH 36  149 36  HOH HOH A . 
B 2 HOH 37  150 37  HOH HOH A . 
B 2 HOH 38  151 38  HOH HOH A . 
B 2 HOH 39  152 39  HOH HOH A . 
B 2 HOH 40  153 40  HOH HOH A . 
B 2 HOH 41  154 41  HOH HOH A . 
B 2 HOH 42  155 42  HOH HOH A . 
B 2 HOH 43  156 43  HOH HOH A . 
B 2 HOH 44  157 44  HOH HOH A . 
B 2 HOH 45  158 45  HOH HOH A . 
B 2 HOH 46  159 46  HOH HOH A . 
B 2 HOH 47  160 47  HOH HOH A . 
B 2 HOH 48  161 48  HOH HOH A . 
B 2 HOH 49  162 49  HOH HOH A . 
B 2 HOH 50  163 50  HOH HOH A . 
B 2 HOH 51  164 51  HOH HOH A . 
B 2 HOH 52  165 52  HOH HOH A . 
B 2 HOH 53  166 53  HOH HOH A . 
B 2 HOH 54  167 54  HOH HOH A . 
B 2 HOH 55  168 55  HOH HOH A . 
B 2 HOH 56  169 56  HOH HOH A . 
B 2 HOH 57  170 57  HOH HOH A . 
B 2 HOH 58  171 58  HOH HOH A . 
B 2 HOH 59  172 59  HOH HOH A . 
B 2 HOH 60  173 60  HOH HOH A . 
B 2 HOH 61  174 61  HOH HOH A . 
B 2 HOH 62  175 62  HOH HOH A . 
B 2 HOH 63  176 63  HOH HOH A . 
B 2 HOH 64  177 64  HOH HOH A . 
B 2 HOH 65  178 65  HOH HOH A . 
B 2 HOH 66  179 66  HOH HOH A . 
B 2 HOH 67  180 67  HOH HOH A . 
B 2 HOH 68  181 68  HOH HOH A . 
B 2 HOH 69  182 69  HOH HOH A . 
B 2 HOH 70  183 70  HOH HOH A . 
B 2 HOH 71  184 71  HOH HOH A . 
B 2 HOH 72  185 72  HOH HOH A . 
B 2 HOH 73  186 73  HOH HOH A . 
B 2 HOH 74  187 74  HOH HOH A . 
B 2 HOH 75  188 75  HOH HOH A . 
B 2 HOH 76  189 76  HOH HOH A . 
B 2 HOH 77  190 77  HOH HOH A . 
B 2 HOH 78  191 78  HOH HOH A . 
B 2 HOH 79  192 79  HOH HOH A . 
B 2 HOH 80  193 80  HOH HOH A . 
B 2 HOH 81  194 81  HOH HOH A . 
B 2 HOH 82  195 82  HOH HOH A . 
B 2 HOH 83  196 83  HOH HOH A . 
B 2 HOH 84  197 84  HOH HOH A . 
B 2 HOH 85  198 85  HOH HOH A . 
B 2 HOH 86  199 86  HOH HOH A . 
B 2 HOH 87  200 87  HOH HOH A . 
B 2 HOH 88  201 88  HOH HOH A . 
B 2 HOH 89  202 89  HOH HOH A . 
B 2 HOH 90  203 90  HOH HOH A . 
B 2 HOH 91  204 91  HOH HOH A . 
B 2 HOH 92  205 92  HOH HOH A . 
B 2 HOH 93  206 93  HOH HOH A . 
B 2 HOH 94  207 94  HOH HOH A . 
B 2 HOH 95  208 95  HOH HOH A . 
B 2 HOH 96  209 96  HOH HOH A . 
B 2 HOH 97  210 97  HOH HOH A . 
B 2 HOH 98  211 98  HOH HOH A . 
B 2 HOH 99  212 99  HOH HOH A . 
B 2 HOH 100 213 100 HOH HOH A . 
B 2 HOH 101 214 101 HOH HOH A . 
B 2 HOH 102 215 102 HOH HOH A . 
B 2 HOH 103 216 103 HOH HOH A . 
B 2 HOH 104 217 104 HOH HOH A . 
B 2 HOH 105 218 105 HOH HOH A . 
B 2 HOH 106 219 106 HOH HOH A . 
B 2 HOH 107 220 107 HOH HOH A . 
B 2 HOH 108 221 108 HOH HOH A . 
B 2 HOH 109 222 109 HOH HOH A . 
B 2 HOH 110 223 110 HOH HOH A . 
B 2 HOH 111 224 111 HOH HOH A . 
B 2 HOH 112 225 112 HOH HOH A . 
B 2 HOH 113 226 113 HOH HOH A . 
B 2 HOH 114 227 114 HOH HOH A . 
B 2 HOH 115 228 115 HOH HOH A . 
B 2 HOH 116 229 116 HOH HOH A . 
B 2 HOH 117 230 117 HOH HOH A . 
B 2 HOH 118 231 118 HOH HOH A . 
B 2 HOH 119 232 119 HOH HOH A . 
B 2 HOH 120 233 120 HOH HOH A . 
B 2 HOH 121 234 121 HOH HOH A . 
B 2 HOH 122 235 122 HOH HOH A . 
B 2 HOH 123 236 123 HOH HOH A . 
B 2 HOH 124 237 124 HOH HOH A . 
B 2 HOH 125 238 125 HOH HOH A . 
B 2 HOH 126 239 126 HOH HOH A . 
B 2 HOH 127 240 127 HOH HOH A . 
B 2 HOH 128 241 128 HOH HOH A . 
B 2 HOH 129 242 129 HOH HOH A . 
B 2 HOH 130 243 130 HOH HOH A . 
B 2 HOH 131 244 131 HOH HOH A . 
B 2 HOH 132 245 132 HOH HOH A . 
B 2 HOH 133 246 133 HOH HOH A . 
B 2 HOH 134 247 134 HOH HOH A . 
B 2 HOH 135 248 135 HOH HOH A . 
B 2 HOH 136 249 136 HOH HOH A . 
B 2 HOH 137 250 137 HOH HOH A . 
B 2 HOH 138 251 138 HOH HOH A . 
B 2 HOH 139 252 139 HOH HOH A . 
B 2 HOH 140 253 140 HOH HOH A . 
B 2 HOH 141 254 141 HOH HOH A . 
B 2 HOH 142 255 142 HOH HOH A . 
B 2 HOH 143 256 143 HOH HOH A . 
B 2 HOH 144 257 144 HOH HOH A . 
B 2 HOH 145 258 145 HOH HOH A . 
B 2 HOH 146 259 146 HOH HOH A . 
B 2 HOH 147 260 147 HOH HOH A . 
B 2 HOH 148 261 148 HOH HOH A . 
B 2 HOH 149 262 149 HOH HOH A . 
B 2 HOH 150 263 150 HOH HOH A . 
B 2 HOH 151 264 151 HOH HOH A . 
B 2 HOH 152 265 152 HOH HOH A . 
B 2 HOH 153 266 153 HOH HOH A . 
B 2 HOH 154 267 154 HOH HOH A . 
B 2 HOH 155 268 155 HOH HOH A . 
B 2 HOH 156 269 156 HOH HOH A . 
B 2 HOH 157 270 157 HOH HOH A . 
B 2 HOH 158 271 158 HOH HOH A . 
B 2 HOH 159 272 159 HOH HOH A . 
B 2 HOH 160 273 160 HOH HOH A . 
B 2 HOH 161 274 161 HOH HOH A . 
B 2 HOH 162 275 162 HOH HOH A . 
B 2 HOH 163 276 163 HOH HOH A . 
B 2 HOH 164 277 164 HOH HOH A . 
B 2 HOH 165 278 165 HOH HOH A . 
B 2 HOH 166 279 166 HOH HOH A . 
B 2 HOH 167 280 167 HOH HOH A . 
B 2 HOH 168 281 168 HOH HOH A . 
B 2 HOH 169 282 169 HOH HOH A . 
B 2 HOH 170 283 170 HOH HOH A . 
# 
_pdbx_struct_assembly.id                   1 
_pdbx_struct_assembly.details              author_and_software_defined_assembly 
_pdbx_struct_assembly.method_details       PISA 
_pdbx_struct_assembly.oligomeric_details   monomeric 
_pdbx_struct_assembly.oligomeric_count     1 
# 
_pdbx_struct_assembly_gen.assembly_id       1 
_pdbx_struct_assembly_gen.oper_expression   1 
_pdbx_struct_assembly_gen.asym_id_list      A,B 
# 
_pdbx_struct_oper_list.id                   1 
_pdbx_struct_oper_list.type                 'identity operation' 
_pdbx_struct_oper_list.name                 1_555 
_pdbx_struct_oper_list.symmetry_operation   x,y,z 
_pdbx_struct_oper_list.matrix[1][1]         1.0000000000 
_pdbx_struct_oper_list.matrix[1][2]         0.0000000000 
_pdbx_struct_oper_list.matrix[1][3]         0.0000000000 
_pdbx_struct_oper_list.vector[1]            0.0000000000 
_pdbx_struct_oper_list.matrix[2][1]         0.0000000000 
_pdbx_struct_oper_list.matrix[2][2]         1.0000000000 
_pdbx_struct_oper_list.matrix[2][3]         0.0000000000 
_pdbx_struct_oper_list.vector[2]            0.0000000000 
_pdbx_struct_oper_list.matrix[3][1]         0.0000000000 
_pdbx_struct_oper_list.matrix[3][2]         0.0000000000 
_pdbx_struct_oper_list.matrix[3][3]         1.0000000000 
_pdbx_struct_oper_list.vector[3]            0.0000000000 
# 
loop_
_pdbx_audit_revision_history.ordinal 
_pdbx_audit_revision_history.data_content_type 
_pdbx_audit_revision_history.major_revision 
_pdbx_audit_revision_history.minor_revision 
_pdbx_audit_revision_history.revision_date 
1 'Structure model' 1 0 2007-10-30 
2 'Structure model' 1 1 2011-07-13 
3 'Structure model' 1 2 2013-04-17 
4 'Structure model' 1 3 2023-10-25 
# 
_pdbx_audit_revision_details.ordinal             1 
_pdbx_audit_revision_details.revision_ordinal    1 
_pdbx_audit_revision_details.data_content_type   'Structure model' 
_pdbx_audit_revision_details.provider            repository 
_pdbx_audit_revision_details.type                'Initial release' 
_pdbx_audit_revision_details.description         ? 
_pdbx_audit_revision_details.details             ? 
# 
loop_
_pdbx_audit_revision_group.ordinal 
_pdbx_audit_revision_group.revision_ordinal 
_pdbx_audit_revision_group.data_content_type 
_pdbx_audit_revision_group.group 
1 2 'Structure model' 'Source and taxonomy'       
2 2 'Structure model' 'Version format compliance' 
3 3 'Structure model' 'Database references'       
4 4 'Structure model' 'Data collection'           
5 4 'Structure model' 'Database references'       
6 4 'Structure model' 'Refinement description'    
# 
loop_
_pdbx_audit_revision_category.ordinal 
_pdbx_audit_revision_category.revision_ordinal 
_pdbx_audit_revision_category.data_content_type 
_pdbx_audit_revision_category.category 
1 4 'Structure model' chem_comp_atom                
2 4 'Structure model' chem_comp_bond                
3 4 'Structure model' database_2                    
4 4 'Structure model' pdbx_initial_refinement_model 
5 4 'Structure model' struct_ref_seq_dif            
# 
loop_
_pdbx_audit_revision_item.ordinal 
_pdbx_audit_revision_item.revision_ordinal 
_pdbx_audit_revision_item.data_content_type 
_pdbx_audit_revision_item.item 
1 4 'Structure model' '_database_2.pdbx_DOI'                
2 4 'Structure model' '_database_2.pdbx_database_accession' 
3 4 'Structure model' '_struct_ref_seq_dif.details'         
# 
loop_
_software.name 
_software.classification 
_software.version 
_software.citation_id 
_software.pdbx_ordinal 
CNS       refinement        1.1 ? 1 
MAR345dtb 'data collection' .   ? 2 
HKL-2000  'data reduction'  .   ? 3 
SCALEPACK 'data scaling'    .   ? 4 
MOLREP    phasing           .   ? 5 
# 
_pdbx_validate_rmsd_bond.id                        1 
_pdbx_validate_rmsd_bond.PDB_model_num             1 
_pdbx_validate_rmsd_bond.auth_atom_id_1            CD 
_pdbx_validate_rmsd_bond.auth_asym_id_1            A 
_pdbx_validate_rmsd_bond.auth_comp_id_1            GLU 
_pdbx_validate_rmsd_bond.auth_seq_id_1             96 
_pdbx_validate_rmsd_bond.PDB_ins_code_1            ? 
_pdbx_validate_rmsd_bond.label_alt_id_1            ? 
_pdbx_validate_rmsd_bond.auth_atom_id_2            OE2 
_pdbx_validate_rmsd_bond.auth_asym_id_2            A 
_pdbx_validate_rmsd_bond.auth_comp_id_2            GLU 
_pdbx_validate_rmsd_bond.auth_seq_id_2             96 
_pdbx_validate_rmsd_bond.PDB_ins_code_2            ? 
_pdbx_validate_rmsd_bond.label_alt_id_2            ? 
_pdbx_validate_rmsd_bond.bond_value                1.329 
_pdbx_validate_rmsd_bond.bond_target_value         1.252 
_pdbx_validate_rmsd_bond.bond_deviation            0.077 
_pdbx_validate_rmsd_bond.bond_standard_deviation   0.011 
_pdbx_validate_rmsd_bond.linker_flag               N 
# 
loop_
_pdbx_validate_torsion.id 
_pdbx_validate_torsion.PDB_model_num 
_pdbx_validate_torsion.auth_comp_id 
_pdbx_validate_torsion.auth_asym_id 
_pdbx_validate_torsion.auth_seq_id 
_pdbx_validate_torsion.PDB_ins_code 
_pdbx_validate_torsion.label_alt_id 
_pdbx_validate_torsion.phi 
_pdbx_validate_torsion.psi 
1 1 GLN A 6  ? ? -33.66  116.16 
2 1 ALA A 71 ? ? -155.11 78.23  
3 1 LYS A 92 ? ? -68.38  0.25   
# 
loop_
_pdbx_unobs_or_zero_occ_residues.id 
_pdbx_unobs_or_zero_occ_residues.PDB_model_num 
_pdbx_unobs_or_zero_occ_residues.polymer_flag 
_pdbx_unobs_or_zero_occ_residues.occupancy_flag 
_pdbx_unobs_or_zero_occ_residues.auth_asym_id 
_pdbx_unobs_or_zero_occ_residues.auth_comp_id 
_pdbx_unobs_or_zero_occ_residues.auth_seq_id 
_pdbx_unobs_or_zero_occ_residues.PDB_ins_code 
_pdbx_unobs_or_zero_occ_residues.label_asym_id 
_pdbx_unobs_or_zero_occ_residues.label_comp_id 
_pdbx_unobs_or_zero_occ_residues.label_seq_id 
1  1 Y 1 A GLY -1  ? A GLY 1   
2  1 Y 1 A HIS 0   ? A HIS 2   
3  1 Y 1 A MET 1   ? A MET 3   
4  1 Y 1 A ILE 2   ? A ILE 4   
5  1 Y 1 A LYS 3   ? A LYS 5   
6  1 Y 1 A GLY 4   ? A GLY 6   
7  1 Y 1 A ASN 109 ? A ASN 111 
8  1 Y 1 A LEU 110 ? A LEU 112 
9  1 Y 1 A PRO 111 ? A PRO 113 
10 1 Y 1 A GLN 112 ? A GLN 114 
11 1 Y 1 A SER 113 ? A SER 115 
# 
loop_
_chem_comp_atom.comp_id 
_chem_comp_atom.atom_id 
_chem_comp_atom.type_symbol 
_chem_comp_atom.pdbx_aromatic_flag 
_chem_comp_atom.pdbx_stereo_config 
_chem_comp_atom.pdbx_ordinal 
ALA N    N N N 1   
ALA CA   C N S 2   
ALA C    C N N 3   
ALA O    O N N 4   
ALA CB   C N N 5   
ALA OXT  O N N 6   
ALA H    H N N 7   
ALA H2   H N N 8   
ALA HA   H N N 9   
ALA HB1  H N N 10  
ALA HB2  H N N 11  
ALA HB3  H N N 12  
ALA HXT  H N N 13  
ARG N    N N N 14  
ARG CA   C N S 15  
ARG C    C N N 16  
ARG O    O N N 17  
ARG CB   C N N 18  
ARG CG   C N N 19  
ARG CD   C N N 20  
ARG NE   N N N 21  
ARG CZ   C N N 22  
ARG NH1  N N N 23  
ARG NH2  N N N 24  
ARG OXT  O N N 25  
ARG H    H N N 26  
ARG H2   H N N 27  
ARG HA   H N N 28  
ARG HB2  H N N 29  
ARG HB3  H N N 30  
ARG HG2  H N N 31  
ARG HG3  H N N 32  
ARG HD2  H N N 33  
ARG HD3  H N N 34  
ARG HE   H N N 35  
ARG HH11 H N N 36  
ARG HH12 H N N 37  
ARG HH21 H N N 38  
ARG HH22 H N N 39  
ARG HXT  H N N 40  
ASN N    N N N 41  
ASN CA   C N S 42  
ASN C    C N N 43  
ASN O    O N N 44  
ASN CB   C N N 45  
ASN CG   C N N 46  
ASN OD1  O N N 47  
ASN ND2  N N N 48  
ASN OXT  O N N 49  
ASN H    H N N 50  
ASN H2   H N N 51  
ASN HA   H N N 52  
ASN HB2  H N N 53  
ASN HB3  H N N 54  
ASN HD21 H N N 55  
ASN HD22 H N N 56  
ASN HXT  H N N 57  
ASP N    N N N 58  
ASP CA   C N S 59  
ASP C    C N N 60  
ASP O    O N N 61  
ASP CB   C N N 62  
ASP CG   C N N 63  
ASP OD1  O N N 64  
ASP OD2  O N N 65  
ASP OXT  O N N 66  
ASP H    H N N 67  
ASP H2   H N N 68  
ASP HA   H N N 69  
ASP HB2  H N N 70  
ASP HB3  H N N 71  
ASP HD2  H N N 72  
ASP HXT  H N N 73  
GLN N    N N N 74  
GLN CA   C N S 75  
GLN C    C N N 76  
GLN O    O N N 77  
GLN CB   C N N 78  
GLN CG   C N N 79  
GLN CD   C N N 80  
GLN OE1  O N N 81  
GLN NE2  N N N 82  
GLN OXT  O N N 83  
GLN H    H N N 84  
GLN H2   H N N 85  
GLN HA   H N N 86  
GLN HB2  H N N 87  
GLN HB3  H N N 88  
GLN HG2  H N N 89  
GLN HG3  H N N 90  
GLN HE21 H N N 91  
GLN HE22 H N N 92  
GLN HXT  H N N 93  
GLU N    N N N 94  
GLU CA   C N S 95  
GLU C    C N N 96  
GLU O    O N N 97  
GLU CB   C N N 98  
GLU CG   C N N 99  
GLU CD   C N N 100 
GLU OE1  O N N 101 
GLU OE2  O N N 102 
GLU OXT  O N N 103 
GLU H    H N N 104 
GLU H2   H N N 105 
GLU HA   H N N 106 
GLU HB2  H N N 107 
GLU HB3  H N N 108 
GLU HG2  H N N 109 
GLU HG3  H N N 110 
GLU HE2  H N N 111 
GLU HXT  H N N 112 
GLY N    N N N 113 
GLY CA   C N N 114 
GLY C    C N N 115 
GLY O    O N N 116 
GLY OXT  O N N 117 
GLY H    H N N 118 
GLY H2   H N N 119 
GLY HA2  H N N 120 
GLY HA3  H N N 121 
GLY HXT  H N N 122 
HIS N    N N N 123 
HIS CA   C N S 124 
HIS C    C N N 125 
HIS O    O N N 126 
HIS CB   C N N 127 
HIS CG   C Y N 128 
HIS ND1  N Y N 129 
HIS CD2  C Y N 130 
HIS CE1  C Y N 131 
HIS NE2  N Y N 132 
HIS OXT  O N N 133 
HIS H    H N N 134 
HIS H2   H N N 135 
HIS HA   H N N 136 
HIS HB2  H N N 137 
HIS HB3  H N N 138 
HIS HD1  H N N 139 
HIS HD2  H N N 140 
HIS HE1  H N N 141 
HIS HE2  H N N 142 
HIS HXT  H N N 143 
HOH O    O N N 144 
HOH H1   H N N 145 
HOH H2   H N N 146 
ILE N    N N N 147 
ILE CA   C N S 148 
ILE C    C N N 149 
ILE O    O N N 150 
ILE CB   C N S 151 
ILE CG1  C N N 152 
ILE CG2  C N N 153 
ILE CD1  C N N 154 
ILE OXT  O N N 155 
ILE H    H N N 156 
ILE H2   H N N 157 
ILE HA   H N N 158 
ILE HB   H N N 159 
ILE HG12 H N N 160 
ILE HG13 H N N 161 
ILE HG21 H N N 162 
ILE HG22 H N N 163 
ILE HG23 H N N 164 
ILE HD11 H N N 165 
ILE HD12 H N N 166 
ILE HD13 H N N 167 
ILE HXT  H N N 168 
LEU N    N N N 169 
LEU CA   C N S 170 
LEU C    C N N 171 
LEU O    O N N 172 
LEU CB   C N N 173 
LEU CG   C N N 174 
LEU CD1  C N N 175 
LEU CD2  C N N 176 
LEU OXT  O N N 177 
LEU H    H N N 178 
LEU H2   H N N 179 
LEU HA   H N N 180 
LEU HB2  H N N 181 
LEU HB3  H N N 182 
LEU HG   H N N 183 
LEU HD11 H N N 184 
LEU HD12 H N N 185 
LEU HD13 H N N 186 
LEU HD21 H N N 187 
LEU HD22 H N N 188 
LEU HD23 H N N 189 
LEU HXT  H N N 190 
LYS N    N N N 191 
LYS CA   C N S 192 
LYS C    C N N 193 
LYS O    O N N 194 
LYS CB   C N N 195 
LYS CG   C N N 196 
LYS CD   C N N 197 
LYS CE   C N N 198 
LYS NZ   N N N 199 
LYS OXT  O N N 200 
LYS H    H N N 201 
LYS H2   H N N 202 
LYS HA   H N N 203 
LYS HB2  H N N 204 
LYS HB3  H N N 205 
LYS HG2  H N N 206 
LYS HG3  H N N 207 
LYS HD2  H N N 208 
LYS HD3  H N N 209 
LYS HE2  H N N 210 
LYS HE3  H N N 211 
LYS HZ1  H N N 212 
LYS HZ2  H N N 213 
LYS HZ3  H N N 214 
LYS HXT  H N N 215 
MET N    N N N 216 
MET CA   C N S 217 
MET C    C N N 218 
MET O    O N N 219 
MET CB   C N N 220 
MET CG   C N N 221 
MET SD   S N N 222 
MET CE   C N N 223 
MET OXT  O N N 224 
MET H    H N N 225 
MET H2   H N N 226 
MET HA   H N N 227 
MET HB2  H N N 228 
MET HB3  H N N 229 
MET HG2  H N N 230 
MET HG3  H N N 231 
MET HE1  H N N 232 
MET HE2  H N N 233 
MET HE3  H N N 234 
MET HXT  H N N 235 
PHE N    N N N 236 
PHE CA   C N S 237 
PHE C    C N N 238 
PHE O    O N N 239 
PHE CB   C N N 240 
PHE CG   C Y N 241 
PHE CD1  C Y N 242 
PHE CD2  C Y N 243 
PHE CE1  C Y N 244 
PHE CE2  C Y N 245 
PHE CZ   C Y N 246 
PHE OXT  O N N 247 
PHE H    H N N 248 
PHE H2   H N N 249 
PHE HA   H N N 250 
PHE HB2  H N N 251 
PHE HB3  H N N 252 
PHE HD1  H N N 253 
PHE HD2  H N N 254 
PHE HE1  H N N 255 
PHE HE2  H N N 256 
PHE HZ   H N N 257 
PHE HXT  H N N 258 
PRO N    N N N 259 
PRO CA   C N S 260 
PRO C    C N N 261 
PRO O    O N N 262 
PRO CB   C N N 263 
PRO CG   C N N 264 
PRO CD   C N N 265 
PRO OXT  O N N 266 
PRO H    H N N 267 
PRO HA   H N N 268 
PRO HB2  H N N 269 
PRO HB3  H N N 270 
PRO HG2  H N N 271 
PRO HG3  H N N 272 
PRO HD2  H N N 273 
PRO HD3  H N N 274 
PRO HXT  H N N 275 
SER N    N N N 276 
SER CA   C N S 277 
SER C    C N N 278 
SER O    O N N 279 
SER CB   C N N 280 
SER OG   O N N 281 
SER OXT  O N N 282 
SER H    H N N 283 
SER H2   H N N 284 
SER HA   H N N 285 
SER HB2  H N N 286 
SER HB3  H N N 287 
SER HG   H N N 288 
SER HXT  H N N 289 
THR N    N N N 290 
THR CA   C N S 291 
THR C    C N N 292 
THR O    O N N 293 
THR CB   C N R 294 
THR OG1  O N N 295 
THR CG2  C N N 296 
THR OXT  O N N 297 
THR H    H N N 298 
THR H2   H N N 299 
THR HA   H N N 300 
THR HB   H N N 301 
THR HG1  H N N 302 
THR HG21 H N N 303 
THR HG22 H N N 304 
THR HG23 H N N 305 
THR HXT  H N N 306 
TRP N    N N N 307 
TRP CA   C N S 308 
TRP C    C N N 309 
TRP O    O N N 310 
TRP CB   C N N 311 
TRP CG   C Y N 312 
TRP CD1  C Y N 313 
TRP CD2  C Y N 314 
TRP NE1  N Y N 315 
TRP CE2  C Y N 316 
TRP CE3  C Y N 317 
TRP CZ2  C Y N 318 
TRP CZ3  C Y N 319 
TRP CH2  C Y N 320 
TRP OXT  O N N 321 
TRP H    H N N 322 
TRP H2   H N N 323 
TRP HA   H N N 324 
TRP HB2  H N N 325 
TRP HB3  H N N 326 
TRP HD1  H N N 327 
TRP HE1  H N N 328 
TRP HE3  H N N 329 
TRP HZ2  H N N 330 
TRP HZ3  H N N 331 
TRP HH2  H N N 332 
TRP HXT  H N N 333 
TYR N    N N N 334 
TYR CA   C N S 335 
TYR C    C N N 336 
TYR O    O N N 337 
TYR CB   C N N 338 
TYR CG   C Y N 339 
TYR CD1  C Y N 340 
TYR CD2  C Y N 341 
TYR CE1  C Y N 342 
TYR CE2  C Y N 343 
TYR CZ   C Y N 344 
TYR OH   O N N 345 
TYR OXT  O N N 346 
TYR H    H N N 347 
TYR H2   H N N 348 
TYR HA   H N N 349 
TYR HB2  H N N 350 
TYR HB3  H N N 351 
TYR HD1  H N N 352 
TYR HD2  H N N 353 
TYR HE1  H N N 354 
TYR HE2  H N N 355 
TYR HH   H N N 356 
TYR HXT  H N N 357 
VAL N    N N N 358 
VAL CA   C N S 359 
VAL C    C N N 360 
VAL O    O N N 361 
VAL CB   C N N 362 
VAL CG1  C N N 363 
VAL CG2  C N N 364 
VAL OXT  O N N 365 
VAL H    H N N 366 
VAL H2   H N N 367 
VAL HA   H N N 368 
VAL HB   H N N 369 
VAL HG11 H N N 370 
VAL HG12 H N N 371 
VAL HG13 H N N 372 
VAL HG21 H N N 373 
VAL HG22 H N N 374 
VAL HG23 H N N 375 
VAL HXT  H N N 376 
# 
loop_
_chem_comp_bond.comp_id 
_chem_comp_bond.atom_id_1 
_chem_comp_bond.atom_id_2 
_chem_comp_bond.value_order 
_chem_comp_bond.pdbx_aromatic_flag 
_chem_comp_bond.pdbx_stereo_config 
_chem_comp_bond.pdbx_ordinal 
ALA N   CA   sing N N 1   
ALA N   H    sing N N 2   
ALA N   H2   sing N N 3   
ALA CA  C    sing N N 4   
ALA CA  CB   sing N N 5   
ALA CA  HA   sing N N 6   
ALA C   O    doub N N 7   
ALA C   OXT  sing N N 8   
ALA CB  HB1  sing N N 9   
ALA CB  HB2  sing N N 10  
ALA CB  HB3  sing N N 11  
ALA OXT HXT  sing N N 12  
ARG N   CA   sing N N 13  
ARG N   H    sing N N 14  
ARG N   H2   sing N N 15  
ARG CA  C    sing N N 16  
ARG CA  CB   sing N N 17  
ARG CA  HA   sing N N 18  
ARG C   O    doub N N 19  
ARG C   OXT  sing N N 20  
ARG CB  CG   sing N N 21  
ARG CB  HB2  sing N N 22  
ARG CB  HB3  sing N N 23  
ARG CG  CD   sing N N 24  
ARG CG  HG2  sing N N 25  
ARG CG  HG3  sing N N 26  
ARG CD  NE   sing N N 27  
ARG CD  HD2  sing N N 28  
ARG CD  HD3  sing N N 29  
ARG NE  CZ   sing N N 30  
ARG NE  HE   sing N N 31  
ARG CZ  NH1  sing N N 32  
ARG CZ  NH2  doub N N 33  
ARG NH1 HH11 sing N N 34  
ARG NH1 HH12 sing N N 35  
ARG NH2 HH21 sing N N 36  
ARG NH2 HH22 sing N N 37  
ARG OXT HXT  sing N N 38  
ASN N   CA   sing N N 39  
ASN N   H    sing N N 40  
ASN N   H2   sing N N 41  
ASN CA  C    sing N N 42  
ASN CA  CB   sing N N 43  
ASN CA  HA   sing N N 44  
ASN C   O    doub N N 45  
ASN C   OXT  sing N N 46  
ASN CB  CG   sing N N 47  
ASN CB  HB2  sing N N 48  
ASN CB  HB3  sing N N 49  
ASN CG  OD1  doub N N 50  
ASN CG  ND2  sing N N 51  
ASN ND2 HD21 sing N N 52  
ASN ND2 HD22 sing N N 53  
ASN OXT HXT  sing N N 54  
ASP N   CA   sing N N 55  
ASP N   H    sing N N 56  
ASP N   H2   sing N N 57  
ASP CA  C    sing N N 58  
ASP CA  CB   sing N N 59  
ASP CA  HA   sing N N 60  
ASP C   O    doub N N 61  
ASP C   OXT  sing N N 62  
ASP CB  CG   sing N N 63  
ASP CB  HB2  sing N N 64  
ASP CB  HB3  sing N N 65  
ASP CG  OD1  doub N N 66  
ASP CG  OD2  sing N N 67  
ASP OD2 HD2  sing N N 68  
ASP OXT HXT  sing N N 69  
GLN N   CA   sing N N 70  
GLN N   H    sing N N 71  
GLN N   H2   sing N N 72  
GLN CA  C    sing N N 73  
GLN CA  CB   sing N N 74  
GLN CA  HA   sing N N 75  
GLN C   O    doub N N 76  
GLN C   OXT  sing N N 77  
GLN CB  CG   sing N N 78  
GLN CB  HB2  sing N N 79  
GLN CB  HB3  sing N N 80  
GLN CG  CD   sing N N 81  
GLN CG  HG2  sing N N 82  
GLN CG  HG3  sing N N 83  
GLN CD  OE1  doub N N 84  
GLN CD  NE2  sing N N 85  
GLN NE2 HE21 sing N N 86  
GLN NE2 HE22 sing N N 87  
GLN OXT HXT  sing N N 88  
GLU N   CA   sing N N 89  
GLU N   H    sing N N 90  
GLU N   H2   sing N N 91  
GLU CA  C    sing N N 92  
GLU CA  CB   sing N N 93  
GLU CA  HA   sing N N 94  
GLU C   O    doub N N 95  
GLU C   OXT  sing N N 96  
GLU CB  CG   sing N N 97  
GLU CB  HB2  sing N N 98  
GLU CB  HB3  sing N N 99  
GLU CG  CD   sing N N 100 
GLU CG  HG2  sing N N 101 
GLU CG  HG3  sing N N 102 
GLU CD  OE1  doub N N 103 
GLU CD  OE2  sing N N 104 
GLU OE2 HE2  sing N N 105 
GLU OXT HXT  sing N N 106 
GLY N   CA   sing N N 107 
GLY N   H    sing N N 108 
GLY N   H2   sing N N 109 
GLY CA  C    sing N N 110 
GLY CA  HA2  sing N N 111 
GLY CA  HA3  sing N N 112 
GLY C   O    doub N N 113 
GLY C   OXT  sing N N 114 
GLY OXT HXT  sing N N 115 
HIS N   CA   sing N N 116 
HIS N   H    sing N N 117 
HIS N   H2   sing N N 118 
HIS CA  C    sing N N 119 
HIS CA  CB   sing N N 120 
HIS CA  HA   sing N N 121 
HIS C   O    doub N N 122 
HIS C   OXT  sing N N 123 
HIS CB  CG   sing N N 124 
HIS CB  HB2  sing N N 125 
HIS CB  HB3  sing N N 126 
HIS CG  ND1  sing Y N 127 
HIS CG  CD2  doub Y N 128 
HIS ND1 CE1  doub Y N 129 
HIS ND1 HD1  sing N N 130 
HIS CD2 NE2  sing Y N 131 
HIS CD2 HD2  sing N N 132 
HIS CE1 NE2  sing Y N 133 
HIS CE1 HE1  sing N N 134 
HIS NE2 HE2  sing N N 135 
HIS OXT HXT  sing N N 136 
HOH O   H1   sing N N 137 
HOH O   H2   sing N N 138 
ILE N   CA   sing N N 139 
ILE N   H    sing N N 140 
ILE N   H2   sing N N 141 
ILE CA  C    sing N N 142 
ILE CA  CB   sing N N 143 
ILE CA  HA   sing N N 144 
ILE C   O    doub N N 145 
ILE C   OXT  sing N N 146 
ILE CB  CG1  sing N N 147 
ILE CB  CG2  sing N N 148 
ILE CB  HB   sing N N 149 
ILE CG1 CD1  sing N N 150 
ILE CG1 HG12 sing N N 151 
ILE CG1 HG13 sing N N 152 
ILE CG2 HG21 sing N N 153 
ILE CG2 HG22 sing N N 154 
ILE CG2 HG23 sing N N 155 
ILE CD1 HD11 sing N N 156 
ILE CD1 HD12 sing N N 157 
ILE CD1 HD13 sing N N 158 
ILE OXT HXT  sing N N 159 
LEU N   CA   sing N N 160 
LEU N   H    sing N N 161 
LEU N   H2   sing N N 162 
LEU CA  C    sing N N 163 
LEU CA  CB   sing N N 164 
LEU CA  HA   sing N N 165 
LEU C   O    doub N N 166 
LEU C   OXT  sing N N 167 
LEU CB  CG   sing N N 168 
LEU CB  HB2  sing N N 169 
LEU CB  HB3  sing N N 170 
LEU CG  CD1  sing N N 171 
LEU CG  CD2  sing N N 172 
LEU CG  HG   sing N N 173 
LEU CD1 HD11 sing N N 174 
LEU CD1 HD12 sing N N 175 
LEU CD1 HD13 sing N N 176 
LEU CD2 HD21 sing N N 177 
LEU CD2 HD22 sing N N 178 
LEU CD2 HD23 sing N N 179 
LEU OXT HXT  sing N N 180 
LYS N   CA   sing N N 181 
LYS N   H    sing N N 182 
LYS N   H2   sing N N 183 
LYS CA  C    sing N N 184 
LYS CA  CB   sing N N 185 
LYS CA  HA   sing N N 186 
LYS C   O    doub N N 187 
LYS C   OXT  sing N N 188 
LYS CB  CG   sing N N 189 
LYS CB  HB2  sing N N 190 
LYS CB  HB3  sing N N 191 
LYS CG  CD   sing N N 192 
LYS CG  HG2  sing N N 193 
LYS CG  HG3  sing N N 194 
LYS CD  CE   sing N N 195 
LYS CD  HD2  sing N N 196 
LYS CD  HD3  sing N N 197 
LYS CE  NZ   sing N N 198 
LYS CE  HE2  sing N N 199 
LYS CE  HE3  sing N N 200 
LYS NZ  HZ1  sing N N 201 
LYS NZ  HZ2  sing N N 202 
LYS NZ  HZ3  sing N N 203 
LYS OXT HXT  sing N N 204 
MET N   CA   sing N N 205 
MET N   H    sing N N 206 
MET N   H2   sing N N 207 
MET CA  C    sing N N 208 
MET CA  CB   sing N N 209 
MET CA  HA   sing N N 210 
MET C   O    doub N N 211 
MET C   OXT  sing N N 212 
MET CB  CG   sing N N 213 
MET CB  HB2  sing N N 214 
MET CB  HB3  sing N N 215 
MET CG  SD   sing N N 216 
MET CG  HG2  sing N N 217 
MET CG  HG3  sing N N 218 
MET SD  CE   sing N N 219 
MET CE  HE1  sing N N 220 
MET CE  HE2  sing N N 221 
MET CE  HE3  sing N N 222 
MET OXT HXT  sing N N 223 
PHE N   CA   sing N N 224 
PHE N   H    sing N N 225 
PHE N   H2   sing N N 226 
PHE CA  C    sing N N 227 
PHE CA  CB   sing N N 228 
PHE CA  HA   sing N N 229 
PHE C   O    doub N N 230 
PHE C   OXT  sing N N 231 
PHE CB  CG   sing N N 232 
PHE CB  HB2  sing N N 233 
PHE CB  HB3  sing N N 234 
PHE CG  CD1  doub Y N 235 
PHE CG  CD2  sing Y N 236 
PHE CD1 CE1  sing Y N 237 
PHE CD1 HD1  sing N N 238 
PHE CD2 CE2  doub Y N 239 
PHE CD2 HD2  sing N N 240 
PHE CE1 CZ   doub Y N 241 
PHE CE1 HE1  sing N N 242 
PHE CE2 CZ   sing Y N 243 
PHE CE2 HE2  sing N N 244 
PHE CZ  HZ   sing N N 245 
PHE OXT HXT  sing N N 246 
PRO N   CA   sing N N 247 
PRO N   CD   sing N N 248 
PRO N   H    sing N N 249 
PRO CA  C    sing N N 250 
PRO CA  CB   sing N N 251 
PRO CA  HA   sing N N 252 
PRO C   O    doub N N 253 
PRO C   OXT  sing N N 254 
PRO CB  CG   sing N N 255 
PRO CB  HB2  sing N N 256 
PRO CB  HB3  sing N N 257 
PRO CG  CD   sing N N 258 
PRO CG  HG2  sing N N 259 
PRO CG  HG3  sing N N 260 
PRO CD  HD2  sing N N 261 
PRO CD  HD3  sing N N 262 
PRO OXT HXT  sing N N 263 
SER N   CA   sing N N 264 
SER N   H    sing N N 265 
SER N   H2   sing N N 266 
SER CA  C    sing N N 267 
SER CA  CB   sing N N 268 
SER CA  HA   sing N N 269 
SER C   O    doub N N 270 
SER C   OXT  sing N N 271 
SER CB  OG   sing N N 272 
SER CB  HB2  sing N N 273 
SER CB  HB3  sing N N 274 
SER OG  HG   sing N N 275 
SER OXT HXT  sing N N 276 
THR N   CA   sing N N 277 
THR N   H    sing N N 278 
THR N   H2   sing N N 279 
THR CA  C    sing N N 280 
THR CA  CB   sing N N 281 
THR CA  HA   sing N N 282 
THR C   O    doub N N 283 
THR C   OXT  sing N N 284 
THR CB  OG1  sing N N 285 
THR CB  CG2  sing N N 286 
THR CB  HB   sing N N 287 
THR OG1 HG1  sing N N 288 
THR CG2 HG21 sing N N 289 
THR CG2 HG22 sing N N 290 
THR CG2 HG23 sing N N 291 
THR OXT HXT  sing N N 292 
TRP N   CA   sing N N 293 
TRP N   H    sing N N 294 
TRP N   H2   sing N N 295 
TRP CA  C    sing N N 296 
TRP CA  CB   sing N N 297 
TRP CA  HA   sing N N 298 
TRP C   O    doub N N 299 
TRP C   OXT  sing N N 300 
TRP CB  CG   sing N N 301 
TRP CB  HB2  sing N N 302 
TRP CB  HB3  sing N N 303 
TRP CG  CD1  doub Y N 304 
TRP CG  CD2  sing Y N 305 
TRP CD1 NE1  sing Y N 306 
TRP CD1 HD1  sing N N 307 
TRP CD2 CE2  doub Y N 308 
TRP CD2 CE3  sing Y N 309 
TRP NE1 CE2  sing Y N 310 
TRP NE1 HE1  sing N N 311 
TRP CE2 CZ2  sing Y N 312 
TRP CE3 CZ3  doub Y N 313 
TRP CE3 HE3  sing N N 314 
TRP CZ2 CH2  doub Y N 315 
TRP CZ2 HZ2  sing N N 316 
TRP CZ3 CH2  sing Y N 317 
TRP CZ3 HZ3  sing N N 318 
TRP CH2 HH2  sing N N 319 
TRP OXT HXT  sing N N 320 
TYR N   CA   sing N N 321 
TYR N   H    sing N N 322 
TYR N   H2   sing N N 323 
TYR CA  C    sing N N 324 
TYR CA  CB   sing N N 325 
TYR CA  HA   sing N N 326 
TYR C   O    doub N N 327 
TYR C   OXT  sing N N 328 
TYR CB  CG   sing N N 329 
TYR CB  HB2  sing N N 330 
TYR CB  HB3  sing N N 331 
TYR CG  CD1  doub Y N 332 
TYR CG  CD2  sing Y N 333 
TYR CD1 CE1  sing Y N 334 
TYR CD1 HD1  sing N N 335 
TYR CD2 CE2  doub Y N 336 
TYR CD2 HD2  sing N N 337 
TYR CE1 CZ   doub Y N 338 
TYR CE1 HE1  sing N N 339 
TYR CE2 CZ   sing Y N 340 
TYR CE2 HE2  sing N N 341 
TYR CZ  OH   sing N N 342 
TYR OH  HH   sing N N 343 
TYR OXT HXT  sing N N 344 
VAL N   CA   sing N N 345 
VAL N   H    sing N N 346 
VAL N   H2   sing N N 347 
VAL CA  C    sing N N 348 
VAL CA  CB   sing N N 349 
VAL CA  HA   sing N N 350 
VAL C   O    doub N N 351 
VAL C   OXT  sing N N 352 
VAL CB  CG1  sing N N 353 
VAL CB  CG2  sing N N 354 
VAL CB  HB   sing N N 355 
VAL CG1 HG11 sing N N 356 
VAL CG1 HG12 sing N N 357 
VAL CG1 HG13 sing N N 358 
VAL CG2 HG21 sing N N 359 
VAL CG2 HG22 sing N N 360 
VAL CG2 HG23 sing N N 361 
VAL OXT HXT  sing N N 362 
# 
_pdbx_entity_nonpoly.entity_id   2 
_pdbx_entity_nonpoly.name        water 
_pdbx_entity_nonpoly.comp_id     HOH 
# 
_pdbx_initial_refinement_model.id               1 
_pdbx_initial_refinement_model.entity_id_list   ? 
_pdbx_initial_refinement_model.type             'experimental model' 
_pdbx_initial_refinement_model.source_name      PDB 
_pdbx_initial_refinement_model.accession_code   1SF9 
_pdbx_initial_refinement_model.details          ? 
# 
